data_1ZNN
#
_entry.id   1ZNN
#
_cell.length_a   162.531
_cell.length_b   163.917
_cell.length_c   186.804
_cell.angle_alpha   90.00
_cell.angle_beta   90.00
_cell.angle_gamma   90.00
#
_symmetry.space_group_name_H-M   'C 2 2 2'
#
loop_
_entity.id
_entity.type
_entity.pdbx_description
1 polymer 'PLP SYNTHASE'
2 non-polymer 'SULFATE ION'
3 non-polymer (4R)-2-METHYLPENTANE-2,4-DIOL
4 water water
#
_entity_poly.entity_id   1
_entity_poly.type   'polypeptide(L)'
_entity_poly.pdbx_seq_one_letter_code
;MGSSHHHHHHSSGLVPRGSGTENLTPQHMASMALTGTDRVKRGMAEMQKGGVIMDVVNAEQAKIAEAAGAVAVMALERVP
ADIRAAGGVARMADPTVIEEVMNAVSIPVMAKVRIGHYVEARVLEALGVDYIDESEVLTPADEEFHIDKRQFTVPFVCGC
RDLGEAARRIAEGASMLRTKGEPGTGNIVEAVRHMRKVNAQIRKVVNMSEDELVAEAKQLGAPVEVLREIKRLGRLPVVN
FAAGGVTTPADAALMMHLGADGVFVGSGIFKSENPEKYARAIVEATTHYEDYELIAHLSKGLGGAMRGIDIATLLPEHRM
QERGW
;
_entity_poly.pdbx_strand_id   A,B,C,D,E,F
#
loop_
_chem_comp.id
_chem_comp.type
_chem_comp.name
_chem_comp.formula
MRD non-polymer (4R)-2-METHYLPENTANE-2,4-DIOL 'C6 H14 O2'
SO4 non-polymer 'SULFATE ION' 'O4 S -2'
#
# COMPACT_ATOMS: atom_id res chain seq x y z
N LYS A 49 -21.69 41.89 -18.70
CA LYS A 49 -22.07 40.45 -18.63
C LYS A 49 -21.54 39.61 -19.76
N GLY A 50 -20.89 38.52 -19.37
CA GLY A 50 -20.00 37.83 -20.22
C GLY A 50 -18.64 38.51 -20.24
N GLY A 51 -18.18 39.12 -19.14
CA GLY A 51 -16.80 39.59 -19.09
C GLY A 51 -15.78 38.47 -18.86
N VAL A 52 -14.53 38.69 -19.26
CA VAL A 52 -13.47 37.71 -19.06
C VAL A 52 -12.36 38.40 -18.25
N ILE A 53 -11.96 37.78 -17.15
CA ILE A 53 -10.82 38.29 -16.35
C ILE A 53 -9.62 37.36 -16.58
N MET A 54 -8.43 37.92 -16.78
CA MET A 54 -7.29 37.08 -17.15
C MET A 54 -6.19 37.15 -16.12
N ASP A 55 -5.58 36.01 -15.82
CA ASP A 55 -4.39 35.96 -14.98
C ASP A 55 -3.23 36.49 -15.79
N VAL A 56 -2.44 37.40 -15.21
CA VAL A 56 -1.26 37.97 -15.87
C VAL A 56 -0.13 38.06 -14.86
N VAL A 57 1.11 37.88 -15.31
CA VAL A 57 2.28 37.88 -14.40
C VAL A 57 3.21 39.05 -14.63
N ASN A 58 3.00 39.82 -15.70
CA ASN A 58 3.83 41.01 -15.95
C ASN A 58 3.05 42.03 -16.78
N ALA A 59 3.70 43.17 -17.00
CA ALA A 59 3.12 44.27 -17.76
C ALA A 59 2.75 43.87 -19.20
N GLU A 60 3.59 43.07 -19.85
CA GLU A 60 3.33 42.66 -21.23
C GLU A 60 2.04 41.85 -21.37
N GLN A 61 1.82 40.93 -20.42
CA GLN A 61 0.66 40.11 -20.46
C GLN A 61 -0.55 40.97 -20.09
N ALA A 62 -0.36 41.85 -19.13
CA ALA A 62 -1.44 42.75 -18.73
C ALA A 62 -1.97 43.57 -19.92
N LYS A 63 -1.07 44.14 -20.73
CA LYS A 63 -1.43 44.92 -21.90
C LYS A 63 -2.12 44.09 -22.94
N ILE A 64 -1.64 42.87 -23.16
CA ILE A 64 -2.30 41.97 -24.08
C ILE A 64 -3.72 41.67 -23.64
N ALA A 65 -3.92 41.44 -22.35
CA ALA A 65 -5.25 41.10 -21.86
C ALA A 65 -6.18 42.29 -22.09
N GLU A 66 -5.73 43.48 -21.73
CA GLU A 66 -6.51 44.68 -21.98
C GLU A 66 -6.86 44.86 -23.47
N ALA A 67 -5.85 44.77 -24.35
CA ALA A 67 -6.08 44.96 -25.79
C ALA A 67 -7.02 43.90 -26.37
N ALA A 68 -7.12 42.74 -25.70
CA ALA A 68 -7.98 41.68 -26.15
C ALA A 68 -9.41 41.87 -25.67
N GLY A 69 -9.64 42.81 -24.76
CA GLY A 69 -10.98 43.06 -24.26
C GLY A 69 -11.31 42.46 -22.91
N ALA A 70 -10.30 42.09 -22.10
CA ALA A 70 -10.59 41.56 -20.76
C ALA A 70 -11.25 42.70 -20.00
N VAL A 71 -12.18 42.41 -19.08
CA VAL A 71 -12.75 43.48 -18.21
C VAL A 71 -11.87 43.80 -16.99
N ALA A 72 -10.98 42.88 -16.61
CA ALA A 72 -10.05 43.12 -15.49
C ALA A 72 -8.90 42.12 -15.67
N VAL A 73 -7.80 42.35 -14.92
CA VAL A 73 -6.73 41.35 -14.83
C VAL A 73 -6.48 40.88 -13.41
N MET A 74 -6.03 39.64 -13.28
CA MET A 74 -5.63 39.10 -12.00
C MET A 74 -4.08 39.08 -11.99
N ALA A 75 -3.45 39.94 -11.20
CA ALA A 75 -2.00 39.96 -11.11
C ALA A 75 -1.54 38.81 -10.22
N LEU A 76 -0.60 38.02 -10.72
CA LEU A 76 -0.11 36.84 -9.99
C LEU A 76 1.37 36.92 -9.86
N GLU A 77 1.94 36.26 -8.86
CA GLU A 77 3.39 36.15 -8.81
C GLU A 77 3.95 34.79 -9.31
N GLY A 87 7.62 21.89 -0.21
CA GLY A 87 6.24 22.27 0.07
C GLY A 87 5.78 23.50 -0.69
N GLY A 88 6.49 24.62 -0.47
CA GLY A 88 6.21 25.89 -1.15
C GLY A 88 4.95 26.55 -0.59
N VAL A 89 5.10 27.51 0.31
CA VAL A 89 3.93 28.22 0.82
C VAL A 89 3.66 29.29 -0.21
N ALA A 90 2.43 29.34 -0.71
CA ALA A 90 2.03 30.36 -1.66
C ALA A 90 1.36 31.51 -0.90
N ARG A 91 2.05 32.66 -0.88
CA ARG A 91 1.60 33.86 -0.15
C ARG A 91 1.11 34.94 -1.13
N MET A 92 0.72 36.09 -0.59
CA MET A 92 0.44 37.27 -1.39
C MET A 92 1.68 37.64 -2.25
N ALA A 93 1.44 38.13 -3.45
CA ALA A 93 2.50 38.55 -4.39
C ALA A 93 3.29 39.74 -3.86
N ASP A 94 4.57 39.78 -4.20
CA ASP A 94 5.43 40.96 -4.00
C ASP A 94 4.77 42.23 -4.57
N PRO A 95 4.69 43.30 -3.76
CA PRO A 95 4.07 44.57 -4.18
C PRO A 95 4.61 45.10 -5.53
N THR A 96 5.87 44.80 -5.81
CA THR A 96 6.48 45.12 -7.09
C THR A 96 5.71 44.55 -8.26
N VAL A 97 5.31 43.29 -8.14
CA VAL A 97 4.57 42.61 -9.19
C VAL A 97 3.21 43.30 -9.40
N ILE A 98 2.53 43.61 -8.30
CA ILE A 98 1.26 44.29 -8.33
C ILE A 98 1.33 45.69 -8.93
N GLU A 99 2.35 46.47 -8.55
CA GLU A 99 2.48 47.82 -9.04
C GLU A 99 2.75 47.83 -10.53
N GLU A 100 3.58 46.90 -10.97
CA GLU A 100 3.90 46.77 -12.39
C GLU A 100 2.66 46.49 -13.25
N VAL A 101 1.78 45.62 -12.77
CA VAL A 101 0.53 45.33 -13.47
C VAL A 101 -0.38 46.56 -13.43
N MET A 102 -0.51 47.17 -12.25
CA MET A 102 -1.35 48.38 -12.09
C MET A 102 -0.94 49.51 -13.04
N ASN A 103 0.36 49.68 -13.24
CA ASN A 103 0.84 50.72 -14.13
C ASN A 103 0.65 50.40 -15.59
N ALA A 104 0.42 49.14 -15.93
CA ALA A 104 0.46 48.73 -17.32
C ALA A 104 -0.87 48.96 -18.00
N VAL A 105 -1.94 48.96 -17.23
CA VAL A 105 -3.28 48.93 -17.79
C VAL A 105 -4.22 49.92 -17.12
N SER A 106 -5.36 50.18 -17.78
CA SER A 106 -6.38 51.09 -17.25
C SER A 106 -7.57 50.34 -16.69
N ILE A 107 -7.71 49.05 -17.03
CA ILE A 107 -8.75 48.23 -16.46
C ILE A 107 -8.44 47.80 -15.01
N PRO A 108 -9.47 47.42 -14.24
CA PRO A 108 -9.31 47.03 -12.83
C PRO A 108 -8.28 45.89 -12.67
N VAL A 109 -7.50 45.98 -11.59
CA VAL A 109 -6.49 45.00 -11.26
C VAL A 109 -6.86 44.28 -9.94
N MET A 110 -6.85 42.97 -9.98
CA MET A 110 -7.11 42.14 -8.81
C MET A 110 -5.82 41.44 -8.37
N ALA A 111 -5.79 40.99 -7.12
CA ALA A 111 -4.67 40.20 -6.60
C ALA A 111 -5.16 39.26 -5.48
N LYS A 112 -4.34 38.28 -5.12
CA LYS A 112 -4.78 37.21 -4.20
C LYS A 112 -4.19 37.38 -2.82
N VAL A 113 -4.94 36.95 -1.81
CA VAL A 113 -4.38 36.76 -0.47
C VAL A 113 -4.74 35.37 -0.01
N ARG A 114 -3.97 34.86 0.96
CA ARG A 114 -4.30 33.60 1.61
C ARG A 114 -5.61 33.71 2.40
N ILE A 115 -6.39 32.64 2.41
CA ILE A 115 -7.63 32.62 3.21
C ILE A 115 -7.37 32.97 4.70
N GLY A 116 -8.16 33.91 5.23
CA GLY A 116 -8.05 34.29 6.62
C GLY A 116 -6.95 35.31 6.89
N HIS A 117 -6.13 35.64 5.89
CA HIS A 117 -4.96 36.50 6.19
C HIS A 117 -5.36 37.98 6.11
N TYR A 118 -5.92 38.47 7.21
CA TYR A 118 -6.46 39.80 7.32
C TYR A 118 -5.42 40.87 6.96
N VAL A 119 -4.17 40.69 7.39
CA VAL A 119 -3.16 41.72 7.15
C VAL A 119 -2.64 41.77 5.68
N GLU A 120 -2.44 40.63 5.05
CA GLU A 120 -2.16 40.62 3.60
C GLU A 120 -3.22 41.44 2.82
N ALA A 121 -4.50 41.26 3.18
CA ALA A 121 -5.59 41.96 2.49
C ALA A 121 -5.50 43.46 2.74
N ARG A 122 -5.20 43.90 3.98
CA ARG A 122 -5.03 45.33 4.23
C ARG A 122 -3.81 45.90 3.49
N VAL A 123 -2.80 45.06 3.27
CA VAL A 123 -1.63 45.49 2.53
C VAL A 123 -2.01 45.70 1.07
N LEU A 124 -2.72 44.75 0.48
CA LEU A 124 -3.23 44.92 -0.89
C LEU A 124 -4.14 46.14 -1.04
N GLU A 125 -5.05 46.32 -0.09
CA GLU A 125 -5.92 47.49 -0.08
C GLU A 125 -5.08 48.77 -0.05
N ALA A 126 -4.11 48.84 0.86
CA ALA A 126 -3.21 49.99 0.94
C ALA A 126 -2.39 50.21 -0.35
N LEU A 127 -2.04 49.15 -1.06
CA LEU A 127 -1.34 49.26 -2.33
C LEU A 127 -2.24 49.77 -3.47
N GLY A 128 -3.55 49.75 -3.26
CA GLY A 128 -4.50 50.32 -4.21
C GLY A 128 -5.02 49.34 -5.24
N VAL A 129 -5.06 48.05 -4.89
CA VAL A 129 -5.65 47.09 -5.82
C VAL A 129 -7.15 47.35 -5.89
N ASP A 130 -7.79 46.95 -6.99
CA ASP A 130 -9.21 47.20 -7.20
C ASP A 130 -10.08 46.10 -6.59
N TYR A 131 -9.49 44.92 -6.38
CA TYR A 131 -10.29 43.78 -5.95
C TYR A 131 -9.36 42.77 -5.35
N ILE A 132 -9.79 42.11 -4.28
CA ILE A 132 -8.98 41.07 -3.67
C ILE A 132 -9.68 39.72 -3.84
N ASP A 133 -8.93 38.71 -4.30
CA ASP A 133 -9.39 37.34 -4.34
C ASP A 133 -8.87 36.67 -3.06
N GLU A 134 -9.77 36.36 -2.12
CA GLU A 134 -9.37 35.57 -0.97
C GLU A 134 -9.34 34.10 -1.43
N SER A 135 -8.15 33.57 -1.67
CA SER A 135 -8.01 32.47 -2.63
C SER A 135 -7.54 31.15 -2.03
N GLU A 136 -8.32 30.10 -2.24
CA GLU A 136 -7.94 28.77 -1.81
C GLU A 136 -6.78 28.16 -2.59
N VAL A 137 -6.32 28.80 -3.64
CA VAL A 137 -5.13 28.24 -4.30
C VAL A 137 -3.84 28.76 -3.68
N LEU A 138 -3.93 29.84 -2.93
CA LEU A 138 -2.80 30.25 -2.08
C LEU A 138 -2.85 29.33 -0.84
N THR A 139 -1.78 29.27 -0.05
CA THR A 139 -1.78 28.40 1.13
C THR A 139 -2.62 29.02 2.25
N PRO A 140 -3.74 28.37 2.67
CA PRO A 140 -4.62 29.03 3.67
C PRO A 140 -3.85 29.47 4.91
N ALA A 141 -4.12 30.68 5.42
CA ALA A 141 -3.52 31.14 6.70
C ALA A 141 -4.41 30.78 7.88
N ASP A 142 -5.72 30.70 7.64
CA ASP A 142 -6.68 30.37 8.68
C ASP A 142 -7.63 29.32 8.14
N GLU A 143 -7.57 28.12 8.69
CA GLU A 143 -8.35 27.03 8.18
C GLU A 143 -9.78 27.01 8.72
N GLU A 144 -10.11 27.93 9.63
CA GLU A 144 -11.45 27.94 10.20
C GLU A 144 -12.23 29.22 9.92
N PHE A 145 -11.54 30.35 9.85
CA PHE A 145 -12.22 31.62 9.67
C PHE A 145 -11.69 32.38 8.47
N HIS A 146 -12.58 32.73 7.54
CA HIS A 146 -12.24 33.64 6.45
C HIS A 146 -12.19 35.09 6.95
N ILE A 147 -11.58 35.96 6.17
CA ILE A 147 -11.50 37.39 6.50
C ILE A 147 -12.91 37.98 6.66
N ASP A 148 -13.06 38.83 7.66
CA ASP A 148 -14.26 39.64 7.80
C ASP A 148 -14.22 40.79 6.75
N LYS A 149 -14.71 40.50 5.55
CA LYS A 149 -14.48 41.37 4.40
C LYS A 149 -15.31 42.65 4.51
N ARG A 150 -16.31 42.62 5.40
CA ARG A 150 -17.17 43.75 5.69
C ARG A 150 -16.41 44.93 6.20
N GLN A 151 -15.25 44.69 6.82
CA GLN A 151 -14.44 45.75 7.46
C GLN A 151 -13.57 46.49 6.48
N PHE A 152 -13.64 46.09 5.22
CA PHE A 152 -12.73 46.58 4.19
C PHE A 152 -13.44 47.51 3.20
N THR A 153 -12.72 48.51 2.71
CA THR A 153 -13.27 49.28 1.62
C THR A 153 -13.07 48.58 0.26
N VAL A 154 -11.91 48.00 0.00
CA VAL A 154 -11.74 47.18 -1.21
C VAL A 154 -12.70 45.95 -1.29
N PRO A 155 -13.29 45.70 -2.47
CA PRO A 155 -14.15 44.53 -2.64
C PRO A 155 -13.35 43.24 -2.71
N PHE A 156 -14.00 42.12 -2.37
CA PHE A 156 -13.38 40.78 -2.44
C PHE A 156 -14.13 39.83 -3.34
N VAL A 157 -13.41 39.00 -4.08
CA VAL A 157 -14.05 37.84 -4.69
C VAL A 157 -13.69 36.57 -3.86
N CYS A 158 -14.65 35.66 -3.75
CA CYS A 158 -14.43 34.37 -3.03
C CYS A 158 -14.92 33.20 -3.85
N GLY A 159 -14.33 32.03 -3.63
CA GLY A 159 -14.74 30.83 -4.36
C GLY A 159 -15.88 30.14 -3.65
N CYS A 160 -16.62 29.28 -4.35
CA CYS A 160 -17.65 28.51 -3.69
C CYS A 160 -17.94 27.28 -4.56
N ARG A 161 -18.63 26.30 -4.00
CA ARG A 161 -18.95 25.09 -4.70
C ARG A 161 -20.44 24.75 -4.64
N ASP A 162 -21.18 25.43 -3.77
CA ASP A 162 -22.60 25.15 -3.51
C ASP A 162 -23.16 26.41 -2.88
N LEU A 163 -24.49 26.47 -2.71
CA LEU A 163 -25.14 27.69 -2.26
C LEU A 163 -24.86 27.99 -0.76
N GLY A 164 -24.73 26.97 0.07
CA GLY A 164 -24.40 27.23 1.48
C GLY A 164 -23.11 28.00 1.56
N GLU A 165 -22.10 27.49 0.85
CA GLU A 165 -20.79 28.12 0.85
C GLU A 165 -20.83 29.53 0.22
N ALA A 166 -21.56 29.72 -0.90
CA ALA A 166 -21.72 31.06 -1.46
C ALA A 166 -22.34 32.02 -0.44
N ALA A 167 -23.38 31.54 0.25
CA ALA A 167 -24.09 32.40 1.20
C ALA A 167 -23.21 32.77 2.43
N ARG A 168 -22.39 31.83 2.93
CA ARG A 168 -21.44 32.18 4.03
C ARG A 168 -20.44 33.24 3.57
N ARG A 169 -19.93 33.13 2.35
CA ARG A 169 -18.96 34.10 1.84
C ARG A 169 -19.62 35.46 1.73
N ILE A 170 -20.88 35.47 1.24
CA ILE A 170 -21.63 36.75 1.16
C ILE A 170 -21.85 37.34 2.55
N ALA A 171 -22.27 36.50 3.51
CA ALA A 171 -22.43 36.96 4.94
C ALA A 171 -21.13 37.51 5.57
N GLU A 172 -19.97 36.98 5.16
CA GLU A 172 -18.68 37.59 5.57
C GLU A 172 -18.35 38.90 4.83
N GLY A 173 -19.11 39.26 3.78
CA GLY A 173 -18.89 40.52 3.04
C GLY A 173 -18.31 40.42 1.62
N ALA A 174 -18.22 39.22 1.07
CA ALA A 174 -17.78 39.07 -0.34
C ALA A 174 -18.67 39.92 -1.28
N SER A 175 -18.06 40.61 -2.23
CA SER A 175 -18.80 41.41 -3.21
C SER A 175 -18.96 40.68 -4.57
N MET A 176 -18.33 39.52 -4.70
CA MET A 176 -18.33 38.80 -5.97
C MET A 176 -17.97 37.35 -5.64
N LEU A 177 -18.46 36.41 -6.44
CA LEU A 177 -18.13 35.00 -6.26
C LEU A 177 -17.56 34.39 -7.54
N ARG A 178 -16.94 33.24 -7.41
CA ARG A 178 -16.58 32.46 -8.57
C ARG A 178 -16.63 31.00 -8.13
N THR A 179 -16.60 30.08 -9.08
CA THR A 179 -16.54 28.67 -8.75
C THR A 179 -15.12 28.37 -8.30
N LYS A 180 -14.97 27.36 -7.45
CA LYS A 180 -13.62 26.91 -7.18
C LYS A 180 -13.02 26.18 -8.36
N GLY A 181 -13.82 25.39 -9.10
CA GLY A 181 -13.26 24.67 -10.25
C GLY A 181 -12.11 23.76 -9.85
N GLU A 182 -11.22 23.46 -10.79
CA GLU A 182 -10.01 22.67 -10.54
C GLU A 182 -8.83 23.32 -11.28
N PRO A 183 -8.26 24.41 -10.72
CA PRO A 183 -7.28 25.21 -11.49
C PRO A 183 -6.07 24.38 -11.89
N GLY A 184 -5.47 24.71 -13.03
CA GLY A 184 -4.24 24.06 -13.49
C GLY A 184 -4.41 22.79 -14.28
N THR A 185 -5.64 22.29 -14.44
CA THR A 185 -5.83 20.99 -15.15
C THR A 185 -6.29 21.15 -16.61
N GLY A 186 -6.69 22.36 -17.00
CA GLY A 186 -7.41 22.60 -18.27
C GLY A 186 -8.74 21.80 -18.37
N ASN A 187 -9.29 21.34 -17.23
CA ASN A 187 -10.47 20.47 -17.19
C ASN A 187 -11.60 21.27 -16.55
N ILE A 188 -12.68 21.55 -17.31
CA ILE A 188 -13.81 22.30 -16.74
C ILE A 188 -14.77 21.48 -15.84
N VAL A 189 -14.56 20.19 -15.71
CA VAL A 189 -15.63 19.35 -15.07
C VAL A 189 -16.03 19.89 -13.67
N GLU A 190 -15.05 20.38 -12.92
CA GLU A 190 -15.38 20.82 -11.57
C GLU A 190 -16.03 22.17 -11.57
N ALA A 191 -15.54 23.13 -12.38
CA ALA A 191 -16.27 24.43 -12.48
C ALA A 191 -17.72 24.15 -12.94
N VAL A 192 -17.93 23.19 -13.84
CA VAL A 192 -19.30 22.88 -14.28
C VAL A 192 -20.13 22.35 -13.10
N ARG A 193 -19.56 21.44 -12.31
CA ARG A 193 -20.22 20.90 -11.16
C ARG A 193 -20.67 22.03 -10.23
N HIS A 194 -19.77 22.98 -9.93
CA HIS A 194 -20.03 24.05 -8.98
C HIS A 194 -21.08 25.03 -9.50
N MET A 195 -20.96 25.44 -10.76
CA MET A 195 -21.94 26.35 -11.33
C MET A 195 -23.26 25.59 -11.42
N ARG A 196 -23.25 24.31 -11.84
CA ARG A 196 -24.52 23.59 -11.87
C ARG A 196 -25.19 23.56 -10.49
N LYS A 197 -24.39 23.29 -9.44
CA LYS A 197 -24.94 23.06 -8.10
C LYS A 197 -25.50 24.39 -7.55
N VAL A 198 -24.67 25.42 -7.59
CA VAL A 198 -25.09 26.74 -7.09
C VAL A 198 -26.37 27.22 -7.80
N ASN A 199 -26.41 27.10 -9.13
CA ASN A 199 -27.55 27.65 -9.89
C ASN A 199 -28.81 26.81 -9.72
N ALA A 200 -28.66 25.49 -9.59
CA ALA A 200 -29.82 24.64 -9.31
C ALA A 200 -30.40 24.93 -7.92
N GLN A 201 -29.54 25.15 -6.94
CA GLN A 201 -30.00 25.47 -5.60
C GLN A 201 -30.64 26.85 -5.59
N ILE A 202 -30.09 27.78 -6.35
CA ILE A 202 -30.73 29.10 -6.49
C ILE A 202 -32.14 28.96 -7.08
N ARG A 203 -32.29 28.22 -8.18
CA ARG A 203 -33.63 28.06 -8.81
C ARG A 203 -34.59 27.47 -7.81
N LYS A 204 -34.09 26.55 -7.00
CA LYS A 204 -34.97 25.90 -6.03
C LYS A 204 -35.43 26.92 -4.96
N VAL A 205 -34.50 27.70 -4.43
CA VAL A 205 -34.80 28.72 -3.45
C VAL A 205 -35.76 29.83 -3.98
N VAL A 206 -35.50 30.34 -5.18
CA VAL A 206 -36.39 31.34 -5.83
C VAL A 206 -37.86 30.88 -5.86
N ASN A 207 -38.12 29.62 -6.16
CA ASN A 207 -39.50 29.15 -6.35
C ASN A 207 -40.06 28.41 -5.14
N MET A 208 -39.28 28.30 -4.08
CA MET A 208 -39.78 27.56 -2.93
C MET A 208 -40.75 28.33 -2.05
N SER A 209 -41.61 27.58 -1.41
CA SER A 209 -42.48 28.14 -0.41
C SER A 209 -41.70 28.97 0.64
N GLU A 210 -42.09 30.24 0.79
CA GLU A 210 -41.44 31.17 1.74
C GLU A 210 -41.26 30.54 3.15
N ASP A 211 -42.27 29.86 3.69
CA ASP A 211 -42.17 29.33 5.05
C ASP A 211 -41.17 28.13 5.21
N GLU A 212 -40.62 27.67 4.10
CA GLU A 212 -39.66 26.56 4.07
C GLU A 212 -38.22 27.05 4.06
N LEU A 213 -37.97 28.37 3.96
CA LEU A 213 -36.59 28.87 3.83
C LEU A 213 -35.70 28.71 5.08
N VAL A 214 -36.25 28.89 6.27
CA VAL A 214 -35.46 28.73 7.49
C VAL A 214 -34.90 27.28 7.56
N ALA A 215 -35.74 26.27 7.35
CA ALA A 215 -35.29 24.90 7.27
C ALA A 215 -34.31 24.66 6.13
N GLU A 216 -34.53 25.29 4.96
CA GLU A 216 -33.60 25.13 3.84
C GLU A 216 -32.23 25.71 4.21
N ALA A 217 -32.21 26.87 4.86
CA ALA A 217 -30.95 27.52 5.28
C ALA A 217 -30.20 26.60 6.27
N LYS A 218 -30.95 25.98 7.19
CA LYS A 218 -30.36 25.04 8.13
C LYS A 218 -29.73 23.86 7.37
N GLN A 219 -30.44 23.28 6.42
CA GLN A 219 -29.88 22.18 5.69
C GLN A 219 -28.65 22.58 4.82
N LEU A 220 -28.68 23.74 4.20
CA LEU A 220 -27.58 24.19 3.35
C LEU A 220 -26.41 24.70 4.18
N GLY A 221 -26.64 24.98 5.46
CA GLY A 221 -25.66 25.71 6.27
C GLY A 221 -25.49 27.14 5.79
N ALA A 222 -26.57 27.75 5.30
CA ALA A 222 -26.58 29.11 4.79
C ALA A 222 -27.21 30.05 5.81
N PRO A 223 -26.75 31.32 5.88
CA PRO A 223 -27.53 32.39 6.56
C PRO A 223 -28.89 32.60 5.84
N VAL A 224 -30.00 32.50 6.58
CA VAL A 224 -31.34 32.62 5.97
C VAL A 224 -31.60 34.01 5.32
N GLU A 225 -31.05 35.09 5.86
CA GLU A 225 -31.27 36.38 5.22
C GLU A 225 -30.69 36.40 3.80
N VAL A 226 -29.57 35.71 3.58
CA VAL A 226 -29.06 35.61 2.23
C VAL A 226 -30.03 34.86 1.34
N LEU A 227 -30.58 33.74 1.81
CA LEU A 227 -31.54 33.03 0.98
C LEU A 227 -32.76 33.91 0.72
N ARG A 228 -33.15 34.72 1.70
CA ARG A 228 -34.31 35.55 1.53
C ARG A 228 -34.07 36.61 0.46
N GLU A 229 -32.88 37.17 0.45
CA GLU A 229 -32.52 38.13 -0.56
C GLU A 229 -32.43 37.47 -1.96
N ILE A 230 -31.95 36.24 -2.02
CA ILE A 230 -31.91 35.51 -3.29
C ILE A 230 -33.32 35.32 -3.83
N LYS A 231 -34.26 34.94 -2.96
CA LYS A 231 -35.60 34.73 -3.39
C LYS A 231 -36.19 36.06 -3.95
N ARG A 232 -35.91 37.15 -3.24
CA ARG A 232 -36.37 38.48 -3.62
C ARG A 232 -35.85 38.93 -4.97
N LEU A 233 -34.55 38.75 -5.19
CA LEU A 233 -33.90 39.19 -6.42
C LEU A 233 -34.10 38.20 -7.59
N GLY A 234 -34.34 36.94 -7.30
CA GLY A 234 -34.42 35.93 -8.36
C GLY A 234 -33.03 35.42 -8.73
N ARG A 235 -31.98 35.86 -8.03
CA ARG A 235 -30.60 35.38 -8.35
C ARG A 235 -29.68 35.75 -7.16
N LEU A 236 -28.39 35.43 -7.25
CA LEU A 236 -27.46 35.95 -6.24
C LEU A 236 -27.38 37.47 -6.23
N PRO A 237 -27.19 38.09 -5.03
CA PRO A 237 -27.03 39.53 -4.96
C PRO A 237 -25.63 39.98 -5.38
N VAL A 238 -24.79 39.06 -5.85
CA VAL A 238 -23.48 39.49 -6.39
C VAL A 238 -23.32 38.71 -7.68
N VAL A 239 -22.36 39.11 -8.52
CA VAL A 239 -22.02 38.31 -9.72
C VAL A 239 -21.17 37.08 -9.36
N ASN A 240 -21.35 36.03 -10.17
CA ASN A 240 -20.72 34.75 -9.94
C ASN A 240 -20.04 34.26 -11.23
N PHE A 241 -18.71 34.19 -11.27
CA PHE A 241 -18.02 33.89 -12.51
C PHE A 241 -17.58 32.45 -12.48
N ALA A 242 -17.45 31.84 -13.62
CA ALA A 242 -16.86 30.51 -13.63
C ALA A 242 -15.34 30.61 -13.64
N ALA A 243 -14.69 29.65 -12.98
CA ALA A 243 -13.22 29.69 -12.85
C ALA A 243 -12.67 28.30 -12.64
N GLY A 244 -11.61 27.97 -13.38
CA GLY A 244 -10.90 26.70 -13.23
C GLY A 244 -11.07 25.88 -14.49
N GLY A 245 -10.02 25.73 -15.28
CA GLY A 245 -10.04 24.83 -16.42
C GLY A 245 -10.64 25.41 -17.71
N VAL A 246 -11.14 26.66 -17.69
CA VAL A 246 -11.75 27.21 -18.89
C VAL A 246 -10.67 27.41 -19.95
N THR A 247 -10.72 26.60 -21.01
CA THR A 247 -9.63 26.56 -21.96
C THR A 247 -10.02 26.99 -23.39
N THR A 248 -11.15 26.52 -23.89
CA THR A 248 -11.50 26.76 -25.30
C THR A 248 -12.63 27.78 -25.39
N PRO A 249 -12.78 28.40 -26.59
CA PRO A 249 -13.96 29.23 -26.80
C PRO A 249 -15.25 28.51 -26.42
N ALA A 250 -15.37 27.23 -26.79
CA ALA A 250 -16.54 26.44 -26.38
C ALA A 250 -16.75 26.32 -24.86
N ASP A 251 -15.64 26.15 -24.10
CA ASP A 251 -15.71 26.05 -22.63
C ASP A 251 -16.28 27.35 -22.09
N ALA A 252 -15.76 28.46 -22.57
CA ALA A 252 -16.18 29.75 -22.04
C ALA A 252 -17.68 30.06 -22.32
N ALA A 253 -18.14 29.81 -23.56
CA ALA A 253 -19.54 29.93 -23.87
C ALA A 253 -20.35 28.91 -23.08
N LEU A 254 -19.80 27.71 -22.82
CA LEU A 254 -20.55 26.78 -22.02
C LEU A 254 -20.85 27.34 -20.63
N MET A 255 -19.85 27.94 -20.00
CA MET A 255 -20.07 28.47 -18.63
C MET A 255 -21.23 29.49 -18.59
N MET A 256 -21.30 30.34 -19.62
CA MET A 256 -22.36 31.30 -19.76
C MET A 256 -23.70 30.62 -19.97
N HIS A 257 -23.73 29.59 -20.80
CA HIS A 257 -24.92 28.82 -21.01
C HIS A 257 -25.40 28.22 -19.66
N LEU A 258 -24.47 27.86 -18.77
CA LEU A 258 -24.85 27.28 -17.49
C LEU A 258 -25.26 28.34 -16.46
N GLY A 259 -25.22 29.62 -16.85
CA GLY A 259 -25.70 30.69 -15.98
C GLY A 259 -24.61 31.46 -15.27
N ALA A 260 -23.34 31.31 -15.69
CA ALA A 260 -22.27 32.20 -15.12
C ALA A 260 -22.50 33.63 -15.56
N ASP A 261 -21.98 34.61 -14.81
CA ASP A 261 -22.02 36.01 -15.25
C ASP A 261 -20.74 36.38 -16.03
N GLY A 262 -19.78 35.46 -16.10
CA GLY A 262 -18.51 35.79 -16.74
C GLY A 262 -17.51 34.68 -16.43
N VAL A 263 -16.27 34.88 -16.83
CA VAL A 263 -15.30 33.78 -16.78
C VAL A 263 -13.93 34.30 -16.32
N PHE A 264 -13.22 33.54 -15.48
CA PHE A 264 -11.78 33.81 -15.23
C PHE A 264 -11.02 32.81 -16.06
N VAL A 265 -9.93 33.23 -16.70
CA VAL A 265 -9.05 32.29 -17.42
C VAL A 265 -7.62 32.48 -16.94
N GLY A 266 -6.80 31.44 -17.11
CA GLY A 266 -5.49 31.40 -16.46
C GLY A 266 -4.36 31.68 -17.42
N SER A 267 -3.16 31.29 -17.02
CA SER A 267 -1.95 31.59 -17.77
C SER A 267 -1.75 30.76 -19.04
N GLY A 268 -2.59 29.74 -19.23
CA GLY A 268 -2.57 28.93 -20.47
C GLY A 268 -2.61 29.75 -21.74
N ILE A 269 -3.40 30.84 -21.70
CA ILE A 269 -3.47 31.85 -22.76
C ILE A 269 -2.09 32.21 -23.33
N PHE A 270 -1.16 32.56 -22.45
CA PHE A 270 0.18 33.00 -22.84
C PHE A 270 1.14 31.86 -23.15
N LYS A 271 0.67 30.62 -23.04
CA LYS A 271 1.44 29.46 -23.54
C LYS A 271 1.17 29.22 -25.01
N SER A 272 0.20 29.93 -25.56
CA SER A 272 -0.25 29.69 -26.91
C SER A 272 0.69 30.29 -27.93
N GLU A 273 0.55 29.87 -29.18
CA GLU A 273 1.40 30.41 -30.26
C GLU A 273 1.18 31.90 -30.43
N ASN A 274 -0.06 32.31 -30.15
CA ASN A 274 -0.54 33.66 -30.38
C ASN A 274 -1.50 34.04 -29.26
N PRO A 275 -0.98 34.45 -28.10
CA PRO A 275 -1.79 34.76 -26.94
C PRO A 275 -2.91 35.77 -27.24
N GLU A 276 -2.59 36.82 -28.00
CA GLU A 276 -3.55 37.88 -28.35
C GLU A 276 -4.79 37.33 -29.00
N LYS A 277 -4.58 36.58 -30.06
CA LYS A 277 -5.64 35.98 -30.82
C LYS A 277 -6.46 35.03 -29.93
N TYR A 278 -5.77 34.28 -29.06
CA TYR A 278 -6.43 33.29 -28.23
C TYR A 278 -7.30 34.06 -27.22
N ALA A 279 -6.71 35.08 -26.59
CA ALA A 279 -7.44 35.89 -25.63
C ALA A 279 -8.73 36.51 -26.25
N ARG A 280 -8.62 37.02 -27.50
CA ARG A 280 -9.77 37.59 -28.21
C ARG A 280 -10.82 36.57 -28.46
N ALA A 281 -10.39 35.35 -28.82
CA ALA A 281 -11.34 34.30 -29.08
C ALA A 281 -12.15 34.01 -27.81
N ILE A 282 -11.48 34.05 -26.68
CA ILE A 282 -12.19 33.69 -25.44
C ILE A 282 -13.19 34.81 -25.08
N VAL A 283 -12.74 36.06 -25.23
CA VAL A 283 -13.56 37.24 -24.97
C VAL A 283 -14.78 37.26 -25.89
N GLU A 284 -14.61 37.02 -27.20
CA GLU A 284 -15.76 37.01 -28.09
C GLU A 284 -16.72 35.86 -27.89
N ALA A 285 -16.20 34.66 -27.53
CA ALA A 285 -17.05 33.53 -27.21
C ALA A 285 -17.91 33.74 -25.94
N THR A 286 -17.35 34.40 -24.92
CA THR A 286 -18.05 34.62 -23.66
C THR A 286 -19.14 35.69 -23.84
N THR A 287 -18.82 36.70 -24.65
CA THR A 287 -19.76 37.75 -25.06
C THR A 287 -20.94 37.26 -25.95
N HIS A 288 -20.61 36.49 -26.98
CA HIS A 288 -21.58 35.97 -27.96
C HIS A 288 -21.82 34.51 -27.74
N TYR A 289 -22.23 34.15 -26.54
CA TYR A 289 -22.14 32.76 -26.13
C TYR A 289 -23.20 31.87 -26.71
N GLU A 290 -24.14 32.44 -27.45
CA GLU A 290 -25.12 31.61 -28.20
C GLU A 290 -24.93 31.74 -29.70
N ASP A 291 -23.85 32.38 -30.14
CA ASP A 291 -23.60 32.49 -31.56
C ASP A 291 -22.72 31.32 -31.98
N TYR A 292 -23.34 30.16 -32.26
CA TYR A 292 -22.58 28.92 -32.48
C TYR A 292 -21.72 28.94 -33.74
N GLU A 293 -22.25 29.59 -34.76
CA GLU A 293 -21.51 29.77 -35.96
C GLU A 293 -20.23 30.55 -35.68
N LEU A 294 -20.31 31.63 -34.93
CA LEU A 294 -19.10 32.37 -34.59
C LEU A 294 -18.18 31.50 -33.69
N ILE A 295 -18.74 30.87 -32.67
CA ILE A 295 -17.95 30.06 -31.77
C ILE A 295 -17.20 28.96 -32.53
N ALA A 296 -17.88 28.33 -33.49
CA ALA A 296 -17.22 27.36 -34.38
C ALA A 296 -16.04 27.94 -35.10
N HIS A 297 -16.21 29.16 -35.58
CA HIS A 297 -15.16 29.81 -36.31
C HIS A 297 -13.97 30.17 -35.39
N LEU A 298 -14.28 30.66 -34.19
CA LEU A 298 -13.23 31.04 -33.24
C LEU A 298 -12.48 29.77 -32.73
N SER A 299 -13.09 28.60 -32.88
CA SER A 299 -12.46 27.33 -32.50
C SER A 299 -11.32 26.87 -33.47
N LYS A 300 -11.22 27.48 -34.64
CA LYS A 300 -10.20 27.15 -35.65
C LYS A 300 -8.93 27.97 -35.50
N GLY A 301 -7.80 27.31 -35.74
CA GLY A 301 -6.51 27.99 -35.86
C GLY A 301 -6.06 28.49 -34.50
N LEU A 302 -6.48 27.74 -33.47
CA LEU A 302 -6.18 27.96 -32.04
C LEU A 302 -6.91 29.14 -31.39
N LYS B 49 -28.27 -3.01 -42.58
CA LYS B 49 -27.88 -3.86 -41.41
C LYS B 49 -26.63 -4.70 -41.59
N GLY B 50 -25.76 -4.64 -40.58
CA GLY B 50 -24.43 -5.12 -40.67
C GLY B 50 -23.54 -4.04 -41.24
N GLY B 51 -23.79 -2.77 -40.93
CA GLY B 51 -22.87 -1.71 -41.38
C GLY B 51 -21.66 -1.54 -40.45
N VAL B 52 -20.59 -0.98 -41.01
CA VAL B 52 -19.38 -0.76 -40.29
C VAL B 52 -19.05 0.73 -40.29
N ILE B 53 -18.72 1.24 -39.13
CA ILE B 53 -18.26 2.64 -39.01
C ILE B 53 -16.81 2.63 -38.63
N MET B 54 -16.00 3.43 -39.32
CA MET B 54 -14.52 3.37 -39.15
C MET B 54 -13.96 4.70 -38.62
N ASP B 55 -13.09 4.63 -37.60
CA ASP B 55 -12.41 5.81 -37.05
C ASP B 55 -11.36 6.21 -38.03
N VAL B 56 -11.23 7.51 -38.36
CA VAL B 56 -10.24 7.90 -39.39
C VAL B 56 -9.62 9.22 -38.91
N VAL B 57 -8.34 9.48 -39.20
CA VAL B 57 -7.73 10.69 -38.69
C VAL B 57 -7.36 11.65 -39.81
N ASN B 58 -7.63 11.26 -41.06
CA ASN B 58 -7.31 12.13 -42.20
C ASN B 58 -8.08 11.72 -43.46
N ALA B 59 -7.86 12.46 -44.54
CA ALA B 59 -8.55 12.26 -45.80
C ALA B 59 -8.23 10.92 -46.42
N GLU B 60 -6.95 10.53 -46.41
CA GLU B 60 -6.54 9.27 -46.98
C GLU B 60 -7.29 8.09 -46.38
N GLN B 61 -7.35 8.06 -45.05
CA GLN B 61 -8.02 6.98 -44.36
C GLN B 61 -9.54 7.02 -44.63
N ALA B 62 -10.13 8.21 -44.63
CA ALA B 62 -11.57 8.34 -44.87
C ALA B 62 -11.96 7.78 -46.26
N LYS B 63 -11.17 8.10 -47.28
CA LYS B 63 -11.40 7.56 -48.61
C LYS B 63 -11.22 6.05 -48.66
N ILE B 64 -10.23 5.49 -47.97
CA ILE B 64 -10.16 4.02 -47.94
C ILE B 64 -11.46 3.44 -47.36
N ALA B 65 -11.93 4.03 -46.25
CA ALA B 65 -13.09 3.52 -45.54
C ALA B 65 -14.33 3.59 -46.45
N GLU B 66 -14.52 4.72 -47.10
CA GLU B 66 -15.65 4.92 -48.00
C GLU B 66 -15.59 3.91 -49.15
N ALA B 67 -14.46 3.84 -49.83
CA ALA B 67 -14.33 2.84 -50.90
C ALA B 67 -14.48 1.39 -50.42
N ALA B 68 -14.16 1.08 -49.17
CA ALA B 68 -14.26 -0.32 -48.74
C ALA B 68 -15.71 -0.67 -48.34
N GLY B 69 -16.57 0.32 -48.22
CA GLY B 69 -17.97 0.04 -47.88
C GLY B 69 -18.41 0.44 -46.51
N ALA B 70 -17.61 1.24 -45.78
CA ALA B 70 -18.04 1.69 -44.44
C ALA B 70 -19.32 2.47 -44.64
N VAL B 71 -20.26 2.44 -43.69
CA VAL B 71 -21.48 3.26 -43.80
C VAL B 71 -21.32 4.70 -43.31
N ALA B 72 -20.27 4.96 -42.51
CA ALA B 72 -19.98 6.30 -42.00
C ALA B 72 -18.52 6.24 -41.51
N VAL B 73 -17.90 7.39 -41.32
CA VAL B 73 -16.59 7.48 -40.69
C VAL B 73 -16.71 8.35 -39.45
N MET B 74 -15.87 8.06 -38.48
CA MET B 74 -15.80 8.86 -37.26
C MET B 74 -14.45 9.59 -37.34
N ALA B 75 -14.49 10.92 -37.49
CA ALA B 75 -13.33 11.75 -37.61
C ALA B 75 -12.73 11.97 -36.23
N LEU B 76 -11.46 11.62 -36.06
CA LEU B 76 -10.83 11.68 -34.73
C LEU B 76 -9.65 12.60 -34.79
N GLU B 77 -9.35 13.28 -33.68
CA GLU B 77 -8.04 13.97 -33.60
C GLU B 77 -7.08 13.14 -32.78
N GLY B 87 -1.87 12.80 -17.66
CA GLY B 87 -3.23 12.42 -18.12
C GLY B 87 -4.04 13.61 -18.67
N GLY B 88 -3.71 14.04 -19.91
CA GLY B 88 -4.22 15.31 -20.48
C GLY B 88 -5.71 15.33 -20.75
N VAL B 89 -6.28 16.50 -21.00
CA VAL B 89 -7.70 16.59 -21.23
C VAL B 89 -8.02 16.30 -22.71
N ALA B 90 -8.96 15.41 -22.98
CA ALA B 90 -9.34 15.10 -24.36
C ALA B 90 -10.67 15.84 -24.69
N ARG B 91 -10.57 16.83 -25.59
CA ARG B 91 -11.66 17.71 -25.96
C ARG B 91 -12.12 17.36 -27.37
N MET B 92 -13.16 18.04 -27.84
CA MET B 92 -13.59 17.98 -29.27
C MET B 92 -12.39 18.22 -30.19
N ALA B 93 -12.36 17.57 -31.35
CA ALA B 93 -11.26 17.69 -32.30
C ALA B 93 -11.20 19.10 -32.89
N ASP B 94 -10.03 19.48 -33.36
CA ASP B 94 -9.86 20.73 -34.11
C ASP B 94 -10.70 20.66 -35.38
N PRO B 95 -11.52 21.70 -35.62
CA PRO B 95 -12.41 21.85 -36.79
C PRO B 95 -11.77 21.52 -38.13
N THR B 96 -10.48 21.76 -38.25
CA THR B 96 -9.79 21.54 -39.50
C THR B 96 -9.67 20.04 -39.82
N VAL B 97 -9.51 19.26 -38.77
CA VAL B 97 -9.50 17.81 -38.89
C VAL B 97 -10.88 17.36 -39.36
N ILE B 98 -11.92 17.91 -38.77
CA ILE B 98 -13.26 17.53 -39.17
C ILE B 98 -13.59 17.95 -40.63
N GLU B 99 -13.14 19.14 -41.02
CA GLU B 99 -13.35 19.63 -42.39
C GLU B 99 -12.60 18.78 -43.40
N GLU B 100 -11.37 18.42 -43.07
CA GLU B 100 -10.60 17.57 -43.94
C GLU B 100 -11.33 16.25 -44.25
N VAL B 101 -11.91 15.61 -43.24
CA VAL B 101 -12.60 14.34 -43.46
C VAL B 101 -13.94 14.60 -44.22
N MET B 102 -14.70 15.61 -43.80
CA MET B 102 -15.93 16.00 -44.51
C MET B 102 -15.68 16.20 -46.03
N ASN B 103 -14.59 16.85 -46.40
CA ASN B 103 -14.32 17.11 -47.79
C ASN B 103 -13.78 15.86 -48.51
N ALA B 104 -13.36 14.84 -47.77
CA ALA B 104 -12.78 13.67 -48.41
C ALA B 104 -13.84 12.70 -48.92
N VAL B 105 -15.03 12.69 -48.33
CA VAL B 105 -15.98 11.61 -48.63
C VAL B 105 -17.42 12.11 -48.77
N SER B 106 -18.30 11.23 -49.25
CA SER B 106 -19.74 11.48 -49.39
C SER B 106 -20.60 10.81 -48.36
N ILE B 107 -20.05 9.80 -47.68
CA ILE B 107 -20.79 9.13 -46.63
C ILE B 107 -20.84 9.98 -45.35
N PRO B 108 -21.78 9.70 -44.46
CA PRO B 108 -21.87 10.49 -43.22
C PRO B 108 -20.54 10.54 -42.41
N VAL B 109 -20.28 11.70 -41.81
CA VAL B 109 -19.09 11.92 -40.99
C VAL B 109 -19.58 12.25 -39.57
N MET B 110 -19.06 11.50 -38.59
CA MET B 110 -19.34 11.71 -37.18
C MET B 110 -18.14 12.32 -36.51
N ALA B 111 -18.36 12.96 -35.38
CA ALA B 111 -17.24 13.44 -34.56
C ALA B 111 -17.70 13.44 -33.10
N LYS B 112 -16.76 13.60 -32.17
CA LYS B 112 -17.00 13.38 -30.73
C LYS B 112 -17.02 14.66 -29.94
N VAL B 113 -17.82 14.68 -28.87
CA VAL B 113 -17.76 15.76 -27.92
C VAL B 113 -17.72 15.16 -26.52
N ARG B 114 -17.29 15.98 -25.56
CA ARG B 114 -17.27 15.60 -24.16
C ARG B 114 -18.68 15.52 -23.60
N ILE B 115 -18.88 14.57 -22.69
CA ILE B 115 -20.19 14.38 -22.14
C ILE B 115 -20.65 15.68 -21.49
N GLY B 116 -21.89 16.07 -21.78
CA GLY B 116 -22.45 17.30 -21.18
C GLY B 116 -21.99 18.58 -21.85
N HIS B 117 -21.07 18.48 -22.84
CA HIS B 117 -20.53 19.74 -23.40
C HIS B 117 -21.44 20.30 -24.53
N TYR B 118 -22.45 21.03 -24.09
CA TYR B 118 -23.52 21.52 -24.97
C TYR B 118 -22.93 22.33 -26.13
N VAL B 119 -21.96 23.20 -25.81
CA VAL B 119 -21.46 24.10 -26.82
C VAL B 119 -20.54 23.42 -27.80
N GLU B 120 -19.70 22.51 -27.32
CA GLU B 120 -18.92 21.70 -28.25
C GLU B 120 -19.86 21.03 -29.28
N ALA B 121 -21.03 20.57 -28.82
CA ALA B 121 -21.95 19.87 -29.73
C ALA B 121 -22.55 20.89 -30.72
N ARG B 122 -22.92 22.08 -30.27
CA ARG B 122 -23.32 23.15 -31.17
C ARG B 122 -22.29 23.56 -32.22
N VAL B 123 -21.02 23.60 -31.82
CA VAL B 123 -19.94 23.89 -32.71
C VAL B 123 -19.92 22.82 -33.80
N LEU B 124 -19.96 21.53 -33.43
CA LEU B 124 -19.87 20.48 -34.44
C LEU B 124 -21.12 20.50 -35.34
N GLU B 125 -22.28 20.78 -34.75
CA GLU B 125 -23.49 20.95 -35.54
C GLU B 125 -23.31 22.09 -36.58
N ALA B 126 -22.83 23.25 -36.14
CA ALA B 126 -22.56 24.37 -37.01
C ALA B 126 -21.50 24.05 -38.04
N LEU B 127 -20.57 23.12 -37.77
CA LEU B 127 -19.55 22.79 -38.79
C LEU B 127 -20.13 21.86 -39.85
N GLY B 128 -21.29 21.26 -39.62
CA GLY B 128 -21.84 20.40 -40.63
C GLY B 128 -21.64 18.88 -40.43
N VAL B 129 -21.28 18.41 -39.23
CA VAL B 129 -21.09 16.96 -39.12
C VAL B 129 -22.48 16.30 -39.23
N ASP B 130 -22.51 15.03 -39.64
CA ASP B 130 -23.76 14.29 -39.80
C ASP B 130 -24.26 13.65 -38.53
N TYR B 131 -23.36 13.47 -37.59
CA TYR B 131 -23.73 12.75 -36.36
C TYR B 131 -22.73 13.15 -35.29
N ILE B 132 -23.18 13.25 -34.05
CA ILE B 132 -22.27 13.54 -32.92
C ILE B 132 -22.23 12.35 -31.93
N ASP B 133 -21.04 11.93 -31.56
CA ASP B 133 -20.87 10.97 -30.49
C ASP B 133 -20.58 11.68 -29.20
N GLU B 134 -21.54 11.62 -28.27
CA GLU B 134 -21.34 12.26 -26.99
C GLU B 134 -20.58 11.19 -26.20
N SER B 135 -19.28 11.37 -26.03
CA SER B 135 -18.41 10.22 -25.86
C SER B 135 -17.68 10.17 -24.53
N GLU B 136 -17.79 9.01 -23.86
CA GLU B 136 -17.12 8.78 -22.56
C GLU B 136 -15.61 8.62 -22.65
N VAL B 137 -15.05 8.49 -23.85
CA VAL B 137 -13.60 8.40 -23.95
C VAL B 137 -12.92 9.79 -24.05
N LEU B 138 -13.71 10.84 -24.31
CA LEU B 138 -13.18 12.20 -24.15
C LEU B 138 -13.37 12.48 -22.65
N THR B 139 -12.80 13.57 -22.14
CA THR B 139 -12.88 13.91 -20.73
C THR B 139 -14.23 14.53 -20.40
N PRO B 140 -15.05 13.87 -19.55
CA PRO B 140 -16.39 14.43 -19.34
C PRO B 140 -16.37 15.87 -18.90
N ALA B 141 -17.29 16.68 -19.43
CA ALA B 141 -17.37 18.10 -19.04
C ALA B 141 -18.42 18.22 -17.95
N ASP B 142 -19.39 17.31 -17.95
CA ASP B 142 -20.45 17.37 -16.95
C ASP B 142 -20.62 15.96 -16.41
N GLU B 143 -20.25 15.72 -15.16
CA GLU B 143 -20.34 14.37 -14.59
C GLU B 143 -21.76 13.97 -14.20
N GLU B 144 -22.69 14.91 -14.15
CA GLU B 144 -24.06 14.57 -13.76
C GLU B 144 -25.11 14.65 -14.86
N PHE B 145 -24.96 15.55 -15.82
CA PHE B 145 -26.03 15.77 -16.80
C PHE B 145 -25.46 15.66 -18.20
N HIS B 146 -26.03 14.77 -19.01
CA HIS B 146 -25.67 14.64 -20.39
C HIS B 146 -26.37 15.74 -21.19
N ILE B 147 -25.94 15.92 -22.43
CA ILE B 147 -26.52 16.97 -23.28
C ILE B 147 -28.02 16.69 -23.52
N ASP B 148 -28.81 17.75 -23.53
CA ASP B 148 -30.22 17.56 -23.92
C ASP B 148 -30.28 17.51 -25.45
N LYS B 149 -30.13 16.30 -25.98
CA LYS B 149 -29.93 16.08 -27.40
C LYS B 149 -31.21 16.36 -28.21
N ARG B 150 -32.33 16.42 -27.52
CA ARG B 150 -33.61 16.73 -28.15
C ARG B 150 -33.65 18.15 -28.76
N GLN B 151 -32.82 19.06 -28.27
CA GLN B 151 -32.80 20.43 -28.71
C GLN B 151 -32.00 20.60 -29.96
N PHE B 152 -31.42 19.52 -30.46
CA PHE B 152 -30.48 19.64 -31.57
C PHE B 152 -31.13 19.17 -32.88
N THR B 153 -30.71 19.73 -33.98
CA THR B 153 -31.07 19.09 -35.24
C THR B 153 -30.14 17.95 -35.65
N VAL B 154 -28.83 18.08 -35.44
CA VAL B 154 -27.94 16.95 -35.71
C VAL B 154 -28.25 15.78 -34.74
N PRO B 155 -28.26 14.54 -35.25
CA PRO B 155 -28.40 13.37 -34.39
C PRO B 155 -27.15 12.96 -33.60
N PHE B 156 -27.39 12.26 -32.50
CA PHE B 156 -26.32 11.86 -31.55
C PHE B 156 -26.31 10.35 -31.39
N VAL B 157 -25.10 9.80 -31.25
CA VAL B 157 -24.95 8.44 -30.75
C VAL B 157 -24.43 8.54 -29.31
N CYS B 158 -24.87 7.63 -28.45
CA CYS B 158 -24.35 7.56 -27.08
C CYS B 158 -24.01 6.15 -26.72
N GLY B 159 -23.18 5.96 -25.70
CA GLY B 159 -22.76 4.65 -25.27
C GLY B 159 -23.67 4.11 -24.19
N CYS B 160 -23.70 2.79 -24.00
CA CYS B 160 -24.50 2.28 -22.87
C CYS B 160 -24.00 0.87 -22.56
N ARG B 161 -24.29 0.42 -21.34
CA ARG B 161 -23.86 -0.88 -20.87
C ARG B 161 -25.04 -1.78 -20.49
N ASP B 162 -26.23 -1.20 -20.34
CA ASP B 162 -27.42 -1.97 -19.91
C ASP B 162 -28.66 -1.16 -20.38
N LEU B 163 -29.85 -1.76 -20.24
CA LEU B 163 -31.05 -1.17 -20.81
C LEU B 163 -31.45 0.11 -20.04
N GLY B 164 -31.18 0.18 -18.74
CA GLY B 164 -31.47 1.44 -18.01
C GLY B 164 -30.74 2.66 -18.62
N GLU B 165 -29.41 2.50 -18.83
CA GLU B 165 -28.58 3.52 -19.46
C GLU B 165 -29.05 3.82 -20.88
N ALA B 166 -29.31 2.78 -21.67
CA ALA B 166 -29.80 2.93 -23.02
C ALA B 166 -31.11 3.75 -23.00
N ALA B 167 -32.02 3.43 -22.08
CA ALA B 167 -33.29 4.14 -22.04
C ALA B 167 -33.13 5.62 -21.58
N ARG B 168 -32.22 5.91 -20.66
CA ARG B 168 -32.01 7.31 -20.27
C ARG B 168 -31.42 8.12 -21.41
N ARG B 169 -30.50 7.52 -22.17
CA ARG B 169 -29.88 8.20 -23.31
C ARG B 169 -30.95 8.46 -24.41
N ILE B 170 -31.82 7.48 -24.67
CA ILE B 170 -32.94 7.71 -25.56
C ILE B 170 -33.84 8.85 -25.04
N ALA B 171 -34.19 8.87 -23.74
CA ALA B 171 -35.07 9.92 -23.21
C ALA B 171 -34.41 11.31 -23.29
N GLU B 172 -33.07 11.36 -23.32
CA GLU B 172 -32.36 12.63 -23.56
C GLU B 172 -32.35 13.02 -25.03
N GLY B 173 -32.76 12.11 -25.91
CA GLY B 173 -32.83 12.37 -27.35
C GLY B 173 -31.80 11.68 -28.23
N ALA B 174 -31.03 10.71 -27.71
CA ALA B 174 -30.05 10.00 -28.58
C ALA B 174 -30.82 9.35 -29.76
N SER B 175 -30.22 9.30 -30.94
CA SER B 175 -30.87 8.78 -32.12
C SER B 175 -30.24 7.45 -32.46
N MET B 176 -29.16 7.08 -31.75
CA MET B 176 -28.41 5.85 -32.06
C MET B 176 -27.69 5.46 -30.79
N LEU B 177 -27.44 4.18 -30.61
CA LEU B 177 -26.68 3.70 -29.43
C LEU B 177 -25.50 2.84 -29.86
N ARG B 178 -24.49 2.74 -28.98
CA ARG B 178 -23.42 1.78 -29.12
C ARG B 178 -23.03 1.22 -27.75
N THR B 179 -22.33 0.09 -27.72
CA THR B 179 -21.80 -0.36 -26.44
C THR B 179 -20.67 0.61 -25.99
N LYS B 180 -20.43 0.71 -24.69
CA LYS B 180 -19.20 1.34 -24.24
C LYS B 180 -17.98 0.48 -24.59
N GLY B 181 -18.11 -0.85 -24.51
CA GLY B 181 -16.94 -1.72 -24.75
C GLY B 181 -15.75 -1.30 -23.84
N GLU B 182 -14.54 -1.68 -24.25
CA GLU B 182 -13.28 -1.22 -23.63
C GLU B 182 -12.28 -0.80 -24.76
N PRO B 183 -12.41 0.42 -25.27
CA PRO B 183 -11.65 0.93 -26.43
C PRO B 183 -10.15 0.90 -26.22
N GLY B 184 -9.39 0.63 -27.29
CA GLY B 184 -7.95 0.73 -27.19
C GLY B 184 -7.28 -0.55 -26.73
N THR B 185 -8.06 -1.54 -26.26
CA THR B 185 -7.45 -2.77 -25.74
C THR B 185 -7.41 -3.89 -26.82
N GLY B 186 -8.21 -3.81 -27.88
CA GLY B 186 -8.34 -4.93 -28.82
C GLY B 186 -9.17 -6.10 -28.21
N ASN B 187 -9.82 -5.85 -27.09
CA ASN B 187 -10.48 -6.92 -26.33
C ASN B 187 -11.98 -6.71 -26.43
N ILE B 188 -12.70 -7.65 -27.02
CA ILE B 188 -14.16 -7.48 -27.13
C ILE B 188 -14.96 -7.86 -25.89
N VAL B 189 -14.31 -8.34 -24.83
CA VAL B 189 -15.08 -8.87 -23.69
C VAL B 189 -16.12 -7.89 -23.14
N GLU B 190 -15.77 -6.61 -23.02
CA GLU B 190 -16.71 -5.66 -22.45
C GLU B 190 -17.81 -5.32 -23.45
N ALA B 191 -17.48 -5.19 -24.74
CA ALA B 191 -18.55 -5.01 -25.75
C ALA B 191 -19.54 -6.21 -25.75
N VAL B 192 -19.01 -7.42 -25.61
CA VAL B 192 -19.86 -8.62 -25.57
C VAL B 192 -20.76 -8.55 -24.34
N ARG B 193 -20.19 -8.20 -23.21
CA ARG B 193 -20.96 -8.04 -22.01
C ARG B 193 -22.10 -6.98 -22.15
N HIS B 194 -21.81 -5.85 -22.71
CA HIS B 194 -22.81 -4.82 -22.86
C HIS B 194 -23.91 -5.23 -23.84
N MET B 195 -23.56 -5.87 -24.95
CA MET B 195 -24.55 -6.24 -25.96
C MET B 195 -25.40 -7.39 -25.39
N ARG B 196 -24.75 -8.36 -24.72
CA ARG B 196 -25.48 -9.43 -24.06
C ARG B 196 -26.51 -8.88 -23.10
N LYS B 197 -26.12 -7.88 -22.32
CA LYS B 197 -26.92 -7.42 -21.25
C LYS B 197 -28.10 -6.60 -21.80
N VAL B 198 -27.80 -5.64 -22.67
CA VAL B 198 -28.84 -4.81 -23.23
C VAL B 198 -29.86 -5.72 -23.94
N ASN B 199 -29.37 -6.68 -24.72
CA ASN B 199 -30.29 -7.51 -25.52
C ASN B 199 -31.09 -8.54 -24.74
N ALA B 200 -30.49 -9.09 -23.67
CA ALA B 200 -31.21 -9.98 -22.78
C ALA B 200 -32.32 -9.21 -22.09
N GLN B 201 -32.01 -7.99 -21.65
CA GLN B 201 -33.01 -7.17 -20.98
C GLN B 201 -34.16 -6.74 -21.95
N ILE B 202 -33.83 -6.45 -23.21
CA ILE B 202 -34.85 -6.16 -24.24
C ILE B 202 -35.77 -7.39 -24.42
N ARG B 203 -35.18 -8.57 -24.60
CA ARG B 203 -35.97 -9.78 -24.73
C ARG B 203 -36.89 -9.99 -23.56
N LYS B 204 -36.44 -9.70 -22.36
CA LYS B 204 -37.28 -9.89 -21.21
C LYS B 204 -38.46 -8.86 -21.24
N VAL B 205 -38.13 -7.60 -21.50
CA VAL B 205 -39.14 -6.53 -21.63
C VAL B 205 -40.19 -6.85 -22.73
N VAL B 206 -39.74 -7.33 -23.88
CA VAL B 206 -40.64 -7.59 -25.02
C VAL B 206 -41.70 -8.63 -24.64
N ASN B 207 -41.33 -9.62 -23.85
CA ASN B 207 -42.23 -10.72 -23.53
C ASN B 207 -42.85 -10.57 -22.12
N MET B 208 -42.57 -9.52 -21.39
CA MET B 208 -43.10 -9.52 -20.03
C MET B 208 -44.58 -9.04 -19.91
N SER B 209 -45.31 -9.34 -18.82
CA SER B 209 -46.64 -8.73 -18.61
C SER B 209 -46.56 -7.22 -18.68
N GLU B 210 -47.48 -6.66 -19.45
CA GLU B 210 -47.58 -5.20 -19.62
C GLU B 210 -47.70 -4.55 -18.22
N ASP B 211 -48.49 -5.14 -17.31
CA ASP B 211 -48.70 -4.52 -15.98
C ASP B 211 -47.43 -4.50 -15.05
N GLU B 212 -46.35 -5.13 -15.51
CA GLU B 212 -45.07 -5.25 -14.79
C GLU B 212 -44.05 -4.25 -15.25
N LEU B 213 -44.30 -3.50 -16.34
CA LEU B 213 -43.28 -2.62 -16.86
C LEU B 213 -42.94 -1.44 -15.97
N VAL B 214 -43.89 -0.89 -15.28
CA VAL B 214 -43.59 0.28 -14.46
C VAL B 214 -42.60 -0.10 -13.34
N ALA B 215 -42.87 -1.22 -12.65
CA ALA B 215 -41.93 -1.70 -11.65
C ALA B 215 -40.61 -2.08 -12.31
N GLU B 216 -40.64 -2.63 -13.52
CA GLU B 216 -39.41 -2.98 -14.20
C GLU B 216 -38.58 -1.73 -14.50
N ALA B 217 -39.24 -0.63 -14.91
CA ALA B 217 -38.54 0.61 -15.25
C ALA B 217 -37.91 1.19 -13.96
N LYS B 218 -38.64 1.11 -12.86
CA LYS B 218 -38.10 1.53 -11.59
C LYS B 218 -36.79 0.73 -11.22
N GLN B 219 -36.82 -0.58 -11.32
CA GLN B 219 -35.68 -1.39 -11.03
C GLN B 219 -34.51 -1.06 -11.99
N LEU B 220 -34.76 -0.88 -13.28
CA LEU B 220 -33.70 -0.58 -14.24
C LEU B 220 -33.19 0.88 -14.13
N GLY B 221 -33.90 1.75 -13.45
CA GLY B 221 -33.70 3.20 -13.63
C GLY B 221 -34.00 3.69 -15.06
N ALA B 222 -34.92 3.00 -15.74
CA ALA B 222 -35.30 3.39 -17.11
C ALA B 222 -36.55 4.26 -17.04
N PRO B 223 -36.68 5.21 -18.00
CA PRO B 223 -38.01 5.83 -18.32
C PRO B 223 -39.03 4.75 -18.86
N VAL B 224 -40.17 4.59 -18.20
CA VAL B 224 -41.10 3.56 -18.61
C VAL B 224 -41.64 3.71 -20.05
N GLU B 225 -41.78 4.93 -20.57
CA GLU B 225 -42.28 5.15 -21.90
C GLU B 225 -41.30 4.57 -22.90
N VAL B 226 -39.99 4.57 -22.60
CA VAL B 226 -39.04 3.88 -23.47
C VAL B 226 -39.22 2.37 -23.41
N LEU B 227 -39.48 1.81 -22.22
CA LEU B 227 -39.69 0.37 -22.18
C LEU B 227 -40.96 -0.03 -22.95
N ARG B 228 -41.99 0.81 -22.85
CA ARG B 228 -43.30 0.51 -23.50
C ARG B 228 -43.13 0.54 -25.02
N GLU B 229 -42.32 1.45 -25.51
CA GLU B 229 -42.01 1.51 -26.92
C GLU B 229 -41.19 0.31 -27.39
N ILE B 230 -40.22 -0.11 -26.56
CA ILE B 230 -39.47 -1.32 -26.83
C ILE B 230 -40.42 -2.51 -26.96
N LYS B 231 -41.38 -2.61 -26.05
CA LYS B 231 -42.27 -3.73 -26.05
C LYS B 231 -43.14 -3.67 -27.32
N ARG B 232 -43.56 -2.46 -27.70
CA ARG B 232 -44.43 -2.28 -28.88
C ARG B 232 -43.69 -2.67 -30.15
N LEU B 233 -42.42 -2.26 -30.27
CA LEU B 233 -41.59 -2.51 -31.44
C LEU B 233 -40.95 -3.88 -31.47
N GLY B 234 -40.76 -4.56 -30.32
CA GLY B 234 -40.02 -5.82 -30.33
C GLY B 234 -38.53 -5.60 -30.27
N ARG B 235 -38.07 -4.36 -30.11
CA ARG B 235 -36.62 -4.06 -30.10
C ARG B 235 -36.46 -2.58 -29.73
N LEU B 236 -35.22 -2.12 -29.63
CA LEU B 236 -34.94 -0.71 -29.42
C LEU B 236 -35.45 0.17 -30.56
N PRO B 237 -35.91 1.40 -30.25
CA PRO B 237 -36.38 2.33 -31.26
C PRO B 237 -35.25 3.00 -32.01
N VAL B 238 -34.00 2.62 -31.72
CA VAL B 238 -32.84 3.23 -32.43
C VAL B 238 -31.90 2.08 -32.75
N VAL B 239 -30.99 2.25 -33.68
CA VAL B 239 -30.01 1.19 -33.92
C VAL B 239 -28.95 1.15 -32.78
N ASN B 240 -28.35 -0.01 -32.59
CA ASN B 240 -27.38 -0.23 -31.51
C ASN B 240 -26.17 -0.96 -32.06
N PHE B 241 -25.01 -0.31 -32.12
CA PHE B 241 -23.84 -0.92 -32.73
C PHE B 241 -22.90 -1.41 -31.61
N ALA B 242 -22.14 -2.45 -31.88
CA ALA B 242 -21.09 -2.83 -30.94
C ALA B 242 -19.90 -1.92 -31.19
N ALA B 243 -19.23 -1.59 -30.09
CA ALA B 243 -18.03 -0.73 -30.15
C ALA B 243 -17.07 -1.06 -29.02
N GLY B 244 -15.78 -1.17 -29.33
CA GLY B 244 -14.74 -1.33 -28.32
C GLY B 244 -14.09 -2.66 -28.53
N GLY B 245 -12.86 -2.68 -29.05
CA GLY B 245 -12.13 -3.95 -29.12
C GLY B 245 -12.35 -4.82 -30.35
N VAL B 246 -13.32 -4.47 -31.21
CA VAL B 246 -13.60 -5.29 -32.40
C VAL B 246 -12.39 -5.21 -33.34
N THR B 247 -11.71 -6.35 -33.50
CA THR B 247 -10.43 -6.44 -34.16
C THR B 247 -10.47 -7.36 -35.38
N THR B 248 -10.93 -8.59 -35.23
CA THR B 248 -10.82 -9.55 -36.33
C THR B 248 -12.19 -9.64 -37.08
N PRO B 249 -12.18 -10.16 -38.31
CA PRO B 249 -13.48 -10.51 -38.94
C PRO B 249 -14.38 -11.36 -38.04
N ALA B 250 -13.83 -12.39 -37.39
CA ALA B 250 -14.65 -13.16 -36.45
C ALA B 250 -15.27 -12.32 -35.37
N ASP B 251 -14.53 -11.33 -34.83
CA ASP B 251 -15.10 -10.44 -33.79
C ASP B 251 -16.33 -9.71 -34.33
N ALA B 252 -16.21 -9.19 -35.55
CA ALA B 252 -17.26 -8.31 -36.09
C ALA B 252 -18.53 -9.13 -36.35
N ALA B 253 -18.37 -10.32 -36.93
CA ALA B 253 -19.47 -11.23 -37.16
C ALA B 253 -20.10 -11.72 -35.84
N LEU B 254 -19.28 -11.95 -34.81
CA LEU B 254 -19.79 -12.33 -33.49
C LEU B 254 -20.71 -11.25 -32.92
N MET B 255 -20.36 -9.98 -33.11
CA MET B 255 -21.23 -8.93 -32.54
C MET B 255 -22.60 -8.95 -33.23
N MET B 256 -22.61 -9.22 -34.53
CA MET B 256 -23.89 -9.43 -35.28
C MET B 256 -24.68 -10.65 -34.78
N HIS B 257 -23.98 -11.78 -34.60
CA HIS B 257 -24.55 -12.95 -33.94
C HIS B 257 -25.22 -12.66 -32.60
N LEU B 258 -24.64 -11.74 -31.83
CA LEU B 258 -25.19 -11.36 -30.55
C LEU B 258 -26.31 -10.32 -30.65
N GLY B 259 -26.63 -9.89 -31.86
CA GLY B 259 -27.79 -9.01 -31.98
C GLY B 259 -27.47 -7.54 -32.19
N ALA B 260 -26.21 -7.18 -32.46
CA ALA B 260 -25.86 -5.78 -32.82
C ALA B 260 -26.48 -5.42 -34.19
N ASP B 261 -26.68 -4.12 -34.46
CA ASP B 261 -27.12 -3.71 -35.80
C ASP B 261 -25.94 -3.44 -36.73
N GLY B 262 -24.74 -3.38 -36.17
CA GLY B 262 -23.56 -3.06 -36.91
C GLY B 262 -22.40 -2.86 -35.93
N VAL B 263 -21.27 -2.38 -36.44
CA VAL B 263 -20.06 -2.31 -35.59
C VAL B 263 -19.26 -1.00 -35.83
N PHE B 264 -18.67 -0.43 -34.75
CA PHE B 264 -17.65 0.60 -34.88
C PHE B 264 -16.31 -0.09 -34.73
N VAL B 265 -15.36 0.24 -35.62
CA VAL B 265 -14.00 -0.21 -35.48
C VAL B 265 -13.01 0.98 -35.44
N GLY B 266 -11.87 0.75 -34.80
CA GLY B 266 -10.88 1.80 -34.44
C GLY B 266 -9.75 1.89 -35.44
N SER B 267 -8.65 2.52 -35.02
CA SER B 267 -7.53 2.83 -35.93
C SER B 267 -6.68 1.67 -36.30
N GLY B 268 -6.92 0.50 -35.70
CA GLY B 268 -6.18 -0.72 -36.04
C GLY B 268 -6.12 -1.09 -37.50
N ILE B 269 -7.22 -0.83 -38.20
CA ILE B 269 -7.28 -1.06 -39.64
C ILE B 269 -6.06 -0.44 -40.33
N PHE B 270 -5.77 0.81 -39.96
CA PHE B 270 -4.74 1.59 -40.68
C PHE B 270 -3.32 1.40 -40.18
N LYS B 271 -3.16 0.61 -39.11
CA LYS B 271 -1.84 0.26 -38.55
C LYS B 271 -1.35 -0.99 -39.24
N SER B 272 -2.28 -1.62 -39.94
CA SER B 272 -2.13 -2.90 -40.55
C SER B 272 -1.24 -2.83 -41.78
N GLU B 273 -0.64 -3.95 -42.17
CA GLU B 273 0.18 -3.99 -43.40
C GLU B 273 -0.60 -3.70 -44.69
N ASN B 274 -1.88 -4.08 -44.70
CA ASN B 274 -2.74 -3.84 -45.84
C ASN B 274 -4.10 -3.35 -45.36
N PRO B 275 -4.22 -2.04 -45.09
CA PRO B 275 -5.47 -1.48 -44.57
C PRO B 275 -6.68 -1.66 -45.47
N GLU B 276 -6.50 -1.60 -46.79
CA GLU B 276 -7.65 -1.75 -47.69
C GLU B 276 -8.26 -3.16 -47.62
N LYS B 277 -7.40 -4.15 -47.57
CA LYS B 277 -7.80 -5.51 -47.43
C LYS B 277 -8.42 -5.76 -46.04
N TYR B 278 -7.80 -5.19 -45.02
CA TYR B 278 -8.35 -5.37 -43.69
C TYR B 278 -9.72 -4.65 -43.56
N ALA B 279 -9.83 -3.44 -44.10
CA ALA B 279 -11.10 -2.69 -44.06
C ALA B 279 -12.22 -3.54 -44.70
N ARG B 280 -11.93 -4.05 -45.88
CA ARG B 280 -12.87 -4.87 -46.62
C ARG B 280 -13.23 -6.20 -45.91
N ALA B 281 -12.24 -6.85 -45.26
CA ALA B 281 -12.56 -8.03 -44.43
C ALA B 281 -13.58 -7.76 -43.34
N ILE B 282 -13.50 -6.59 -42.73
CA ILE B 282 -14.42 -6.24 -41.64
C ILE B 282 -15.83 -5.93 -42.15
N VAL B 283 -15.87 -5.15 -43.23
CA VAL B 283 -17.13 -4.87 -43.91
C VAL B 283 -17.85 -6.17 -44.38
N GLU B 284 -17.14 -7.08 -45.04
CA GLU B 284 -17.73 -8.31 -45.55
C GLU B 284 -18.13 -9.25 -44.38
N ALA B 285 -17.37 -9.27 -43.27
CA ALA B 285 -17.72 -10.16 -42.15
C ALA B 285 -18.94 -9.63 -41.40
N THR B 286 -19.08 -8.32 -41.30
CA THR B 286 -20.23 -7.76 -40.57
C THR B 286 -21.52 -7.93 -41.40
N THR B 287 -21.43 -7.81 -42.71
CA THR B 287 -22.62 -7.95 -43.53
C THR B 287 -22.97 -9.44 -43.76
N HIS B 288 -21.96 -10.29 -44.02
CA HIS B 288 -22.18 -11.72 -44.21
C HIS B 288 -21.82 -12.51 -42.95
N TYR B 289 -22.47 -12.18 -41.84
CA TYR B 289 -22.00 -12.62 -40.57
C TYR B 289 -22.31 -14.07 -40.24
N GLU B 290 -23.06 -14.75 -41.09
CA GLU B 290 -23.19 -16.21 -40.91
C GLU B 290 -22.50 -17.01 -42.01
N ASP B 291 -21.71 -16.34 -42.84
CA ASP B 291 -21.04 -17.06 -43.92
C ASP B 291 -19.64 -17.47 -43.42
N TYR B 292 -19.59 -18.58 -42.69
CA TYR B 292 -18.40 -18.94 -41.92
C TYR B 292 -17.24 -19.30 -42.83
N GLU B 293 -17.54 -19.89 -43.97
CA GLU B 293 -16.52 -20.17 -44.93
C GLU B 293 -15.83 -18.92 -45.49
N LEU B 294 -16.63 -17.91 -45.77
CA LEU B 294 -16.14 -16.65 -46.21
C LEU B 294 -15.34 -15.99 -45.06
N ILE B 295 -15.89 -16.03 -43.86
CA ILE B 295 -15.21 -15.44 -42.71
C ILE B 295 -13.84 -16.12 -42.45
N ALA B 296 -13.78 -17.45 -42.60
CA ALA B 296 -12.54 -18.19 -42.52
C ALA B 296 -11.53 -17.72 -43.57
N HIS B 297 -12.01 -17.55 -44.80
CA HIS B 297 -11.17 -17.08 -45.89
C HIS B 297 -10.65 -15.67 -45.63
N LEU B 298 -11.52 -14.77 -45.20
CA LEU B 298 -11.10 -13.42 -44.87
C LEU B 298 -10.12 -13.36 -43.68
N SER B 299 -10.24 -14.26 -42.71
CA SER B 299 -9.28 -14.34 -41.64
C SER B 299 -7.81 -14.69 -42.09
N LYS B 300 -7.65 -15.33 -43.24
CA LYS B 300 -6.32 -15.75 -43.69
C LYS B 300 -5.45 -14.56 -44.04
N GLY B 301 -4.23 -14.57 -43.50
CA GLY B 301 -3.31 -13.43 -43.51
C GLY B 301 -3.93 -12.07 -43.14
N LEU B 302 -4.59 -11.97 -41.99
CA LEU B 302 -5.25 -10.70 -41.54
C LEU B 302 -6.70 -10.44 -42.11
N LYS C 49 -6.17 -45.57 -23.58
CA LYS C 49 -6.08 -44.87 -22.27
C LYS C 49 -4.65 -44.55 -21.88
N GLY C 50 -4.44 -43.31 -21.45
CA GLY C 50 -3.12 -42.83 -21.13
C GLY C 50 -2.54 -42.17 -22.35
N GLY C 51 -3.41 -41.55 -23.15
CA GLY C 51 -3.00 -40.84 -24.34
C GLY C 51 -2.37 -39.50 -24.02
N VAL C 52 -1.41 -39.09 -24.86
CA VAL C 52 -0.76 -37.78 -24.73
C VAL C 52 -1.02 -36.85 -25.93
N ILE C 53 -1.51 -35.65 -25.63
CA ILE C 53 -1.66 -34.59 -26.62
C ILE C 53 -0.60 -33.52 -26.33
N MET C 54 0.05 -33.03 -27.39
CA MET C 54 1.17 -32.12 -27.27
C MET C 54 0.89 -30.81 -28.00
N ASP C 55 1.17 -29.68 -27.35
CA ASP C 55 1.15 -28.36 -28.00
C ASP C 55 2.32 -28.26 -28.99
N VAL C 56 2.01 -27.82 -30.21
CA VAL C 56 3.04 -27.70 -31.26
C VAL C 56 2.78 -26.37 -31.99
N VAL C 57 3.84 -25.72 -32.45
CA VAL C 57 3.69 -24.39 -33.08
C VAL C 57 4.03 -24.38 -34.58
N ASN C 58 4.49 -25.51 -35.10
CA ASN C 58 4.86 -25.62 -36.51
C ASN C 58 4.86 -27.07 -36.98
N ALA C 59 5.13 -27.26 -38.27
CA ALA C 59 5.24 -28.57 -38.88
C ALA C 59 6.26 -29.48 -38.20
N GLU C 60 7.49 -28.99 -38.00
CA GLU C 60 8.54 -29.82 -37.41
C GLU C 60 8.11 -30.40 -36.07
N GLN C 61 7.60 -29.53 -35.19
CA GLN C 61 7.15 -29.94 -33.85
C GLN C 61 6.04 -30.96 -33.93
N ALA C 62 5.09 -30.72 -34.83
CA ALA C 62 3.98 -31.63 -35.04
C ALA C 62 4.42 -33.06 -35.42
N LYS C 63 5.42 -33.16 -36.31
CA LYS C 63 5.87 -34.47 -36.76
C LYS C 63 6.68 -35.16 -35.67
N ILE C 64 7.45 -34.39 -34.91
CA ILE C 64 8.15 -34.94 -33.72
C ILE C 64 7.12 -35.57 -32.76
N ALA C 65 6.04 -34.85 -32.50
CA ALA C 65 4.95 -35.33 -31.63
C ALA C 65 4.33 -36.64 -32.14
N GLU C 66 3.99 -36.67 -33.45
CA GLU C 66 3.37 -37.84 -34.05
C GLU C 66 4.32 -39.04 -33.94
N ALA C 67 5.60 -38.85 -34.27
CA ALA C 67 6.58 -39.95 -34.20
C ALA C 67 6.86 -40.36 -32.74
N ALA C 68 6.54 -39.48 -31.76
CA ALA C 68 6.79 -39.82 -30.36
C ALA C 68 5.64 -40.66 -29.76
N GLY C 69 4.48 -40.79 -30.59
CA GLY C 69 3.37 -41.58 -30.05
C GLY C 69 2.24 -40.75 -29.46
N ALA C 70 2.25 -39.45 -29.70
CA ALA C 70 1.16 -38.57 -29.23
C ALA C 70 -0.15 -38.97 -29.92
N VAL C 71 -1.28 -38.93 -29.23
CA VAL C 71 -2.56 -39.24 -29.88
C VAL C 71 -3.16 -38.08 -30.69
N ALA C 72 -2.82 -36.85 -30.33
CA ALA C 72 -3.25 -35.67 -31.08
C ALA C 72 -2.24 -34.57 -30.86
N VAL C 73 -2.34 -33.51 -31.67
CA VAL C 73 -1.55 -32.30 -31.47
C VAL C 73 -2.48 -31.13 -31.32
N MET C 74 -2.05 -30.13 -30.56
CA MET C 74 -2.83 -28.92 -30.36
C MET C 74 -2.04 -27.82 -31.03
N ALA C 75 -2.53 -27.32 -32.16
CA ALA C 75 -1.85 -26.25 -32.88
C ALA C 75 -2.00 -24.91 -32.14
N LEU C 76 -0.88 -24.27 -31.80
CA LEU C 76 -0.89 -22.98 -31.08
C LEU C 76 -0.26 -21.89 -31.93
N GLU C 77 -0.74 -20.66 -31.80
CA GLU C 77 -0.07 -19.57 -32.54
C GLU C 77 1.18 -19.16 -31.81
N GLY C 87 -0.57 -5.47 -22.46
CA GLY C 87 -1.19 -6.72 -21.98
C GLY C 87 -1.36 -7.87 -22.99
N GLY C 88 -1.59 -7.52 -24.27
CA GLY C 88 -1.71 -8.51 -25.37
C GLY C 88 -2.97 -9.39 -25.29
N VAL C 89 -3.86 -9.23 -26.26
CA VAL C 89 -5.03 -10.10 -26.36
C VAL C 89 -4.65 -11.37 -27.07
N ALA C 90 -4.99 -12.51 -26.47
CA ALA C 90 -4.74 -13.79 -27.09
C ALA C 90 -6.04 -14.30 -27.76
N ARG C 91 -5.98 -14.46 -29.07
CA ARG C 91 -7.15 -14.83 -29.89
C ARG C 91 -6.87 -16.15 -30.59
N MET C 92 -7.85 -16.60 -31.39
CA MET C 92 -7.70 -17.81 -32.20
C MET C 92 -6.48 -17.69 -33.10
N ALA C 93 -5.80 -18.79 -33.37
CA ALA C 93 -4.59 -18.74 -34.20
C ALA C 93 -4.88 -18.34 -35.65
N ASP C 94 -3.83 -17.90 -36.35
CA ASP C 94 -3.92 -17.56 -37.77
C ASP C 94 -4.17 -18.85 -38.51
N PRO C 95 -5.16 -18.83 -39.43
CA PRO C 95 -5.49 -20.01 -40.22
C PRO C 95 -4.29 -20.69 -40.88
N THR C 96 -3.26 -19.93 -41.26
CA THR C 96 -2.05 -20.48 -41.87
C THR C 96 -1.29 -21.40 -40.93
N VAL C 97 -1.29 -21.07 -39.64
CA VAL C 97 -0.56 -21.88 -38.67
C VAL C 97 -1.24 -23.23 -38.51
N ILE C 98 -2.56 -23.19 -38.50
CA ILE C 98 -3.41 -24.36 -38.37
C ILE C 98 -3.33 -25.31 -39.58
N GLU C 99 -3.38 -24.74 -40.77
CA GLU C 99 -3.35 -25.56 -41.99
C GLU C 99 -1.97 -26.18 -42.13
N GLU C 100 -0.96 -25.48 -41.63
CA GLU C 100 0.41 -25.99 -41.62
C GLU C 100 0.55 -27.20 -40.71
N VAL C 101 0.00 -27.14 -39.50
CA VAL C 101 0.02 -28.28 -38.59
C VAL C 101 -0.83 -29.45 -39.16
N MET C 102 -2.02 -29.14 -39.70
CA MET C 102 -2.90 -30.15 -40.33
C MET C 102 -2.23 -30.93 -41.47
N ASN C 103 -1.43 -30.27 -42.29
CA ASN C 103 -0.78 -30.97 -43.39
C ASN C 103 0.41 -31.76 -42.93
N ALA C 104 0.91 -31.48 -41.73
CA ALA C 104 2.14 -32.12 -41.26
C ALA C 104 1.93 -33.53 -40.70
N VAL C 105 0.71 -33.85 -40.26
CA VAL C 105 0.48 -35.09 -39.50
C VAL C 105 -0.79 -35.83 -39.89
N SER C 106 -0.84 -37.13 -39.58
CA SER C 106 -2.06 -37.91 -39.77
C SER C 106 -2.93 -37.93 -38.55
N ILE C 107 -2.35 -37.69 -37.37
CA ILE C 107 -3.13 -37.71 -36.13
C ILE C 107 -4.01 -36.46 -36.00
N PRO C 108 -5.08 -36.52 -35.18
CA PRO C 108 -5.97 -35.39 -34.98
C PRO C 108 -5.26 -34.08 -34.63
N VAL C 109 -5.81 -32.95 -35.08
CA VAL C 109 -5.26 -31.64 -34.82
C VAL C 109 -6.33 -30.83 -34.12
N MET C 110 -5.99 -30.30 -32.95
CA MET C 110 -6.90 -29.47 -32.17
C MET C 110 -6.44 -28.01 -32.22
N ALA C 111 -7.33 -27.07 -31.87
CA ALA C 111 -6.95 -25.67 -31.87
C ALA C 111 -7.88 -24.92 -30.92
N LYS C 112 -7.43 -23.76 -30.44
CA LYS C 112 -8.13 -23.07 -29.36
C LYS C 112 -8.94 -21.90 -29.87
N VAL C 113 -10.08 -21.66 -29.23
CA VAL C 113 -10.82 -20.42 -29.34
C VAL C 113 -11.02 -19.76 -27.98
N ARG C 114 -11.32 -18.47 -28.01
CA ARG C 114 -11.65 -17.73 -26.83
C ARG C 114 -13.01 -18.20 -26.30
N ILE C 115 -13.12 -18.19 -24.96
CA ILE C 115 -14.36 -18.54 -24.31
C ILE C 115 -15.52 -17.66 -24.83
N GLY C 116 -16.58 -18.32 -25.28
CA GLY C 116 -17.78 -17.63 -25.76
C GLY C 116 -17.70 -17.19 -27.22
N HIS C 117 -16.57 -17.43 -27.88
CA HIS C 117 -16.39 -16.81 -29.22
C HIS C 117 -16.94 -17.78 -30.26
N TYR C 118 -18.25 -17.70 -30.40
CA TYR C 118 -18.99 -18.56 -31.30
C TYR C 118 -18.42 -18.53 -32.70
N VAL C 119 -18.10 -17.35 -33.21
CA VAL C 119 -17.62 -17.28 -34.62
C VAL C 119 -16.20 -17.80 -34.82
N GLU C 120 -15.31 -17.53 -33.85
CA GLU C 120 -13.97 -18.19 -33.91
C GLU C 120 -14.14 -19.70 -34.04
N ALA C 121 -15.12 -20.24 -33.31
CA ALA C 121 -15.29 -21.68 -33.33
C ALA C 121 -15.83 -22.13 -34.71
N ARG C 122 -16.75 -21.36 -35.29
CA ARG C 122 -17.25 -21.72 -36.64
C ARG C 122 -16.18 -21.58 -37.71
N VAL C 123 -15.29 -20.61 -37.58
CA VAL C 123 -14.13 -20.49 -38.46
C VAL C 123 -13.23 -21.72 -38.34
N LEU C 124 -12.88 -22.11 -37.11
CA LEU C 124 -12.03 -23.33 -36.97
C LEU C 124 -12.71 -24.55 -37.52
N GLU C 125 -14.01 -24.65 -37.30
CA GLU C 125 -14.81 -25.71 -37.87
C GLU C 125 -14.69 -25.73 -39.40
N ALA C 126 -14.86 -24.57 -40.04
CA ALA C 126 -14.75 -24.50 -41.50
C ALA C 126 -13.36 -24.86 -41.99
N LEU C 127 -12.32 -24.55 -41.22
CA LEU C 127 -10.92 -24.82 -41.65
C LEU C 127 -10.60 -26.30 -41.58
N GLY C 128 -11.48 -27.04 -40.93
CA GLY C 128 -11.33 -28.48 -40.87
C GLY C 128 -10.63 -29.03 -39.65
N VAL C 129 -10.58 -28.30 -38.53
CA VAL C 129 -9.90 -28.87 -37.35
C VAL C 129 -10.67 -30.07 -36.82
N ASP C 130 -9.98 -31.03 -36.19
CA ASP C 130 -10.66 -32.18 -35.58
C ASP C 130 -11.28 -31.94 -34.21
N TYR C 131 -10.82 -30.90 -33.53
CA TYR C 131 -11.28 -30.68 -32.16
C TYR C 131 -11.03 -29.23 -31.80
N ILE C 132 -11.94 -28.64 -31.06
CA ILE C 132 -11.76 -27.29 -30.61
C ILE C 132 -11.65 -27.24 -29.08
N ASP C 133 -10.63 -26.55 -28.59
CA ASP C 133 -10.49 -26.27 -27.16
C ASP C 133 -11.04 -24.87 -26.89
N GLU C 134 -12.19 -24.81 -26.22
CA GLU C 134 -12.72 -23.53 -25.76
C GLU C 134 -11.91 -23.16 -24.50
N SER C 135 -10.92 -22.29 -24.67
CA SER C 135 -9.82 -22.24 -23.73
C SER C 135 -9.69 -20.98 -22.92
N GLU C 136 -9.68 -21.17 -21.59
CA GLU C 136 -9.51 -20.10 -20.63
C GLU C 136 -8.14 -19.46 -20.67
N VAL C 137 -7.19 -20.01 -21.43
CA VAL C 137 -5.88 -19.34 -21.58
C VAL C 137 -5.78 -18.29 -22.71
N LEU C 138 -6.66 -18.40 -23.70
CA LEU C 138 -6.94 -17.26 -24.59
C LEU C 138 -7.69 -16.19 -23.78
N THR C 139 -7.71 -14.95 -24.26
CA THR C 139 -8.47 -13.93 -23.59
C THR C 139 -9.99 -14.14 -23.75
N PRO C 140 -10.71 -14.39 -22.64
CA PRO C 140 -12.17 -14.70 -22.83
C PRO C 140 -12.92 -13.62 -23.62
N ALA C 141 -13.76 -14.06 -24.56
CA ALA C 141 -14.65 -13.15 -25.35
C ALA C 141 -15.97 -12.88 -24.63
N ASP C 142 -16.44 -13.85 -23.87
CA ASP C 142 -17.72 -13.74 -23.13
C ASP C 142 -17.47 -14.22 -21.70
N GLU C 143 -17.53 -13.32 -20.74
CA GLU C 143 -17.30 -13.76 -19.36
C GLU C 143 -18.48 -14.49 -18.71
N GLU C 144 -19.63 -14.57 -19.37
CA GLU C 144 -20.82 -15.14 -18.73
C GLU C 144 -21.32 -16.39 -19.41
N PHE C 145 -21.20 -16.45 -20.73
CA PHE C 145 -21.81 -17.51 -21.49
C PHE C 145 -20.80 -18.23 -22.33
N HIS C 146 -20.69 -19.56 -22.15
CA HIS C 146 -19.82 -20.32 -22.98
C HIS C 146 -20.55 -20.59 -24.30
N ILE C 147 -19.81 -21.00 -25.33
CA ILE C 147 -20.40 -21.39 -26.61
C ILE C 147 -21.42 -22.52 -26.46
N ASP C 148 -22.51 -22.44 -27.21
CA ASP C 148 -23.45 -23.54 -27.26
C ASP C 148 -22.91 -24.59 -28.22
N LYS C 149 -22.06 -25.47 -27.68
CA LYS C 149 -21.33 -26.44 -28.44
C LYS C 149 -22.21 -27.50 -29.12
N ARG C 150 -23.41 -27.69 -28.60
CA ARG C 150 -24.39 -28.61 -29.17
C ARG C 150 -24.71 -28.28 -30.63
N GLN C 151 -24.47 -27.03 -31.01
CA GLN C 151 -24.86 -26.54 -32.34
C GLN C 151 -23.81 -26.86 -33.42
N PHE C 152 -22.68 -27.44 -33.01
CA PHE C 152 -21.54 -27.62 -33.88
C PHE C 152 -21.39 -29.08 -34.25
N THR C 153 -20.76 -29.33 -35.39
CA THR C 153 -20.46 -30.70 -35.69
C THR C 153 -19.05 -31.05 -35.19
N VAL C 154 -18.12 -30.09 -35.15
CA VAL C 154 -16.81 -30.42 -34.56
C VAL C 154 -16.96 -30.55 -33.02
N PRO C 155 -16.34 -31.58 -32.42
CA PRO C 155 -16.32 -31.71 -30.98
C PRO C 155 -15.45 -30.67 -30.25
N PHE C 156 -15.81 -30.38 -29.01
CA PHE C 156 -15.09 -29.42 -28.16
C PHE C 156 -14.52 -30.09 -26.89
N VAL C 157 -13.34 -29.63 -26.46
CA VAL C 157 -12.83 -29.90 -25.11
C VAL C 157 -12.93 -28.64 -24.29
N CYS C 158 -13.33 -28.80 -23.03
CA CYS C 158 -13.39 -27.66 -22.11
C CYS C 158 -12.69 -27.96 -20.81
N GLY C 159 -12.29 -26.91 -20.08
CA GLY C 159 -11.66 -27.11 -18.79
C GLY C 159 -12.68 -27.15 -17.66
N CYS C 160 -12.30 -27.75 -16.54
CA CYS C 160 -13.16 -27.71 -15.35
C CYS C 160 -12.28 -27.91 -14.11
N ARG C 161 -12.80 -27.50 -12.95
CA ARG C 161 -12.06 -27.61 -11.68
C ARG C 161 -12.78 -28.45 -10.64
N ASP C 162 -14.04 -28.77 -10.93
CA ASP C 162 -14.94 -29.47 -10.01
C ASP C 162 -16.07 -30.08 -10.86
N LEU C 163 -16.89 -30.92 -10.27
CA LEU C 163 -17.93 -31.66 -11.02
C LEU C 163 -19.07 -30.73 -11.51
N GLY C 164 -19.45 -29.76 -10.69
CA GLY C 164 -20.44 -28.78 -11.16
C GLY C 164 -20.04 -28.15 -12.48
N GLU C 165 -18.80 -27.70 -12.56
CA GLU C 165 -18.28 -27.02 -13.74
C GLU C 165 -18.25 -28.02 -14.87
N ALA C 166 -17.75 -29.23 -14.59
CA ALA C 166 -17.70 -30.28 -15.59
C ALA C 166 -19.10 -30.58 -16.15
N ALA C 167 -20.11 -30.61 -15.27
CA ALA C 167 -21.46 -30.94 -15.75
C ALA C 167 -22.10 -29.79 -16.56
N ARG C 168 -21.86 -28.54 -16.16
CA ARG C 168 -22.29 -27.40 -16.99
C ARG C 168 -21.66 -27.44 -18.37
N ARG C 169 -20.36 -27.73 -18.48
CA ARG C 169 -19.69 -27.80 -19.78
C ARG C 169 -20.29 -28.93 -20.62
N ILE C 170 -20.60 -30.07 -19.99
CA ILE C 170 -21.22 -31.19 -20.71
C ILE C 170 -22.65 -30.80 -21.20
N ALA C 171 -23.41 -30.09 -20.35
CA ALA C 171 -24.77 -29.66 -20.74
C ALA C 171 -24.73 -28.64 -21.89
N GLU C 172 -23.63 -27.89 -22.00
CA GLU C 172 -23.41 -27.00 -23.14
C GLU C 172 -22.98 -27.78 -24.40
N GLY C 173 -22.62 -29.05 -24.22
CA GLY C 173 -22.25 -29.91 -25.33
C GLY C 173 -20.78 -30.27 -25.46
N ALA C 174 -19.96 -30.07 -24.42
CA ALA C 174 -18.53 -30.49 -24.47
C ALA C 174 -18.46 -31.99 -24.74
N SER C 175 -17.56 -32.41 -25.62
CA SER C 175 -17.35 -33.82 -25.92
C SER C 175 -16.18 -34.38 -25.12
N MET C 176 -15.40 -33.53 -24.46
CA MET C 176 -14.20 -33.97 -23.78
C MET C 176 -13.91 -32.90 -22.73
N LEU C 177 -13.29 -33.34 -21.63
CA LEU C 177 -12.93 -32.42 -20.54
C LEU C 177 -11.45 -32.51 -20.23
N ARG C 178 -10.94 -31.47 -19.56
CA ARG C 178 -9.55 -31.44 -19.06
C ARG C 178 -9.55 -30.55 -17.81
N THR C 179 -8.52 -30.69 -16.97
CA THR C 179 -8.38 -29.83 -15.81
C THR C 179 -7.99 -28.44 -16.31
N LYS C 180 -8.33 -27.41 -15.58
CA LYS C 180 -7.78 -26.11 -15.88
C LYS C 180 -6.27 -26.04 -15.55
N GLY C 181 -5.86 -26.64 -14.42
CA GLY C 181 -4.46 -26.57 -13.99
C GLY C 181 -3.98 -25.11 -13.86
N GLU C 182 -2.67 -24.93 -13.94
CA GLU C 182 -2.06 -23.60 -13.92
C GLU C 182 -0.98 -23.61 -15.01
N PRO C 183 -1.38 -23.42 -16.28
CA PRO C 183 -0.49 -23.44 -17.46
C PRO C 183 0.69 -22.48 -17.39
N GLY C 184 1.85 -22.94 -17.86
CA GLY C 184 3.00 -22.08 -18.01
C GLY C 184 3.89 -21.97 -16.79
N THR C 185 3.56 -22.69 -15.70
CA THR C 185 4.29 -22.58 -14.43
C THR C 185 5.18 -23.80 -14.22
N GLY C 186 4.87 -24.88 -14.93
CA GLY C 186 5.55 -26.16 -14.76
C GLY C 186 5.10 -26.78 -13.45
N ASN C 187 4.04 -26.24 -12.86
CA ASN C 187 3.57 -26.68 -11.54
C ASN C 187 2.28 -27.50 -11.66
N ILE C 188 2.28 -28.74 -11.18
CA ILE C 188 1.09 -29.58 -11.34
C ILE C 188 0.07 -29.39 -10.21
N VAL C 189 0.37 -28.57 -9.23
CA VAL C 189 -0.45 -28.55 -8.02
C VAL C 189 -1.93 -28.31 -8.30
N GLU C 190 -2.23 -27.42 -9.26
CA GLU C 190 -3.62 -27.08 -9.57
C GLU C 190 -4.31 -28.19 -10.37
N ALA C 191 -3.60 -28.77 -11.35
CA ALA C 191 -4.10 -29.88 -12.12
C ALA C 191 -4.45 -31.04 -11.21
N VAL C 192 -3.59 -31.28 -10.20
CA VAL C 192 -3.84 -32.31 -9.17
C VAL C 192 -5.10 -31.98 -8.35
N ARG C 193 -5.23 -30.71 -7.94
CA ARG C 193 -6.40 -30.26 -7.19
C ARG C 193 -7.69 -30.54 -8.00
N HIS C 194 -7.66 -30.22 -9.29
CA HIS C 194 -8.89 -30.32 -10.10
C HIS C 194 -9.22 -31.78 -10.35
N MET C 195 -8.20 -32.59 -10.63
CA MET C 195 -8.42 -34.01 -10.90
C MET C 195 -8.89 -34.72 -9.60
N ARG C 196 -8.21 -34.45 -8.48
CA ARG C 196 -8.69 -34.89 -7.16
C ARG C 196 -10.17 -34.50 -6.92
N LYS C 197 -10.49 -33.22 -7.18
CA LYS C 197 -11.83 -32.70 -6.87
C LYS C 197 -12.91 -33.41 -7.73
N VAL C 198 -12.70 -33.42 -9.02
CA VAL C 198 -13.68 -34.02 -9.94
C VAL C 198 -13.86 -35.49 -9.64
N ASN C 199 -12.76 -36.21 -9.47
CA ASN C 199 -12.88 -37.64 -9.31
C ASN C 199 -13.51 -38.03 -7.97
N ALA C 200 -13.16 -37.30 -6.90
CA ALA C 200 -13.76 -37.56 -5.60
C ALA C 200 -15.28 -37.31 -5.66
N GLN C 201 -15.67 -36.22 -6.32
CA GLN C 201 -17.08 -35.90 -6.48
C GLN C 201 -17.82 -36.95 -7.30
N ILE C 202 -17.16 -37.48 -8.32
CA ILE C 202 -17.76 -38.53 -9.12
C ILE C 202 -17.96 -39.78 -8.26
N ARG C 203 -16.94 -40.16 -7.47
CA ARG C 203 -17.06 -41.38 -6.64
C ARG C 203 -18.27 -41.24 -5.69
N LYS C 204 -18.42 -40.06 -5.10
CA LYS C 204 -19.50 -39.80 -4.20
C LYS C 204 -20.85 -39.91 -4.94
N VAL C 205 -20.96 -39.31 -6.12
CA VAL C 205 -22.21 -39.38 -6.88
C VAL C 205 -22.59 -40.82 -7.28
N VAL C 206 -21.58 -41.60 -7.71
CA VAL C 206 -21.79 -42.97 -8.15
C VAL C 206 -22.36 -43.84 -7.02
N ASN C 207 -21.92 -43.59 -5.80
CA ASN C 207 -22.34 -44.44 -4.68
C ASN C 207 -23.47 -43.83 -3.90
N MET C 208 -23.90 -42.60 -4.23
CA MET C 208 -24.90 -41.99 -3.36
C MET C 208 -26.33 -42.49 -3.58
N SER C 209 -27.13 -42.39 -2.53
CA SER C 209 -28.55 -42.65 -2.65
C SER C 209 -29.23 -41.81 -3.78
N GLU C 210 -29.93 -42.52 -4.67
CA GLU C 210 -30.57 -41.93 -5.87
C GLU C 210 -31.47 -40.75 -5.53
N ASP C 211 -32.24 -40.85 -4.44
CA ASP C 211 -33.15 -39.76 -4.05
C ASP C 211 -32.43 -38.51 -3.52
N GLU C 212 -31.10 -38.57 -3.38
CA GLU C 212 -30.30 -37.42 -2.95
C GLU C 212 -29.67 -36.67 -4.12
N LEU C 213 -29.81 -37.14 -5.36
CA LEU C 213 -29.12 -36.44 -6.48
C LEU C 213 -29.62 -35.06 -6.81
N VAL C 214 -30.95 -34.85 -6.77
CA VAL C 214 -31.45 -33.51 -7.07
C VAL C 214 -30.85 -32.45 -6.13
N ALA C 215 -30.83 -32.71 -4.82
CA ALA C 215 -30.23 -31.81 -3.84
C ALA C 215 -28.72 -31.68 -4.12
N GLU C 216 -28.08 -32.78 -4.50
CA GLU C 216 -26.66 -32.76 -4.76
C GLU C 216 -26.32 -31.85 -5.95
N ALA C 217 -27.11 -31.98 -7.03
CA ALA C 217 -26.97 -31.12 -8.22
C ALA C 217 -27.13 -29.66 -7.87
N LYS C 218 -28.09 -29.38 -7.00
CA LYS C 218 -28.30 -28.03 -6.55
C LYS C 218 -27.08 -27.50 -5.80
N GLN C 219 -26.52 -28.28 -4.90
CA GLN C 219 -25.35 -27.83 -4.16
C GLN C 219 -24.13 -27.67 -5.10
N LEU C 220 -23.95 -28.60 -6.05
CA LEU C 220 -22.81 -28.52 -6.95
C LEU C 220 -22.96 -27.48 -8.04
N GLY C 221 -24.16 -26.93 -8.22
CA GLY C 221 -24.49 -26.14 -9.43
C GLY C 221 -24.41 -27.00 -10.70
N ALA C 222 -24.65 -28.31 -10.56
CA ALA C 222 -24.67 -29.25 -11.71
C ALA C 222 -26.10 -29.44 -12.29
N PRO C 223 -26.20 -29.67 -13.62
CA PRO C 223 -27.40 -30.30 -14.22
C PRO C 223 -27.63 -31.71 -13.65
N VAL C 224 -28.78 -31.94 -13.00
CA VAL C 224 -29.07 -33.25 -12.44
C VAL C 224 -29.08 -34.39 -13.49
N GLU C 225 -29.45 -34.12 -14.72
CA GLU C 225 -29.43 -35.21 -15.71
C GLU C 225 -28.00 -35.73 -15.93
N VAL C 226 -27.02 -34.83 -15.93
CA VAL C 226 -25.62 -35.24 -16.01
C VAL C 226 -25.21 -36.07 -14.74
N LEU C 227 -25.59 -35.62 -13.55
CA LEU C 227 -25.30 -36.45 -12.35
C LEU C 227 -25.89 -37.85 -12.47
N ARG C 228 -27.11 -37.96 -13.01
CA ARG C 228 -27.79 -39.26 -13.13
C ARG C 228 -27.10 -40.15 -14.17
N GLU C 229 -26.57 -39.53 -15.23
CA GLU C 229 -25.81 -40.21 -16.26
C GLU C 229 -24.48 -40.75 -15.72
N ILE C 230 -23.78 -39.91 -14.96
CA ILE C 230 -22.58 -40.30 -14.23
C ILE C 230 -22.83 -41.48 -13.30
N LYS C 231 -23.88 -41.41 -12.50
CA LYS C 231 -24.25 -42.51 -11.62
C LYS C 231 -24.51 -43.78 -12.43
N ARG C 232 -25.24 -43.64 -13.54
CA ARG C 232 -25.51 -44.79 -14.43
C ARG C 232 -24.21 -45.41 -15.03
N LEU C 233 -23.30 -44.57 -15.48
CA LEU C 233 -22.07 -45.03 -16.13
C LEU C 233 -20.96 -45.44 -15.16
N GLY C 234 -21.00 -44.93 -13.93
CA GLY C 234 -19.92 -45.13 -12.97
C GLY C 234 -18.75 -44.17 -13.21
N ARG C 235 -18.91 -43.19 -14.12
CA ARG C 235 -17.84 -42.27 -14.49
C ARG C 235 -18.42 -41.17 -15.38
N LEU C 236 -17.60 -40.20 -15.77
CA LEU C 236 -18.06 -39.14 -16.69
C LEU C 236 -18.42 -39.72 -18.07
N PRO C 237 -19.44 -39.13 -18.72
CA PRO C 237 -19.78 -39.61 -20.07
C PRO C 237 -18.77 -39.23 -21.18
N VAL C 238 -17.71 -38.50 -20.84
CA VAL C 238 -16.68 -38.07 -21.78
C VAL C 238 -15.33 -38.34 -21.13
N VAL C 239 -14.23 -38.38 -21.89
CA VAL C 239 -12.90 -38.55 -21.26
C VAL C 239 -12.46 -37.24 -20.60
N ASN C 240 -11.61 -37.35 -19.59
CA ASN C 240 -11.15 -36.17 -18.84
C ASN C 240 -9.61 -36.25 -18.78
N PHE C 241 -8.90 -35.29 -19.36
CA PHE C 241 -7.44 -35.34 -19.37
C PHE C 241 -6.88 -34.34 -18.33
N ALA C 242 -5.70 -34.63 -17.81
CA ALA C 242 -4.98 -33.64 -17.02
C ALA C 242 -4.25 -32.66 -17.95
N ALA C 243 -4.15 -31.41 -17.52
CA ALA C 243 -3.55 -30.35 -18.32
C ALA C 243 -3.10 -29.21 -17.40
N GLY C 244 -1.87 -28.75 -17.59
CA GLY C 244 -1.34 -27.63 -16.82
C GLY C 244 -0.17 -28.07 -15.96
N GLY C 245 1.04 -27.73 -16.36
CA GLY C 245 2.15 -27.98 -15.48
C GLY C 245 2.74 -29.38 -15.50
N VAL C 246 2.14 -30.29 -16.28
CA VAL C 246 2.69 -31.66 -16.42
C VAL C 246 4.05 -31.57 -17.11
N THR C 247 5.12 -31.87 -16.37
CA THR C 247 6.46 -31.62 -16.87
C THR C 247 7.31 -32.89 -16.97
N THR C 248 7.37 -33.66 -15.89
CA THR C 248 8.26 -34.81 -15.86
C THR C 248 7.47 -36.08 -16.22
N PRO C 249 8.18 -37.16 -16.60
CA PRO C 249 7.48 -38.43 -16.70
C PRO C 249 6.75 -38.85 -15.42
N ALA C 250 7.31 -38.52 -14.25
CA ALA C 250 6.63 -38.81 -12.99
C ALA C 250 5.33 -38.02 -12.84
N ASP C 251 5.29 -36.79 -13.37
CA ASP C 251 4.09 -35.94 -13.39
C ASP C 251 3.00 -36.64 -14.20
N ALA C 252 3.33 -37.05 -15.43
CA ALA C 252 2.34 -37.65 -16.33
C ALA C 252 1.74 -38.92 -15.72
N ALA C 253 2.59 -39.81 -15.21
CA ALA C 253 2.15 -41.04 -14.56
C ALA C 253 1.29 -40.77 -13.31
N LEU C 254 1.64 -39.72 -12.56
CA LEU C 254 0.88 -39.35 -11.38
C LEU C 254 -0.54 -38.94 -11.77
N MET C 255 -0.67 -38.21 -12.87
CA MET C 255 -2.03 -37.86 -13.30
C MET C 255 -2.85 -39.10 -13.61
N MET C 256 -2.23 -40.07 -14.28
CA MET C 256 -2.89 -41.33 -14.55
C MET C 256 -3.28 -42.05 -13.24
N HIS C 257 -2.32 -42.18 -12.30
CA HIS C 257 -2.60 -42.64 -10.94
C HIS C 257 -3.79 -41.95 -10.27
N LEU C 258 -3.97 -40.65 -10.52
CA LEU C 258 -5.05 -39.91 -9.89
C LEU C 258 -6.39 -40.07 -10.64
N GLY C 259 -6.40 -40.88 -11.69
CA GLY C 259 -7.63 -41.19 -12.39
C GLY C 259 -7.91 -40.43 -13.69
N ALA C 260 -6.93 -39.72 -14.24
CA ALA C 260 -7.08 -39.02 -15.54
C ALA C 260 -7.18 -40.06 -16.66
N ASP C 261 -7.75 -39.68 -17.81
CA ASP C 261 -7.80 -40.62 -18.94
C ASP C 261 -6.60 -40.41 -19.84
N GLY C 262 -5.83 -39.37 -19.57
CA GLY C 262 -4.71 -39.00 -20.42
C GLY C 262 -4.20 -37.62 -20.02
N VAL C 263 -3.29 -37.08 -20.83
CA VAL C 263 -2.51 -35.91 -20.42
C VAL C 263 -2.32 -34.92 -21.61
N PHE C 264 -2.53 -33.63 -21.39
CA PHE C 264 -1.99 -32.59 -22.29
C PHE C 264 -0.64 -32.08 -21.74
N VAL C 265 0.34 -31.90 -22.64
CA VAL C 265 1.65 -31.32 -22.30
C VAL C 265 1.96 -30.16 -23.25
N GLY C 266 2.79 -29.23 -22.79
CA GLY C 266 3.01 -27.97 -23.49
C GLY C 266 4.31 -27.86 -24.25
N SER C 267 4.72 -26.62 -24.47
CA SER C 267 5.87 -26.29 -25.33
C SER C 267 7.20 -26.58 -24.72
N GLY C 268 7.20 -26.91 -23.42
CA GLY C 268 8.45 -27.29 -22.73
C GLY C 268 9.17 -28.47 -23.36
N ILE C 269 8.42 -29.35 -24.02
CA ILE C 269 8.99 -30.51 -24.70
C ILE C 269 10.06 -30.04 -25.67
N PHE C 270 9.81 -28.89 -26.29
CA PHE C 270 10.67 -28.42 -27.35
C PHE C 270 11.78 -27.48 -26.89
N LYS C 271 11.71 -27.01 -25.64
CA LYS C 271 12.81 -26.26 -25.02
C LYS C 271 13.94 -27.19 -24.61
N SER C 272 13.59 -28.47 -24.51
CA SER C 272 14.48 -29.50 -24.00
C SER C 272 15.71 -29.72 -24.88
N GLU C 273 16.74 -30.34 -24.31
CA GLU C 273 17.98 -30.70 -25.01
C GLU C 273 17.75 -31.68 -26.17
N ASN C 274 16.79 -32.59 -25.96
CA ASN C 274 16.44 -33.65 -26.90
C ASN C 274 14.93 -33.86 -26.89
N PRO C 275 14.20 -33.03 -27.65
CA PRO C 275 12.72 -33.01 -27.62
C PRO C 275 12.11 -34.37 -27.92
N GLU C 276 12.67 -35.08 -28.89
CA GLU C 276 12.21 -36.40 -29.32
C GLU C 276 12.24 -37.47 -28.22
N LYS C 277 13.35 -37.50 -27.48
CA LYS C 277 13.51 -38.36 -26.32
C LYS C 277 12.52 -38.01 -25.22
N TYR C 278 12.43 -36.72 -24.91
CA TYR C 278 11.64 -36.26 -23.78
C TYR C 278 10.15 -36.44 -24.09
N ALA C 279 9.73 -36.12 -25.32
CA ALA C 279 8.37 -36.43 -25.79
C ALA C 279 8.04 -37.91 -25.69
N ARG C 280 9.00 -38.76 -26.05
CA ARG C 280 8.79 -40.21 -25.95
C ARG C 280 8.70 -40.71 -24.51
N ALA C 281 9.46 -40.08 -23.62
CA ALA C 281 9.43 -40.43 -22.20
C ALA C 281 8.07 -40.12 -21.57
N ILE C 282 7.42 -39.05 -22.03
CA ILE C 282 6.09 -38.69 -21.53
C ILE C 282 5.03 -39.67 -22.03
N VAL C 283 5.10 -39.99 -23.31
CA VAL C 283 4.18 -40.95 -23.94
C VAL C 283 4.23 -42.29 -23.19
N GLU C 284 5.44 -42.82 -23.02
CA GLU C 284 5.61 -44.12 -22.36
C GLU C 284 5.21 -44.14 -20.89
N ALA C 285 5.55 -43.09 -20.15
CA ALA C 285 5.19 -42.95 -18.76
C ALA C 285 3.70 -42.89 -18.64
N THR C 286 3.05 -42.19 -19.58
CA THR C 286 1.62 -42.01 -19.49
C THR C 286 0.91 -43.36 -19.72
N THR C 287 1.39 -44.13 -20.70
CA THR C 287 0.85 -45.46 -21.01
C THR C 287 1.12 -46.48 -19.89
N HIS C 288 2.39 -46.63 -19.52
CA HIS C 288 2.81 -47.59 -18.51
C HIS C 288 3.00 -46.91 -17.16
N TYR C 289 1.92 -46.36 -16.63
CA TYR C 289 2.03 -45.46 -15.49
C TYR C 289 2.23 -46.07 -14.09
N GLU C 290 2.25 -47.39 -14.01
CA GLU C 290 2.50 -48.08 -12.74
C GLU C 290 3.79 -48.86 -12.84
N ASP C 291 4.45 -48.71 -13.99
CA ASP C 291 5.72 -49.36 -14.21
C ASP C 291 6.85 -48.43 -13.72
N TYR C 292 7.13 -48.50 -12.41
CA TYR C 292 8.02 -47.52 -11.75
C TYR C 292 9.48 -47.66 -12.13
N GLU C 293 9.88 -48.87 -12.48
CA GLU C 293 11.24 -49.09 -12.93
C GLU C 293 11.43 -48.36 -14.27
N LEU C 294 10.30 -48.60 -15.21
CA LEU C 294 10.48 -47.88 -16.50
C LEU C 294 10.50 -46.37 -16.26
N ILE C 295 9.58 -45.89 -15.38
CA ILE C 295 9.48 -44.43 -15.21
C ILE C 295 10.80 -43.90 -14.64
N ALA C 296 11.47 -44.74 -13.78
CA ALA C 296 12.74 -44.26 -13.19
C ALA C 296 13.79 -44.12 -14.28
N HIS C 297 13.84 -45.23 -15.15
CA HIS C 297 14.74 -45.24 -16.30
C HIS C 297 14.51 -43.99 -17.17
N LEU C 298 13.24 -43.66 -17.37
CA LEU C 298 12.88 -42.54 -18.24
C LEU C 298 13.14 -41.17 -17.61
N SER C 299 13.21 -41.08 -16.27
CA SER C 299 13.58 -39.83 -15.60
C SER C 299 15.09 -39.55 -15.72
N LYS C 300 15.86 -40.59 -16.04
CA LYS C 300 17.31 -40.48 -16.21
C LYS C 300 17.70 -39.63 -17.41
N GLY C 301 18.70 -38.79 -17.22
CA GLY C 301 19.20 -37.89 -18.27
C GLY C 301 18.11 -37.18 -19.07
N LEU C 302 17.31 -36.37 -18.37
CA LEU C 302 16.25 -35.56 -18.99
C LEU C 302 15.19 -36.40 -19.74
N LYS D 49 21.90 -42.80 19.58
CA LYS D 49 20.93 -41.66 19.56
C LYS D 49 21.61 -40.30 19.63
N GLY D 50 21.05 -39.32 18.91
CA GLY D 50 21.66 -37.99 18.80
C GLY D 50 22.50 -37.86 17.55
N GLY D 51 22.02 -38.42 16.44
CA GLY D 51 22.72 -38.35 15.16
C GLY D 51 22.55 -37.03 14.42
N VAL D 52 23.46 -36.77 13.47
CA VAL D 52 23.43 -35.61 12.61
C VAL D 52 23.30 -36.08 11.15
N ILE D 53 22.25 -35.61 10.47
CA ILE D 53 22.09 -35.81 9.02
C ILE D 53 22.45 -34.51 8.31
N MET D 54 23.12 -34.62 7.17
CA MET D 54 23.75 -33.49 6.50
C MET D 54 23.34 -33.44 5.05
N ASP D 55 22.95 -32.25 4.62
CA ASP D 55 22.55 -31.98 3.25
C ASP D 55 23.80 -31.95 2.39
N VAL D 56 23.82 -32.77 1.35
CA VAL D 56 24.94 -32.75 0.40
C VAL D 56 24.47 -32.66 -1.05
N VAL D 57 25.29 -32.01 -1.89
CA VAL D 57 24.95 -31.81 -3.30
C VAL D 57 25.85 -32.61 -4.27
N ASN D 58 26.93 -33.21 -3.77
CA ASN D 58 27.80 -34.02 -4.61
C ASN D 58 28.60 -35.09 -3.87
N ALA D 59 29.39 -35.85 -4.62
CA ALA D 59 30.29 -36.88 -4.06
C ALA D 59 31.20 -36.32 -2.96
N GLU D 60 31.92 -35.25 -3.28
CA GLU D 60 32.85 -34.61 -2.37
C GLU D 60 32.23 -34.30 -1.01
N GLN D 61 31.10 -33.59 -1.02
CA GLN D 61 30.42 -33.21 0.21
C GLN D 61 29.93 -34.41 0.98
N ALA D 62 29.44 -35.42 0.28
CA ALA D 62 28.96 -36.64 0.91
C ALA D 62 30.09 -37.34 1.69
N LYS D 63 31.27 -37.44 1.08
CA LYS D 63 32.42 -38.06 1.74
C LYS D 63 32.83 -37.28 2.99
N ILE D 64 32.81 -35.96 2.89
CA ILE D 64 33.10 -35.08 4.02
C ILE D 64 32.11 -35.30 5.17
N ALA D 65 30.85 -35.56 4.83
CA ALA D 65 29.82 -35.81 5.85
C ALA D 65 30.03 -37.16 6.55
N GLU D 66 30.28 -38.20 5.77
CA GLU D 66 30.51 -39.50 6.36
C GLU D 66 31.78 -39.46 7.22
N ALA D 67 32.85 -38.89 6.68
CA ALA D 67 34.15 -38.76 7.39
C ALA D 67 34.01 -37.99 8.70
N ALA D 68 33.09 -37.02 8.76
CA ALA D 68 32.86 -36.27 9.98
C ALA D 68 31.91 -36.97 10.94
N GLY D 69 31.36 -38.11 10.53
CA GLY D 69 30.54 -38.93 11.41
C GLY D 69 29.04 -38.67 11.35
N ALA D 70 28.56 -38.10 10.25
CA ALA D 70 27.10 -37.95 10.03
C ALA D 70 26.48 -39.34 9.93
N VAL D 71 25.32 -39.52 10.56
CA VAL D 71 24.61 -40.81 10.50
C VAL D 71 23.90 -41.08 9.17
N ALA D 72 23.65 -40.03 8.39
CA ALA D 72 23.04 -40.17 7.06
C ALA D 72 23.29 -38.91 6.24
N VAL D 73 23.13 -39.01 4.92
CA VAL D 73 23.15 -37.82 4.08
C VAL D 73 21.83 -37.61 3.34
N MET D 74 21.46 -36.35 3.17
CA MET D 74 20.31 -35.95 2.36
C MET D 74 20.85 -35.43 1.04
N ALA D 75 20.63 -36.19 -0.03
CA ALA D 75 21.02 -35.78 -1.37
C ALA D 75 20.04 -34.73 -1.94
N LEU D 76 20.57 -33.56 -2.29
CA LEU D 76 19.81 -32.43 -2.84
C LEU D 76 20.19 -32.17 -4.28
N GLU D 77 19.22 -31.72 -5.07
CA GLU D 77 19.48 -31.26 -6.43
C GLU D 77 20.09 -29.87 -6.34
N GLY D 87 10.32 -17.61 -8.82
CA GLY D 87 9.73 -18.72 -8.08
C GLY D 87 9.64 -20.04 -8.87
N GLY D 88 10.82 -20.56 -9.28
CA GLY D 88 10.90 -21.83 -10.01
C GLY D 88 10.24 -23.00 -9.28
N VAL D 89 9.89 -24.05 -10.01
CA VAL D 89 9.34 -25.25 -9.40
C VAL D 89 10.46 -26.15 -8.86
N ALA D 90 10.39 -26.47 -7.57
CA ALA D 90 11.33 -27.39 -6.94
C ALA D 90 10.80 -28.83 -6.94
N ARG D 91 11.37 -29.68 -7.79
CA ARG D 91 10.93 -31.08 -7.91
C ARG D 91 11.97 -32.06 -7.36
N MET D 92 11.65 -33.35 -7.43
CA MET D 92 12.60 -34.41 -7.12
C MET D 92 13.89 -34.23 -7.91
N ALA D 93 15.01 -34.54 -7.27
CA ALA D 93 16.33 -34.42 -7.90
C ALA D 93 16.55 -35.39 -9.07
N ASP D 94 17.36 -34.96 -10.03
CA ASP D 94 17.73 -35.80 -11.16
C ASP D 94 18.39 -37.07 -10.64
N PRO D 95 17.93 -38.25 -11.10
CA PRO D 95 18.50 -39.54 -10.75
C PRO D 95 20.03 -39.55 -10.61
N THR D 96 20.75 -38.95 -11.56
CA THR D 96 22.22 -39.02 -11.56
C THR D 96 22.83 -38.35 -10.33
N VAL D 97 22.15 -37.35 -9.78
CA VAL D 97 22.60 -36.72 -8.52
C VAL D 97 22.42 -37.68 -7.36
N ILE D 98 21.29 -38.37 -7.33
CA ILE D 98 21.02 -39.34 -6.27
C ILE D 98 22.02 -40.51 -6.30
N GLU D 99 22.35 -40.98 -7.51
CA GLU D 99 23.20 -42.16 -7.65
C GLU D 99 24.68 -41.81 -7.50
N GLU D 100 25.04 -40.56 -7.79
CA GLU D 100 26.38 -40.04 -7.54
C GLU D 100 26.64 -39.93 -6.03
N VAL D 101 25.61 -39.56 -5.28
CA VAL D 101 25.76 -39.48 -3.83
C VAL D 101 25.72 -40.89 -3.23
N MET D 102 24.86 -41.75 -3.78
CA MET D 102 24.76 -43.15 -3.36
C MET D 102 26.11 -43.90 -3.46
N ASN D 103 26.89 -43.56 -4.48
CA ASN D 103 28.14 -44.24 -4.77
C ASN D 103 29.32 -43.66 -4.02
N ALA D 104 29.07 -42.64 -3.20
CA ALA D 104 30.14 -41.95 -2.50
C ALA D 104 30.29 -42.37 -1.02
N VAL D 105 29.24 -42.96 -0.46
CA VAL D 105 29.18 -43.24 0.99
C VAL D 105 28.55 -44.60 1.31
N SER D 106 28.63 -44.98 2.59
CA SER D 106 28.14 -46.28 3.09
C SER D 106 27.00 -46.06 4.08
N ILE D 107 26.94 -44.85 4.62
CA ILE D 107 25.87 -44.43 5.51
C ILE D 107 24.60 -44.20 4.65
N PRO D 108 23.41 -44.30 5.27
CA PRO D 108 22.17 -44.14 4.51
C PRO D 108 22.09 -42.84 3.68
N VAL D 109 21.57 -42.97 2.46
CA VAL D 109 21.29 -41.82 1.59
C VAL D 109 19.79 -41.56 1.51
N MET D 110 19.40 -40.34 1.86
CA MET D 110 18.03 -39.85 1.70
C MET D 110 17.91 -38.87 0.53
N ALA D 111 16.67 -38.64 0.11
CA ALA D 111 16.31 -37.64 -0.90
C ALA D 111 14.84 -37.19 -0.77
N LYS D 112 14.52 -36.06 -1.39
CA LYS D 112 13.24 -35.38 -1.23
C LYS D 112 12.26 -35.57 -2.40
N VAL D 113 10.97 -35.61 -2.07
CA VAL D 113 9.87 -35.55 -3.06
C VAL D 113 8.90 -34.45 -2.63
N ARG D 114 8.19 -33.90 -3.62
CA ARG D 114 7.12 -32.93 -3.41
C ARG D 114 5.98 -33.60 -2.65
N ILE D 115 5.37 -32.88 -1.72
CA ILE D 115 4.25 -33.44 -0.96
C ILE D 115 3.16 -34.00 -1.90
N GLY D 116 2.67 -35.20 -1.60
CA GLY D 116 1.58 -35.77 -2.40
C GLY D 116 2.05 -36.43 -3.69
N HIS D 117 3.33 -36.27 -4.02
CA HIS D 117 3.82 -36.81 -5.27
C HIS D 117 4.18 -38.30 -5.18
N TYR D 118 3.15 -39.10 -5.39
CA TYR D 118 3.21 -40.51 -5.24
C TYR D 118 4.23 -41.12 -6.18
N VAL D 119 4.28 -40.64 -7.40
CA VAL D 119 5.11 -41.33 -8.38
C VAL D 119 6.59 -40.93 -8.22
N GLU D 120 6.85 -39.67 -7.88
CA GLU D 120 8.21 -39.25 -7.52
C GLU D 120 8.79 -40.21 -6.46
N ALA D 121 8.04 -40.43 -5.39
CA ALA D 121 8.42 -41.37 -4.34
C ALA D 121 8.75 -42.76 -4.87
N ARG D 122 7.89 -43.32 -5.72
CA ARG D 122 8.15 -44.65 -6.29
C ARG D 122 9.36 -44.66 -7.19
N VAL D 123 9.65 -43.53 -7.84
CA VAL D 123 10.89 -43.44 -8.59
C VAL D 123 12.10 -43.53 -7.63
N LEU D 124 12.10 -42.71 -6.58
CA LEU D 124 13.18 -42.71 -5.60
C LEU D 124 13.36 -44.10 -5.01
N GLU D 125 12.23 -44.75 -4.71
CA GLU D 125 12.25 -46.09 -4.18
C GLU D 125 12.92 -47.05 -5.16
N ALA D 126 12.49 -47.03 -6.42
CA ALA D 126 13.09 -47.87 -7.46
C ALA D 126 14.60 -47.62 -7.62
N LEU D 127 15.02 -46.37 -7.45
CA LEU D 127 16.44 -46.00 -7.55
C LEU D 127 17.26 -46.51 -6.36
N GLY D 128 16.56 -46.93 -5.32
CA GLY D 128 17.17 -47.53 -4.15
C GLY D 128 17.64 -46.52 -3.13
N VAL D 129 16.85 -45.48 -2.85
CA VAL D 129 17.21 -44.60 -1.73
C VAL D 129 16.86 -45.29 -0.40
N ASP D 130 17.54 -44.90 0.66
CA ASP D 130 17.32 -45.47 1.99
C ASP D 130 16.13 -44.83 2.72
N TYR D 131 15.81 -43.59 2.32
CA TYR D 131 14.81 -42.80 3.01
C TYR D 131 14.32 -41.67 2.11
N ILE D 132 13.05 -41.32 2.26
CA ILE D 132 12.40 -40.27 1.47
C ILE D 132 11.88 -39.17 2.37
N ASP D 133 12.31 -37.94 2.12
CA ASP D 133 11.70 -36.82 2.79
C ASP D 133 10.57 -36.27 1.91
N GLU D 134 9.34 -36.40 2.39
CA GLU D 134 8.17 -35.82 1.71
C GLU D 134 8.18 -34.35 2.14
N SER D 135 8.77 -33.52 1.29
CA SER D 135 9.30 -32.25 1.74
C SER D 135 8.49 -31.03 1.34
N GLU D 136 8.00 -30.31 2.35
CA GLU D 136 7.42 -28.98 2.14
C GLU D 136 8.35 -27.98 1.47
N VAL D 137 9.67 -28.19 1.48
CA VAL D 137 10.53 -27.20 0.83
C VAL D 137 10.58 -27.36 -0.69
N LEU D 138 10.17 -28.53 -1.16
CA LEU D 138 9.93 -28.69 -2.58
C LEU D 138 8.55 -28.11 -2.85
N THR D 139 8.21 -27.87 -4.11
CA THR D 139 6.90 -27.30 -4.46
C THR D 139 5.82 -28.38 -4.32
N PRO D 140 4.87 -28.22 -3.38
CA PRO D 140 3.82 -29.25 -3.20
C PRO D 140 3.14 -29.67 -4.51
N ALA D 141 2.90 -30.97 -4.66
CA ALA D 141 2.20 -31.46 -5.82
C ALA D 141 0.72 -31.64 -5.46
N ASP D 142 0.46 -31.86 -4.19
CA ASP D 142 -0.91 -32.11 -3.75
C ASP D 142 -1.06 -31.36 -2.46
N GLU D 143 -1.85 -30.28 -2.49
CA GLU D 143 -1.99 -29.42 -1.33
C GLU D 143 -3.01 -29.94 -0.34
N GLU D 144 -3.66 -31.06 -0.64
CA GLU D 144 -4.64 -31.59 0.30
C GLU D 144 -4.32 -32.97 0.86
N PHE D 145 -3.64 -33.79 0.08
CA PHE D 145 -3.41 -35.18 0.46
C PHE D 145 -1.93 -35.53 0.39
N HIS D 146 -1.36 -35.96 1.52
CA HIS D 146 0.02 -36.48 1.52
C HIS D 146 0.05 -37.89 0.93
N ILE D 147 1.24 -38.33 0.51
CA ILE D 147 1.44 -39.68 0.03
C ILE D 147 0.97 -40.69 1.09
N ASP D 148 0.31 -41.77 0.65
CA ASP D 148 -0.05 -42.85 1.53
C ASP D 148 1.21 -43.73 1.69
N LYS D 149 2.06 -43.32 2.63
CA LYS D 149 3.39 -43.90 2.82
C LYS D 149 3.29 -45.34 3.31
N ARG D 150 2.11 -45.73 3.82
CA ARG D 150 1.90 -47.12 4.23
C ARG D 150 2.13 -48.08 3.09
N GLN D 151 2.04 -47.59 1.87
CA GLN D 151 2.05 -48.44 0.68
C GLN D 151 3.46 -48.70 0.16
N PHE D 152 4.42 -48.04 0.78
CA PHE D 152 5.79 -48.08 0.33
C PHE D 152 6.63 -49.05 1.17
N THR D 153 7.60 -49.67 0.52
CA THR D 153 8.58 -50.43 1.29
C THR D 153 9.62 -49.45 1.87
N VAL D 154 10.12 -48.51 1.05
CA VAL D 154 11.00 -47.46 1.58
C VAL D 154 10.35 -46.57 2.70
N PRO D 155 11.07 -46.34 3.82
CA PRO D 155 10.63 -45.41 4.88
C PRO D 155 10.63 -43.91 4.54
N PHE D 156 9.74 -43.15 5.19
CA PHE D 156 9.63 -41.69 4.97
C PHE D 156 9.86 -40.89 6.25
N VAL D 157 10.52 -39.75 6.13
CA VAL D 157 10.44 -38.69 7.13
C VAL D 157 9.50 -37.55 6.65
N CYS D 158 8.69 -37.00 7.56
CA CYS D 158 7.86 -35.84 7.27
C CYS D 158 8.07 -34.72 8.30
N GLY D 159 7.79 -33.48 7.88
CA GLY D 159 7.83 -32.32 8.76
C GLY D 159 6.62 -32.27 9.69
N CYS D 160 6.72 -31.49 10.75
CA CYS D 160 5.59 -31.20 11.63
C CYS D 160 5.89 -30.00 12.54
N ARG D 161 4.83 -29.41 13.09
CA ARG D 161 4.93 -28.22 13.91
C ARG D 161 4.21 -28.44 15.21
N ASP D 162 3.44 -29.52 15.29
CA ASP D 162 2.67 -29.80 16.49
C ASP D 162 2.23 -31.26 16.51
N LEU D 163 1.70 -31.72 17.62
CA LEU D 163 1.39 -33.14 17.79
C LEU D 163 0.28 -33.65 16.85
N GLY D 164 -0.72 -32.81 16.58
CA GLY D 164 -1.79 -33.13 15.63
C GLY D 164 -1.22 -33.50 14.27
N GLU D 165 -0.39 -32.60 13.74
CA GLU D 165 0.33 -32.81 12.49
C GLU D 165 1.22 -34.08 12.57
N ALA D 166 2.07 -34.19 13.61
CA ALA D 166 2.87 -35.41 13.83
C ALA D 166 2.02 -36.68 13.71
N ALA D 167 0.93 -36.74 14.47
CA ALA D 167 0.05 -37.91 14.50
C ALA D 167 -0.56 -38.26 13.14
N ARG D 168 -0.95 -37.23 12.38
CA ARG D 168 -1.49 -37.40 11.04
C ARG D 168 -0.46 -37.98 10.07
N ARG D 169 0.75 -37.42 10.09
CA ARG D 169 1.83 -37.95 9.24
C ARG D 169 2.10 -39.42 9.55
N ILE D 170 2.05 -39.76 10.85
CA ILE D 170 2.27 -41.14 11.31
C ILE D 170 1.12 -42.05 10.86
N ALA D 171 -0.12 -41.56 11.00
CA ALA D 171 -1.28 -42.31 10.49
C ALA D 171 -1.17 -42.57 8.97
N GLU D 172 -0.53 -41.64 8.25
CA GLU D 172 -0.22 -41.82 6.84
C GLU D 172 0.94 -42.79 6.54
N GLY D 173 1.69 -43.15 7.59
CA GLY D 173 2.78 -44.12 7.44
C GLY D 173 4.19 -43.57 7.56
N ALA D 174 4.35 -42.32 8.04
CA ALA D 174 5.68 -41.74 8.26
C ALA D 174 6.50 -42.66 9.20
N SER D 175 7.76 -42.92 8.86
CA SER D 175 8.63 -43.72 9.75
C SER D 175 9.49 -42.84 10.66
N MET D 176 9.52 -41.55 10.36
CA MET D 176 10.40 -40.62 11.04
C MET D 176 9.78 -39.23 10.89
N LEU D 177 10.05 -38.35 11.86
CA LEU D 177 9.54 -36.98 11.85
C LEU D 177 10.69 -36.02 12.03
N ARG D 178 10.47 -34.77 11.60
CA ARG D 178 11.36 -33.65 11.87
C ARG D 178 10.52 -32.42 12.08
N THR D 179 11.10 -31.39 12.69
CA THR D 179 10.42 -30.12 12.78
C THR D 179 10.46 -29.51 11.38
N LYS D 180 9.51 -28.64 11.09
CA LYS D 180 9.60 -27.89 9.85
C LYS D 180 10.65 -26.79 9.96
N GLY D 181 10.77 -26.21 11.15
CA GLY D 181 11.63 -25.05 11.33
C GLY D 181 11.43 -23.97 10.27
N GLU D 182 12.51 -23.26 9.96
CA GLU D 182 12.53 -22.22 8.95
C GLU D 182 13.86 -22.34 8.19
N PRO D 183 13.94 -23.23 7.18
CA PRO D 183 15.16 -23.46 6.39
C PRO D 183 15.69 -22.23 5.66
N GLY D 184 17.00 -22.14 5.50
CA GLY D 184 17.61 -21.07 4.73
C GLY D 184 17.81 -19.76 5.47
N THR D 185 17.31 -19.67 6.71
CA THR D 185 17.42 -18.44 7.48
C THR D 185 18.61 -18.42 8.45
N GLY D 186 19.18 -19.60 8.74
CA GLY D 186 20.17 -19.74 9.82
C GLY D 186 19.57 -19.42 11.19
N ASN D 187 18.24 -19.46 11.30
CA ASN D 187 17.55 -19.04 12.50
C ASN D 187 16.79 -20.22 13.09
N ILE D 188 17.10 -20.60 14.32
CA ILE D 188 16.48 -21.80 14.92
C ILE D 188 15.15 -21.53 15.61
N VAL D 189 14.69 -20.28 15.64
CA VAL D 189 13.49 -19.93 16.44
C VAL D 189 12.24 -20.79 16.17
N GLU D 190 12.05 -21.17 14.91
CA GLU D 190 10.90 -21.96 14.53
C GLU D 190 11.12 -23.43 14.82
N ALA D 191 12.33 -23.91 14.54
CA ALA D 191 12.73 -25.25 14.99
C ALA D 191 12.49 -25.41 16.50
N VAL D 192 12.92 -24.41 17.29
CA VAL D 192 12.63 -24.38 18.73
C VAL D 192 11.14 -24.43 19.01
N ARG D 193 10.37 -23.50 18.43
CA ARG D 193 8.92 -23.51 18.55
C ARG D 193 8.33 -24.89 18.29
N HIS D 194 8.67 -25.50 17.16
CA HIS D 194 8.06 -26.79 16.80
C HIS D 194 8.42 -27.93 17.76
N MET D 195 9.70 -28.03 18.14
CA MET D 195 10.11 -29.07 19.11
C MET D 195 9.47 -28.80 20.48
N ARG D 196 9.52 -27.56 20.94
CA ARG D 196 8.79 -27.18 22.16
C ARG D 196 7.33 -27.62 22.12
N LYS D 197 6.61 -27.28 21.04
CA LYS D 197 5.19 -27.58 20.94
C LYS D 197 4.93 -29.08 20.94
N VAL D 198 5.62 -29.81 20.07
CA VAL D 198 5.35 -31.25 19.96
C VAL D 198 5.68 -31.97 21.29
N ASN D 199 6.79 -31.57 21.93
CA ASN D 199 7.23 -32.23 23.17
C ASN D 199 6.36 -31.87 24.37
N ALA D 200 5.93 -30.61 24.44
CA ALA D 200 5.05 -30.21 25.52
C ALA D 200 3.72 -30.95 25.40
N GLN D 201 3.25 -31.13 24.16
CA GLN D 201 2.00 -31.85 23.94
C GLN D 201 2.14 -33.33 24.22
N ILE D 202 3.27 -33.91 23.85
CA ILE D 202 3.56 -35.29 24.26
C ILE D 202 3.45 -35.45 25.78
N ARG D 203 4.05 -34.51 26.53
CA ARG D 203 4.11 -34.62 28.00
C ARG D 203 2.70 -34.53 28.58
N LYS D 204 1.89 -33.70 27.96
CA LYS D 204 0.48 -33.59 28.36
C LYS D 204 -0.24 -34.91 28.13
N VAL D 205 -0.07 -35.49 26.95
CA VAL D 205 -0.74 -36.74 26.58
C VAL D 205 -0.29 -37.88 27.52
N VAL D 206 1.02 -38.05 27.68
CA VAL D 206 1.58 -39.14 28.54
C VAL D 206 0.89 -39.19 29.91
N ASN D 207 0.64 -38.03 30.48
CA ASN D 207 0.16 -37.93 31.85
C ASN D 207 -1.35 -37.67 32.04
N MET D 208 -2.11 -37.41 30.95
CA MET D 208 -3.54 -37.09 31.11
C MET D 208 -4.43 -38.31 31.38
N SER D 209 -5.55 -38.10 32.07
CA SER D 209 -6.55 -39.17 32.21
C SER D 209 -6.79 -39.84 30.88
N GLU D 210 -6.82 -41.16 30.94
CA GLU D 210 -7.11 -42.03 29.79
C GLU D 210 -8.40 -41.63 29.07
N ASP D 211 -9.46 -41.41 29.84
CA ASP D 211 -10.76 -41.17 29.27
C ASP D 211 -10.89 -39.80 28.57
N GLU D 212 -9.88 -38.94 28.73
CA GLU D 212 -9.84 -37.62 28.12
C GLU D 212 -9.12 -37.63 26.78
N LEU D 213 -8.66 -38.81 26.33
CA LEU D 213 -7.86 -38.87 25.09
C LEU D 213 -8.66 -38.67 23.80
N VAL D 214 -9.88 -39.18 23.75
CA VAL D 214 -10.71 -39.06 22.56
C VAL D 214 -10.96 -37.55 22.28
N ALA D 215 -11.36 -36.81 23.33
CA ALA D 215 -11.60 -35.39 23.20
C ALA D 215 -10.31 -34.67 22.85
N GLU D 216 -9.19 -35.10 23.45
CA GLU D 216 -7.88 -34.51 23.16
C GLU D 216 -7.50 -34.66 21.69
N ALA D 217 -7.69 -35.85 21.15
CA ALA D 217 -7.45 -36.13 19.75
C ALA D 217 -8.32 -35.22 18.86
N LYS D 218 -9.58 -35.06 19.24
CA LYS D 218 -10.48 -34.19 18.47
C LYS D 218 -9.94 -32.76 18.41
N GLN D 219 -9.63 -32.21 19.57
CA GLN D 219 -9.13 -30.85 19.68
C GLN D 219 -7.82 -30.68 18.87
N LEU D 220 -6.91 -31.65 18.95
CA LEU D 220 -5.63 -31.62 18.23
C LEU D 220 -5.76 -31.97 16.73
N GLY D 221 -6.90 -32.54 16.34
CA GLY D 221 -7.06 -33.02 14.98
C GLY D 221 -6.08 -34.16 14.77
N ALA D 222 -5.97 -35.04 15.77
CA ALA D 222 -5.02 -36.15 15.74
C ALA D 222 -5.78 -37.47 15.74
N PRO D 223 -5.28 -38.50 15.04
CA PRO D 223 -5.82 -39.86 15.23
C PRO D 223 -5.62 -40.40 16.67
N VAL D 224 -6.72 -40.80 17.30
CA VAL D 224 -6.70 -41.16 18.72
C VAL D 224 -5.78 -42.35 19.03
N GLU D 225 -5.75 -43.35 18.14
CA GLU D 225 -4.84 -44.48 18.27
C GLU D 225 -3.36 -44.09 18.31
N VAL D 226 -3.01 -42.96 17.67
CA VAL D 226 -1.65 -42.47 17.77
C VAL D 226 -1.39 -41.87 19.16
N LEU D 227 -2.35 -41.10 19.68
CA LEU D 227 -2.24 -40.58 21.02
C LEU D 227 -2.12 -41.73 22.05
N ARG D 228 -2.88 -42.79 21.84
CA ARG D 228 -2.91 -43.92 22.76
C ARG D 228 -1.56 -44.65 22.75
N GLU D 229 -0.93 -44.68 21.58
CA GLU D 229 0.34 -45.34 21.42
C GLU D 229 1.42 -44.48 22.05
N ILE D 230 1.29 -43.16 21.88
CA ILE D 230 2.18 -42.22 22.54
C ILE D 230 2.14 -42.35 24.07
N LYS D 231 0.92 -42.43 24.62
CA LYS D 231 0.74 -42.59 26.06
C LYS D 231 1.30 -43.92 26.57
N ARG D 232 1.18 -44.96 25.75
CA ARG D 232 1.75 -46.25 26.09
C ARG D 232 3.28 -46.21 26.14
N LEU D 233 3.91 -45.57 25.17
CA LEU D 233 5.37 -45.57 25.04
C LEU D 233 6.07 -44.47 25.83
N GLY D 234 5.36 -43.43 26.20
CA GLY D 234 5.99 -42.28 26.86
C GLY D 234 6.62 -41.31 25.88
N ARG D 235 6.61 -41.67 24.60
CA ARG D 235 7.17 -40.80 23.56
C ARG D 235 6.49 -41.11 22.21
N LEU D 236 6.91 -40.41 21.15
CA LEU D 236 6.50 -40.75 19.79
C LEU D 236 6.93 -42.17 19.44
N PRO D 237 6.11 -42.89 18.67
CA PRO D 237 6.59 -44.21 18.19
C PRO D 237 7.67 -44.14 17.10
N VAL D 238 8.16 -42.94 16.78
CA VAL D 238 9.17 -42.74 15.75
C VAL D 238 10.15 -41.70 16.25
N VAL D 239 11.33 -41.61 15.63
CA VAL D 239 12.26 -40.56 16.03
C VAL D 239 11.86 -39.21 15.42
N ASN D 240 12.27 -38.14 16.11
CA ASN D 240 11.94 -36.79 15.73
C ASN D 240 13.19 -35.92 15.84
N PHE D 241 13.71 -35.50 14.67
CA PHE D 241 14.90 -34.66 14.55
C PHE D 241 14.51 -33.19 14.41
N ALA D 242 15.34 -32.31 14.97
CA ALA D 242 15.21 -30.88 14.73
C ALA D 242 15.76 -30.60 13.34
N ALA D 243 15.15 -29.63 12.63
CA ALA D 243 15.59 -29.23 11.29
C ALA D 243 15.16 -27.81 11.00
N GLY D 244 16.04 -27.07 10.33
CA GLY D 244 15.80 -25.69 9.98
C GLY D 244 16.56 -24.71 10.84
N GLY D 245 17.59 -24.09 10.27
CA GLY D 245 18.29 -23.01 10.95
C GLY D 245 19.39 -23.41 11.95
N VAL D 246 19.58 -24.70 12.17
CA VAL D 246 20.64 -25.17 13.08
C VAL D 246 22.00 -24.82 12.49
N THR D 247 22.67 -23.88 13.15
CA THR D 247 23.89 -23.30 12.61
C THR D 247 25.11 -23.58 13.49
N THR D 248 25.01 -23.30 14.80
CA THR D 248 26.17 -23.36 15.68
C THR D 248 26.15 -24.62 16.53
N PRO D 249 27.34 -25.03 17.06
CA PRO D 249 27.41 -26.16 17.96
C PRO D 249 26.42 -26.01 19.11
N ALA D 250 26.34 -24.81 19.67
CA ALA D 250 25.32 -24.49 20.68
C ALA D 250 23.88 -24.72 20.19
N ASP D 251 23.56 -24.36 18.95
CA ASP D 251 22.21 -24.61 18.38
C ASP D 251 21.94 -26.11 18.41
N ALA D 252 22.94 -26.88 17.98
CA ALA D 252 22.77 -28.32 17.79
C ALA D 252 22.52 -29.01 19.13
N ALA D 253 23.30 -28.61 20.15
CA ALA D 253 23.14 -29.12 21.51
C ALA D 253 21.82 -28.65 22.13
N LEU D 254 21.42 -27.41 21.84
CA LEU D 254 20.12 -26.90 22.29
C LEU D 254 18.97 -27.77 21.80
N MET D 255 18.99 -28.21 20.56
CA MET D 255 17.89 -29.08 20.10
C MET D 255 17.79 -30.37 20.92
N MET D 256 18.96 -30.93 21.26
CA MET D 256 19.05 -32.15 22.05
C MET D 256 18.51 -31.89 23.45
N HIS D 257 18.95 -30.79 24.05
CA HIS D 257 18.37 -30.31 25.29
C HIS D 257 16.83 -30.18 25.26
N LEU D 258 16.26 -29.64 24.16
CA LEU D 258 14.81 -29.54 24.00
C LEU D 258 14.06 -30.87 23.80
N GLY D 259 14.79 -31.96 23.58
CA GLY D 259 14.16 -33.28 23.50
C GLY D 259 14.22 -33.92 22.13
N ALA D 260 14.99 -33.32 21.21
CA ALA D 260 15.17 -33.88 19.86
C ALA D 260 15.89 -35.22 19.93
N ASP D 261 15.72 -36.06 18.92
CA ASP D 261 16.45 -37.32 18.83
C ASP D 261 17.76 -37.15 18.04
N GLY D 262 17.93 -35.96 17.46
CA GLY D 262 19.00 -35.71 16.52
C GLY D 262 18.68 -34.48 15.70
N VAL D 263 19.47 -34.27 14.66
CA VAL D 263 19.52 -32.98 14.00
C VAL D 263 19.82 -33.14 12.51
N PHE D 264 19.10 -32.38 11.69
CA PHE D 264 19.41 -32.20 10.27
C PHE D 264 20.13 -30.89 10.14
N VAL D 265 21.13 -30.82 9.27
CA VAL D 265 21.79 -29.55 8.97
C VAL D 265 21.91 -29.34 7.47
N GLY D 266 21.98 -28.08 7.08
CA GLY D 266 21.98 -27.74 5.68
C GLY D 266 23.33 -27.43 5.09
N SER D 267 23.31 -26.83 3.89
CA SER D 267 24.49 -26.56 3.10
C SER D 267 25.40 -25.46 3.64
N GLY D 268 24.99 -24.80 4.72
CA GLY D 268 25.83 -23.86 5.46
C GLY D 268 27.18 -24.41 5.89
N ILE D 269 27.21 -25.70 6.22
CA ILE D 269 28.45 -26.39 6.57
C ILE D 269 29.51 -26.23 5.49
N PHE D 270 29.08 -26.15 4.23
CA PHE D 270 30.02 -26.10 3.12
C PHE D 270 30.26 -24.68 2.60
N LYS D 271 29.56 -23.72 3.21
CA LYS D 271 29.85 -22.30 3.05
C LYS D 271 31.10 -21.91 3.85
N SER D 272 31.62 -22.86 4.62
CA SER D 272 32.66 -22.62 5.63
C SER D 272 34.07 -22.50 5.03
N GLU D 273 35.04 -21.99 5.81
CA GLU D 273 36.47 -22.06 5.43
C GLU D 273 36.92 -23.52 5.42
N ASN D 274 36.44 -24.26 6.42
CA ASN D 274 36.82 -25.63 6.69
C ASN D 274 35.57 -26.41 7.03
N PRO D 275 34.89 -26.96 6.01
CA PRO D 275 33.67 -27.76 6.20
C PRO D 275 33.90 -28.96 7.13
N GLU D 276 35.05 -29.63 6.96
CA GLU D 276 35.46 -30.77 7.79
C GLU D 276 35.30 -30.46 9.27
N LYS D 277 35.95 -29.39 9.71
CA LYS D 277 36.01 -29.00 11.11
C LYS D 277 34.65 -28.54 11.62
N TYR D 278 33.95 -27.78 10.79
CA TYR D 278 32.62 -27.31 11.13
C TYR D 278 31.63 -28.48 11.27
N ALA D 279 31.67 -29.42 10.32
CA ALA D 279 30.87 -30.66 10.38
C ALA D 279 31.15 -31.45 11.65
N ARG D 280 32.45 -31.67 11.94
CA ARG D 280 32.91 -32.36 13.15
C ARG D 280 32.36 -31.71 14.42
N ALA D 281 32.41 -30.38 14.44
CA ALA D 281 31.99 -29.61 15.59
C ALA D 281 30.51 -29.80 15.88
N ILE D 282 29.69 -29.87 14.81
CA ILE D 282 28.26 -30.11 14.97
C ILE D 282 28.02 -31.54 15.47
N VAL D 283 28.68 -32.50 14.83
CA VAL D 283 28.53 -33.91 15.22
C VAL D 283 28.92 -34.11 16.69
N GLU D 284 29.99 -33.48 17.14
CA GLU D 284 30.44 -33.69 18.51
C GLU D 284 29.53 -32.99 19.52
N ALA D 285 29.03 -31.81 19.13
CA ALA D 285 28.18 -31.00 20.00
C ALA D 285 26.84 -31.67 20.20
N THR D 286 26.39 -32.36 19.15
CA THR D 286 25.12 -33.09 19.16
C THR D 286 25.25 -34.35 20.01
N THR D 287 26.33 -35.10 19.80
CA THR D 287 26.66 -36.29 20.61
C THR D 287 26.84 -35.93 22.08
N HIS D 288 27.74 -34.99 22.37
CA HIS D 288 28.08 -34.68 23.75
C HIS D 288 27.34 -33.41 24.20
N TYR D 289 26.02 -33.44 24.16
CA TYR D 289 25.23 -32.19 24.25
C TYR D 289 25.09 -31.55 25.65
N GLU D 290 25.70 -32.18 26.66
CA GLU D 290 25.75 -31.59 28.01
C GLU D 290 27.17 -31.27 28.49
N ASP D 291 28.11 -31.38 27.57
CA ASP D 291 29.49 -31.04 27.83
C ASP D 291 29.74 -29.58 27.48
N TYR D 292 29.28 -28.69 28.35
CA TYR D 292 29.28 -27.25 28.04
C TYR D 292 30.69 -26.70 27.91
N GLU D 293 31.64 -27.36 28.59
CA GLU D 293 33.04 -27.03 28.48
C GLU D 293 33.53 -27.31 27.05
N LEU D 294 33.30 -28.53 26.59
CA LEU D 294 33.63 -28.90 25.21
C LEU D 294 32.84 -28.06 24.17
N ILE D 295 31.57 -27.80 24.44
CA ILE D 295 30.77 -27.03 23.48
C ILE D 295 31.34 -25.61 23.37
N ALA D 296 31.73 -25.06 24.53
CA ALA D 296 32.27 -23.71 24.59
C ALA D 296 33.51 -23.61 23.71
N HIS D 297 34.23 -24.73 23.63
CA HIS D 297 35.45 -24.80 22.86
C HIS D 297 35.15 -24.82 21.37
N LEU D 298 34.23 -25.69 20.99
CA LEU D 298 33.86 -25.89 19.59
C LEU D 298 33.28 -24.64 18.92
N SER D 299 32.73 -23.71 19.73
CA SER D 299 32.17 -22.44 19.22
C SER D 299 33.20 -21.44 18.69
N LYS D 300 34.50 -21.72 18.86
CA LYS D 300 35.58 -20.83 18.42
C LYS D 300 35.94 -20.95 16.93
N GLY D 301 36.67 -19.95 16.43
CA GLY D 301 37.22 -19.95 15.06
C GLY D 301 36.35 -20.43 13.90
N LEU D 302 35.06 -20.04 13.92
CA LEU D 302 34.09 -20.45 12.89
C LEU D 302 33.95 -21.96 12.76
N LYS E 49 26.49 3.03 44.09
CA LYS E 49 25.32 3.28 43.18
C LYS E 49 25.59 4.48 42.29
N GLY E 50 25.39 4.30 40.99
CA GLY E 50 25.86 5.28 40.04
C GLY E 50 26.86 4.65 39.09
N GLY E 51 26.87 3.33 39.01
CA GLY E 51 27.77 2.63 38.09
C GLY E 51 27.47 2.84 36.59
N VAL E 52 28.53 2.89 35.79
CA VAL E 52 28.45 2.82 34.35
C VAL E 52 29.01 1.49 33.83
N ILE E 53 28.21 0.80 33.02
CA ILE E 53 28.72 -0.34 32.25
C ILE E 53 28.89 0.07 30.77
N MET E 54 30.03 -0.27 30.18
CA MET E 54 30.40 0.13 28.82
C MET E 54 30.47 -1.06 27.87
N ASP E 55 29.93 -0.83 26.67
CA ASP E 55 29.96 -1.80 25.58
C ASP E 55 31.32 -1.66 24.96
N VAL E 56 32.02 -2.78 24.75
CA VAL E 56 33.36 -2.74 24.19
C VAL E 56 33.48 -3.87 23.16
N VAL E 57 34.27 -3.66 22.10
CA VAL E 57 34.43 -4.69 21.07
C VAL E 57 35.81 -5.35 21.02
N ASN E 58 36.73 -4.87 21.86
CA ASN E 58 38.12 -5.36 21.87
C ASN E 58 38.85 -4.98 23.17
N ALA E 59 40.11 -5.38 23.28
CA ALA E 59 40.90 -5.13 24.49
C ALA E 59 41.18 -3.64 24.74
N GLU E 60 41.58 -2.93 23.68
CA GLU E 60 41.84 -1.50 23.75
C GLU E 60 40.68 -0.75 24.39
N GLN E 61 39.47 -0.96 23.86
CA GLN E 61 38.25 -0.34 24.37
C GLN E 61 37.95 -0.74 25.81
N ALA E 62 38.15 -2.02 26.11
CA ALA E 62 37.97 -2.52 27.47
C ALA E 62 38.89 -1.80 28.50
N LYS E 63 40.14 -1.50 28.11
CA LYS E 63 41.07 -0.86 29.05
C LYS E 63 40.70 0.61 29.24
N ILE E 64 40.28 1.24 28.14
CA ILE E 64 39.77 2.60 28.20
C ILE E 64 38.58 2.66 29.19
N ALA E 65 37.67 1.70 29.08
CA ALA E 65 36.52 1.64 29.97
C ALA E 65 36.91 1.49 31.45
N GLU E 66 37.69 0.46 31.75
CA GLU E 66 38.22 0.25 33.12
C GLU E 66 38.90 1.49 33.72
N ALA E 67 39.80 2.10 32.94
CA ALA E 67 40.57 3.26 33.36
C ALA E 67 39.74 4.54 33.59
N ALA E 68 38.58 4.62 32.94
CA ALA E 68 37.75 5.80 33.09
C ALA E 68 36.81 5.59 34.27
N GLY E 69 36.74 4.37 34.77
CA GLY E 69 36.01 4.11 35.99
C GLY E 69 34.73 3.34 35.81
N ALA E 70 34.59 2.61 34.69
CA ALA E 70 33.41 1.76 34.45
C ALA E 70 33.36 0.71 35.55
N VAL E 71 32.17 0.25 35.93
CA VAL E 71 32.10 -0.78 36.97
C VAL E 71 32.13 -2.19 36.37
N ALA E 72 32.09 -2.27 35.04
CA ALA E 72 31.98 -3.52 34.29
C ALA E 72 32.01 -3.20 32.80
N VAL E 73 32.34 -4.20 31.99
CA VAL E 73 32.23 -4.02 30.55
C VAL E 73 31.34 -5.09 29.92
N MET E 74 30.63 -4.68 28.89
CA MET E 74 29.79 -5.59 28.09
C MET E 74 30.55 -5.89 26.82
N ALA E 75 31.09 -7.10 26.74
CA ALA E 75 31.84 -7.55 25.58
C ALA E 75 30.93 -7.89 24.40
N LEU E 76 31.08 -7.20 23.28
CA LEU E 76 30.23 -7.38 22.10
C LEU E 76 30.95 -7.83 20.86
N GLU E 77 30.20 -8.37 19.92
CA GLU E 77 30.63 -8.57 18.55
C GLU E 77 29.42 -8.51 17.60
N GLY E 87 19.07 -7.98 7.18
CA GLY E 87 19.95 -8.17 8.35
C GLY E 87 20.00 -9.61 8.85
N GLY E 88 21.21 -10.17 8.94
CA GLY E 88 21.42 -11.58 9.36
C GLY E 88 20.98 -11.97 10.77
N VAL E 89 21.31 -13.18 11.20
CA VAL E 89 20.99 -13.61 12.56
C VAL E 89 22.06 -13.12 13.53
N ALA E 90 21.63 -12.57 14.68
CA ALA E 90 22.54 -12.14 15.75
C ALA E 90 22.59 -13.15 16.91
N ARG E 91 23.73 -13.84 17.00
CA ARG E 91 23.95 -14.94 17.93
C ARG E 91 24.98 -14.56 19.00
N MET E 92 25.17 -15.43 19.99
CA MET E 92 26.26 -15.25 20.98
C MET E 92 27.58 -14.94 20.26
N ALA E 93 28.39 -14.05 20.83
CA ALA E 93 29.68 -13.66 20.24
C ALA E 93 30.65 -14.85 20.15
N ASP E 94 31.65 -14.74 19.28
CA ASP E 94 32.72 -15.72 19.25
C ASP E 94 33.49 -15.65 20.57
N PRO E 95 33.71 -16.81 21.23
CA PRO E 95 34.41 -16.90 22.50
C PRO E 95 35.71 -16.13 22.52
N THR E 96 36.45 -16.19 21.39
CA THR E 96 37.71 -15.49 21.20
C THR E 96 37.62 -14.03 21.63
N VAL E 97 36.60 -13.36 21.08
CA VAL E 97 36.35 -11.97 21.38
C VAL E 97 36.14 -11.77 22.90
N ILE E 98 35.38 -12.68 23.52
CA ILE E 98 35.07 -12.60 24.95
C ILE E 98 36.31 -12.91 25.82
N GLU E 99 37.15 -13.84 25.35
CA GLU E 99 38.38 -14.18 26.07
C GLU E 99 39.36 -13.02 26.04
N GLU E 100 39.42 -12.37 24.88
CA GLU E 100 40.27 -11.20 24.69
C GLU E 100 39.87 -10.08 25.67
N VAL E 101 38.57 -9.90 25.88
CA VAL E 101 38.12 -8.89 26.83
C VAL E 101 38.37 -9.29 28.29
N MET E 102 38.14 -10.56 28.62
CA MET E 102 38.39 -11.07 29.97
C MET E 102 39.85 -10.83 30.42
N ASN E 103 40.79 -11.03 29.50
CA ASN E 103 42.22 -10.84 29.76
C ASN E 103 42.67 -9.39 29.85
N ALA E 104 41.82 -8.46 29.40
CA ALA E 104 42.25 -7.07 29.31
C ALA E 104 42.01 -6.30 30.60
N VAL E 105 41.12 -6.81 31.45
CA VAL E 105 40.60 -6.00 32.56
C VAL E 105 40.34 -6.85 33.78
N SER E 106 40.18 -6.20 34.92
CA SER E 106 39.93 -6.94 36.17
C SER E 106 38.49 -6.75 36.66
N ILE E 107 37.85 -5.68 36.16
CA ILE E 107 36.43 -5.43 36.41
C ILE E 107 35.58 -6.49 35.74
N PRO E 108 34.35 -6.72 36.25
CA PRO E 108 33.51 -7.80 35.74
C PRO E 108 33.24 -7.65 34.23
N VAL E 109 33.18 -8.80 33.55
CA VAL E 109 32.95 -8.81 32.12
C VAL E 109 31.62 -9.52 31.85
N MET E 110 30.76 -8.84 31.07
CA MET E 110 29.48 -9.42 30.62
C MET E 110 29.52 -9.71 29.13
N ALA E 111 28.69 -10.67 28.72
CA ALA E 111 28.42 -10.95 27.31
C ALA E 111 26.93 -11.30 27.10
N LYS E 112 26.50 -11.41 25.84
CA LYS E 112 25.07 -11.64 25.53
C LYS E 112 24.77 -13.01 24.94
N VAL E 113 23.58 -13.52 25.24
CA VAL E 113 23.03 -14.68 24.57
C VAL E 113 21.62 -14.36 24.00
N ARG E 114 21.18 -15.16 23.04
CA ARG E 114 19.83 -15.03 22.47
C ARG E 114 18.81 -15.50 23.49
N ILE E 115 17.66 -14.84 23.52
CA ILE E 115 16.61 -15.18 24.48
C ILE E 115 16.26 -16.65 24.39
N GLY E 116 16.25 -17.33 25.54
CA GLY E 116 15.90 -18.75 25.60
C GLY E 116 16.99 -19.67 25.11
N HIS E 117 18.14 -19.12 24.73
CA HIS E 117 19.23 -19.98 24.27
C HIS E 117 20.06 -20.55 25.45
N TYR E 118 19.52 -21.62 26.03
CA TYR E 118 20.07 -22.29 27.19
C TYR E 118 21.53 -22.68 27.02
N VAL E 119 21.82 -23.40 25.95
CA VAL E 119 23.19 -23.81 25.65
C VAL E 119 24.19 -22.63 25.46
N GLU E 120 23.82 -21.60 24.70
CA GLU E 120 24.68 -20.39 24.62
C GLU E 120 25.06 -19.88 26.00
N ALA E 121 24.10 -19.93 26.94
CA ALA E 121 24.32 -19.44 28.28
C ALA E 121 25.31 -20.36 29.05
N ARG E 122 25.16 -21.67 28.88
CA ARG E 122 26.10 -22.62 29.47
C ARG E 122 27.50 -22.42 28.88
N VAL E 123 27.58 -22.04 27.60
CA VAL E 123 28.87 -21.81 26.97
C VAL E 123 29.56 -20.62 27.60
N LEU E 124 28.85 -19.51 27.76
CA LEU E 124 29.45 -18.33 28.41
C LEU E 124 29.80 -18.59 29.88
N GLU E 125 28.97 -19.38 30.57
CA GLU E 125 29.21 -19.75 31.94
C GLU E 125 30.56 -20.51 32.00
N ALA E 126 30.67 -21.59 31.23
CA ALA E 126 31.90 -22.37 31.05
C ALA E 126 33.13 -21.54 30.64
N LEU E 127 32.94 -20.47 29.90
CA LEU E 127 34.06 -19.58 29.54
C LEU E 127 34.47 -18.66 30.67
N GLY E 128 33.64 -18.59 31.71
CA GLY E 128 33.97 -17.76 32.86
C GLY E 128 33.55 -16.30 32.82
N VAL E 129 32.58 -15.91 31.98
CA VAL E 129 32.10 -14.51 32.02
C VAL E 129 31.48 -14.27 33.39
N ASP E 130 31.46 -13.01 33.79
CA ASP E 130 30.95 -12.62 35.11
C ASP E 130 29.44 -12.41 35.16
N TYR E 131 28.85 -12.06 34.00
CA TYR E 131 27.42 -11.81 33.89
C TYR E 131 26.92 -12.16 32.49
N ILE E 132 25.73 -12.74 32.39
CA ILE E 132 25.08 -12.95 31.06
C ILE E 132 23.88 -12.04 30.82
N ASP E 133 23.90 -11.33 29.69
CA ASP E 133 22.73 -10.58 29.26
C ASP E 133 21.87 -11.45 28.29
N GLU E 134 20.78 -12.00 28.80
CA GLU E 134 19.81 -12.68 27.93
C GLU E 134 19.11 -11.57 27.12
N SER E 135 19.60 -11.29 25.92
CA SER E 135 19.37 -10.01 25.28
C SER E 135 18.38 -10.05 24.10
N GLU E 136 17.36 -9.20 24.16
CA GLU E 136 16.40 -9.02 23.08
C GLU E 136 16.95 -8.31 21.82
N VAL E 137 18.18 -7.77 21.87
CA VAL E 137 18.79 -7.20 20.64
C VAL E 137 19.49 -8.26 19.81
N LEU E 138 19.71 -9.43 20.39
CA LEU E 138 20.07 -10.62 19.63
C LEU E 138 18.77 -11.23 19.11
N THR E 139 18.87 -12.11 18.12
CA THR E 139 17.69 -12.73 17.53
C THR E 139 17.15 -13.82 18.44
N PRO E 140 15.95 -13.61 19.05
CA PRO E 140 15.46 -14.61 20.01
C PRO E 140 15.52 -16.04 19.48
N ALA E 141 15.91 -16.98 20.35
CA ALA E 141 16.01 -18.39 19.99
C ALA E 141 14.73 -19.10 20.42
N ASP E 142 14.11 -18.60 21.48
CA ASP E 142 12.87 -19.15 21.97
C ASP E 142 11.92 -18.01 22.24
N GLU E 143 10.83 -17.98 21.48
CA GLU E 143 9.91 -16.86 21.59
C GLU E 143 8.87 -16.99 22.70
N GLU E 144 8.78 -18.16 23.33
CA GLU E 144 7.84 -18.35 24.42
C GLU E 144 8.52 -18.39 25.80
N PHE E 145 9.61 -19.14 25.87
CA PHE E 145 10.22 -19.45 27.16
C PHE E 145 11.61 -18.85 27.31
N HIS E 146 11.80 -18.03 28.34
CA HIS E 146 13.15 -17.53 28.60
C HIS E 146 13.98 -18.61 29.29
N ILE E 147 15.29 -18.38 29.40
CA ILE E 147 16.20 -19.30 30.12
C ILE E 147 15.75 -19.40 31.59
N ASP E 148 15.70 -20.61 32.12
CA ASP E 148 15.52 -20.83 33.56
C ASP E 148 16.85 -20.49 34.28
N LYS E 149 17.02 -19.21 34.56
CA LYS E 149 18.28 -18.68 35.05
C LYS E 149 18.61 -19.16 36.47
N ARG E 150 17.60 -19.65 37.18
CA ARG E 150 17.78 -20.26 38.50
C ARG E 150 18.74 -21.46 38.48
N GLN E 151 18.83 -22.13 37.33
CA GLN E 151 19.69 -23.32 37.16
C GLN E 151 21.20 -23.02 36.94
N PHE E 152 21.58 -21.74 37.04
CA PHE E 152 22.90 -21.28 36.63
C PHE E 152 23.63 -20.71 37.82
N THR E 153 24.94 -20.86 37.83
CA THR E 153 25.72 -20.25 38.89
C THR E 153 26.09 -18.83 38.48
N VAL E 154 26.37 -18.62 37.19
CA VAL E 154 26.63 -17.25 36.69
C VAL E 154 25.33 -16.43 36.70
N PRO E 155 25.39 -15.17 37.18
CA PRO E 155 24.22 -14.28 37.20
C PRO E 155 23.79 -13.75 35.81
N PHE E 156 22.48 -13.55 35.62
CA PHE E 156 21.93 -12.92 34.39
C PHE E 156 21.40 -11.52 34.61
N VAL E 157 21.66 -10.62 33.66
CA VAL E 157 20.87 -9.40 33.52
C VAL E 157 19.78 -9.61 32.42
N CYS E 158 18.61 -8.97 32.59
CA CYS E 158 17.49 -9.08 31.65
C CYS E 158 16.85 -7.72 31.39
N GLY E 159 16.33 -7.51 30.20
CA GLY E 159 15.64 -6.25 29.86
C GLY E 159 14.19 -6.25 30.36
N CYS E 160 13.62 -5.07 30.59
CA CYS E 160 12.20 -4.98 30.92
C CYS E 160 11.65 -3.58 30.61
N ARG E 161 10.32 -3.47 30.59
CA ARG E 161 9.60 -2.26 30.20
C ARG E 161 8.57 -1.86 31.23
N ASP E 162 8.26 -2.79 32.12
CA ASP E 162 7.24 -2.57 33.11
C ASP E 162 7.46 -3.54 34.25
N LEU E 163 6.72 -3.36 35.32
CA LEU E 163 6.93 -4.17 36.51
C LEU E 163 6.55 -5.63 36.34
N GLY E 164 5.53 -5.91 35.55
CA GLY E 164 5.11 -7.29 35.31
C GLY E 164 6.18 -8.06 34.55
N GLU E 165 6.74 -7.44 33.53
CA GLU E 165 7.84 -8.03 32.83
C GLU E 165 9.07 -8.24 33.78
N ALA E 166 9.49 -7.17 34.48
CA ALA E 166 10.53 -7.25 35.51
C ALA E 166 10.29 -8.44 36.46
N ALA E 167 9.10 -8.48 37.05
CA ALA E 167 8.76 -9.50 38.01
C ALA E 167 8.88 -10.91 37.45
N ARG E 168 8.49 -11.12 36.18
CA ARG E 168 8.63 -12.45 35.57
C ARG E 168 10.10 -12.83 35.37
N ARG E 169 10.91 -11.86 34.97
CA ARG E 169 12.35 -12.09 34.76
C ARG E 169 13.02 -12.51 36.08
N ILE E 170 12.80 -11.72 37.14
CA ILE E 170 13.20 -12.10 38.48
C ILE E 170 12.77 -13.52 38.84
N ALA E 171 11.50 -13.87 38.60
CA ALA E 171 11.02 -15.24 38.91
C ALA E 171 11.67 -16.33 38.05
N GLU E 172 12.28 -15.95 36.94
CA GLU E 172 13.02 -16.92 36.13
C GLU E 172 14.45 -17.08 36.67
N GLY E 173 14.87 -16.14 37.50
CA GLY E 173 16.21 -16.20 38.08
C GLY E 173 17.06 -14.96 37.89
N ALA E 174 16.60 -13.98 37.11
CA ALA E 174 17.42 -12.78 36.83
C ALA E 174 17.99 -12.16 38.11
N SER E 175 19.23 -11.67 38.03
CA SER E 175 19.92 -11.09 39.18
C SER E 175 20.03 -9.59 39.04
N MET E 176 19.87 -9.10 37.81
CA MET E 176 19.97 -7.69 37.53
C MET E 176 18.93 -7.37 36.43
N LEU E 177 18.48 -6.12 36.38
CA LEU E 177 17.60 -5.69 35.30
C LEU E 177 18.12 -4.43 34.62
N ARG E 178 17.64 -4.21 33.41
CA ARG E 178 17.85 -2.96 32.70
C ARG E 178 16.56 -2.68 31.91
N THR E 179 16.34 -1.40 31.62
CA THR E 179 15.36 -1.03 30.63
C THR E 179 15.74 -1.63 29.28
N LYS E 180 14.74 -2.03 28.50
CA LYS E 180 14.94 -2.37 27.08
C LYS E 180 15.39 -1.17 26.24
N GLY E 181 14.89 0.01 26.57
CA GLY E 181 15.13 1.24 25.79
C GLY E 181 14.96 1.09 24.28
N GLU E 182 15.67 1.92 23.51
CA GLU E 182 15.68 1.81 22.06
C GLU E 182 17.12 1.84 21.54
N PRO E 183 17.85 0.72 21.66
CA PRO E 183 19.29 0.70 21.39
C PRO E 183 19.62 1.12 19.95
N GLY E 184 20.71 1.84 19.78
CA GLY E 184 21.19 2.18 18.44
C GLY E 184 20.74 3.55 17.98
N THR E 185 19.74 4.12 18.64
CA THR E 185 19.13 5.37 18.17
C THR E 185 19.80 6.61 18.74
N GLY E 186 20.49 6.47 19.87
CA GLY E 186 21.03 7.63 20.59
C GLY E 186 19.91 8.42 21.24
N ASN E 187 18.76 7.77 21.46
CA ASN E 187 17.55 8.43 21.91
C ASN E 187 17.06 7.77 23.18
N ILE E 188 16.96 8.56 24.25
CA ILE E 188 16.61 8.02 25.58
C ILE E 188 15.10 7.88 25.86
N VAL E 189 14.28 8.35 24.92
CA VAL E 189 12.82 8.41 25.13
C VAL E 189 12.22 7.12 25.63
N GLU E 190 12.64 6.00 25.06
CA GLU E 190 12.13 4.72 25.50
C GLU E 190 12.68 4.25 26.87
N ALA E 191 14.00 4.41 27.06
CA ALA E 191 14.64 4.15 28.37
C ALA E 191 13.90 4.94 29.46
N VAL E 192 13.63 6.22 29.18
CA VAL E 192 12.86 7.06 30.09
C VAL E 192 11.48 6.47 30.38
N ARG E 193 10.78 6.04 29.32
CA ARG E 193 9.46 5.44 29.49
C ARG E 193 9.51 4.22 30.40
N HIS E 194 10.46 3.34 30.14
CA HIS E 194 10.53 2.13 30.93
C HIS E 194 10.91 2.34 32.40
N MET E 195 11.93 3.18 32.64
CA MET E 195 12.36 3.53 34.01
C MET E 195 11.20 4.19 34.72
N ARG E 196 10.60 5.21 34.10
CA ARG E 196 9.41 5.87 34.63
C ARG E 196 8.31 4.87 34.99
N LYS E 197 8.04 3.93 34.09
CA LYS E 197 6.95 3.00 34.30
C LYS E 197 7.24 2.02 35.45
N VAL E 198 8.40 1.35 35.37
CA VAL E 198 8.80 0.43 36.47
C VAL E 198 8.81 1.09 37.84
N ASN E 199 9.43 2.26 37.95
CA ASN E 199 9.50 2.93 39.25
C ASN E 199 8.16 3.42 39.79
N ALA E 200 7.33 3.96 38.90
CA ALA E 200 5.96 4.38 39.26
C ALA E 200 5.17 3.21 39.82
N GLN E 201 5.36 2.04 39.22
CA GLN E 201 4.64 0.85 39.64
C GLN E 201 5.19 0.30 40.95
N ILE E 202 6.51 0.40 41.11
CA ILE E 202 7.20 0.06 42.37
C ILE E 202 6.63 0.96 43.48
N ARG E 203 6.65 2.27 43.26
CA ARG E 203 6.14 3.20 44.26
C ARG E 203 4.73 2.85 44.70
N LYS E 204 3.88 2.56 43.70
CA LYS E 204 2.52 2.17 43.95
C LYS E 204 2.44 0.89 44.77
N VAL E 205 3.24 -0.11 44.40
CA VAL E 205 3.24 -1.41 45.08
C VAL E 205 3.73 -1.32 46.56
N VAL E 206 4.80 -0.56 46.79
CA VAL E 206 5.34 -0.34 48.13
C VAL E 206 4.24 0.18 49.06
N ASN E 207 3.45 1.11 48.57
CA ASN E 207 2.52 1.86 49.39
C ASN E 207 1.06 1.35 49.38
N MET E 208 0.77 0.28 48.64
CA MET E 208 -0.62 -0.15 48.54
C MET E 208 -1.04 -1.15 49.62
N SER E 209 -2.33 -1.27 49.90
CA SER E 209 -2.81 -2.26 50.85
C SER E 209 -2.25 -3.64 50.49
N GLU E 210 -1.78 -4.33 51.53
CA GLU E 210 -1.23 -5.67 51.42
C GLU E 210 -2.23 -6.63 50.75
N ASP E 211 -3.49 -6.57 51.19
CA ASP E 211 -4.55 -7.42 50.64
C ASP E 211 -4.97 -7.11 49.18
N GLU E 212 -4.39 -6.08 48.57
CA GLU E 212 -4.67 -5.72 47.19
C GLU E 212 -3.56 -6.23 46.26
N LEU E 213 -2.52 -6.84 46.83
CA LEU E 213 -1.38 -7.28 46.03
C LEU E 213 -1.69 -8.48 45.12
N VAL E 214 -2.54 -9.39 45.58
CA VAL E 214 -2.86 -10.54 44.72
C VAL E 214 -3.57 -10.09 43.41
N ALA E 215 -4.56 -9.21 43.55
CA ALA E 215 -5.23 -8.64 42.40
C ALA E 215 -4.25 -7.85 41.54
N GLU E 216 -3.40 -7.04 42.17
CA GLU E 216 -2.43 -6.26 41.43
C GLU E 216 -1.50 -7.14 40.58
N ALA E 217 -0.94 -8.17 41.19
CA ALA E 217 -0.13 -9.15 40.46
C ALA E 217 -0.87 -9.73 39.24
N LYS E 218 -2.14 -10.09 39.41
CA LYS E 218 -2.96 -10.60 38.30
C LYS E 218 -3.03 -9.61 37.13
N GLN E 219 -3.38 -8.36 37.44
CA GLN E 219 -3.46 -7.30 36.49
C GLN E 219 -2.13 -7.02 35.79
N LEU E 220 -1.02 -7.12 36.51
CA LEU E 220 0.30 -6.84 35.95
C LEU E 220 0.93 -8.03 35.20
N GLY E 221 0.35 -9.20 35.39
CA GLY E 221 1.00 -10.44 34.95
C GLY E 221 2.28 -10.69 35.74
N ALA E 222 2.27 -10.34 37.02
CA ALA E 222 3.43 -10.49 37.91
C ALA E 222 3.24 -11.67 38.88
N PRO E 223 4.33 -12.39 39.19
CA PRO E 223 4.26 -13.34 40.31
C PRO E 223 4.13 -12.55 41.61
N VAL E 224 3.13 -12.89 42.42
CA VAL E 224 2.82 -12.09 43.60
C VAL E 224 3.93 -12.13 44.66
N GLU E 225 4.71 -13.20 44.68
CA GLU E 225 5.79 -13.32 45.64
C GLU E 225 6.84 -12.23 45.38
N VAL E 226 7.10 -11.95 44.10
CA VAL E 226 8.02 -10.87 43.74
C VAL E 226 7.45 -9.50 44.15
N LEU E 227 6.14 -9.36 44.05
CA LEU E 227 5.51 -8.10 44.43
C LEU E 227 5.54 -7.89 45.95
N ARG E 228 5.32 -8.96 46.71
CA ARG E 228 5.41 -8.93 48.19
C ARG E 228 6.84 -8.63 48.66
N GLU E 229 7.81 -9.19 47.95
CA GLU E 229 9.21 -8.88 48.19
C GLU E 229 9.58 -7.43 47.89
N ILE E 230 9.00 -6.86 46.83
CA ILE E 230 9.17 -5.43 46.53
C ILE E 230 8.61 -4.56 47.66
N LYS E 231 7.39 -4.85 48.10
CA LYS E 231 6.78 -4.09 49.19
C LYS E 231 7.64 -4.14 50.48
N ARG E 232 8.12 -5.34 50.81
CA ARG E 232 8.99 -5.59 51.96
C ARG E 232 10.27 -4.76 51.91
N LEU E 233 10.98 -4.79 50.79
CA LEU E 233 12.22 -4.00 50.64
C LEU E 233 12.00 -2.52 50.39
N GLY E 234 10.86 -2.17 49.82
CA GLY E 234 10.61 -0.78 49.35
C GLY E 234 11.30 -0.45 48.03
N ARG E 235 11.69 -1.48 47.30
CA ARG E 235 12.28 -1.34 45.97
C ARG E 235 12.48 -2.72 45.37
N LEU E 236 13.08 -2.80 44.18
CA LEU E 236 13.31 -4.11 43.53
C LEU E 236 14.38 -4.89 44.29
N PRO E 237 14.22 -6.23 44.36
CA PRO E 237 15.26 -7.03 45.02
C PRO E 237 16.52 -7.16 44.19
N VAL E 238 16.62 -6.44 43.07
CA VAL E 238 17.80 -6.49 42.22
C VAL E 238 18.06 -5.08 41.79
N VAL E 239 19.25 -4.80 41.25
CA VAL E 239 19.51 -3.48 40.72
C VAL E 239 18.95 -3.36 39.27
N ASN E 240 18.72 -2.12 38.86
CA ASN E 240 18.03 -1.82 37.61
C ASN E 240 18.74 -0.68 36.89
N PHE E 241 19.44 -1.01 35.82
CA PHE E 241 20.17 0.01 35.08
C PHE E 241 19.36 0.54 33.89
N ALA E 242 19.55 1.82 33.57
CA ALA E 242 19.01 2.38 32.34
C ALA E 242 19.88 1.93 31.20
N ALA E 243 19.24 1.54 30.10
CA ALA E 243 19.96 1.12 28.91
C ALA E 243 19.18 1.52 27.65
N GLY E 244 19.90 2.05 26.67
CA GLY E 244 19.36 2.43 25.36
C GLY E 244 19.42 3.92 25.12
N GLY E 245 20.29 4.37 24.23
CA GLY E 245 20.26 5.78 23.85
C GLY E 245 20.96 6.78 24.75
N VAL E 246 21.44 6.33 25.92
CA VAL E 246 22.16 7.24 26.86
C VAL E 246 23.42 7.75 26.18
N THR E 247 23.47 9.04 25.90
CA THR E 247 24.46 9.58 25.00
C THR E 247 25.38 10.64 25.64
N THR E 248 24.77 11.61 26.31
CA THR E 248 25.45 12.74 26.88
C THR E 248 25.60 12.57 28.41
N PRO E 249 26.47 13.39 29.04
CA PRO E 249 26.48 13.50 30.51
C PRO E 249 25.11 13.77 31.13
N ALA E 250 24.39 14.77 30.62
CA ALA E 250 23.01 15.02 31.08
C ALA E 250 22.07 13.81 31.00
N ASP E 251 22.17 13.00 29.93
CA ASP E 251 21.29 11.82 29.84
C ASP E 251 21.57 10.88 30.98
N ALA E 252 22.87 10.72 31.26
CA ALA E 252 23.32 9.70 32.24
C ALA E 252 22.81 10.13 33.60
N ALA E 253 23.09 11.39 33.94
CA ALA E 253 22.56 12.01 35.14
C ALA E 253 21.03 11.87 35.21
N LEU E 254 20.31 12.31 34.16
CA LEU E 254 18.83 12.14 34.08
C LEU E 254 18.33 10.77 34.49
N MET E 255 18.92 9.71 33.93
CA MET E 255 18.47 8.38 34.29
C MET E 255 18.50 8.11 35.80
N MET E 256 19.56 8.60 36.44
CA MET E 256 19.76 8.47 37.89
C MET E 256 18.70 9.27 38.62
N HIS E 257 18.44 10.50 38.16
CA HIS E 257 17.33 11.33 38.62
C HIS E 257 15.98 10.62 38.56
N LEU E 258 15.78 9.76 37.55
CA LEU E 258 14.53 8.99 37.44
C LEU E 258 14.57 7.78 38.32
N GLY E 259 15.69 7.57 38.99
CA GLY E 259 15.76 6.46 39.95
C GLY E 259 16.41 5.20 39.43
N ALA E 260 17.20 5.28 38.36
CA ALA E 260 18.03 4.13 37.97
C ALA E 260 19.13 3.85 39.05
N ASP E 261 19.67 2.63 39.07
CA ASP E 261 20.80 2.32 39.97
C ASP E 261 22.11 2.58 39.25
N GLY E 262 22.08 2.53 37.93
CA GLY E 262 23.17 3.04 37.09
C GLY E 262 22.76 3.02 35.62
N VAL E 263 23.75 2.93 34.74
CA VAL E 263 23.58 3.22 33.32
C VAL E 263 24.42 2.20 32.52
N PHE E 264 23.83 1.56 31.49
CA PHE E 264 24.65 0.94 30.44
C PHE E 264 24.82 1.95 29.33
N VAL E 265 26.01 2.04 28.74
CA VAL E 265 26.26 2.90 27.58
C VAL E 265 26.90 2.10 26.44
N GLY E 266 26.75 2.62 25.23
CA GLY E 266 27.07 1.86 24.02
C GLY E 266 28.32 2.38 23.34
N SER E 267 28.54 1.94 22.10
CA SER E 267 29.82 2.14 21.41
C SER E 267 30.10 3.55 20.95
N GLY E 268 29.10 4.42 21.07
CA GLY E 268 29.25 5.84 20.71
C GLY E 268 30.41 6.54 21.38
N ILE E 269 30.72 6.11 22.61
CA ILE E 269 31.88 6.60 23.35
C ILE E 269 33.15 6.56 22.49
N PHE E 270 33.31 5.47 21.75
CA PHE E 270 34.52 5.24 20.98
C PHE E 270 34.47 5.81 19.57
N LYS E 271 33.32 6.35 19.18
CA LYS E 271 33.17 7.13 17.96
C LYS E 271 33.66 8.54 18.23
N SER E 272 33.94 8.82 19.49
CA SER E 272 34.36 10.13 19.97
C SER E 272 35.80 10.51 19.55
N GLU E 273 36.08 11.82 19.54
CA GLU E 273 37.42 12.32 19.24
C GLU E 273 38.39 11.98 20.36
N ASN E 274 37.85 11.83 21.56
CA ASN E 274 38.61 11.54 22.75
C ASN E 274 37.78 10.65 23.64
N PRO E 275 37.80 9.34 23.35
CA PRO E 275 36.95 8.41 24.08
C PRO E 275 37.21 8.43 25.58
N GLU E 276 38.48 8.62 25.99
CA GLU E 276 38.84 8.63 27.42
C GLU E 276 38.17 9.77 28.18
N LYS E 277 38.24 10.97 27.62
CA LYS E 277 37.55 12.12 28.21
C LYS E 277 36.05 11.89 28.26
N TYR E 278 35.50 11.31 27.20
CA TYR E 278 34.05 11.06 27.06
C TYR E 278 33.59 9.98 28.04
N ALA E 279 34.27 8.83 28.02
CA ALA E 279 34.00 7.77 28.97
C ALA E 279 34.02 8.28 30.43
N ARG E 280 35.06 9.01 30.77
CA ARG E 280 35.19 9.64 32.10
C ARG E 280 34.06 10.62 32.44
N ALA E 281 33.72 11.51 31.50
CA ALA E 281 32.58 12.44 31.65
C ALA E 281 31.26 11.72 31.99
N ILE E 282 31.02 10.58 31.36
CA ILE E 282 29.82 9.82 31.63
C ILE E 282 29.91 9.20 33.03
N VAL E 283 31.12 8.74 33.39
CA VAL E 283 31.31 8.11 34.71
C VAL E 283 31.05 9.15 35.80
N GLU E 284 31.59 10.34 35.61
CA GLU E 284 31.42 11.41 36.58
C GLU E 284 29.97 11.87 36.67
N ALA E 285 29.30 11.99 35.52
CA ALA E 285 27.88 12.39 35.46
C ALA E 285 26.96 11.43 36.17
N THR E 286 27.20 10.16 35.94
CA THR E 286 26.37 9.15 36.52
C THR E 286 26.50 9.08 38.05
N THR E 287 27.73 9.22 38.54
CA THR E 287 27.95 9.19 39.98
C THR E 287 27.60 10.51 40.67
N HIS E 288 27.99 11.64 40.10
CA HIS E 288 27.64 12.93 40.72
C HIS E 288 26.43 13.55 40.00
N TYR E 289 25.31 12.83 40.06
CA TYR E 289 24.18 13.14 39.20
C TYR E 289 23.36 14.34 39.62
N GLU E 290 23.67 14.93 40.77
CA GLU E 290 23.03 16.19 41.14
C GLU E 290 24.02 17.32 41.13
N ASP E 291 25.20 17.04 40.60
CA ASP E 291 26.17 18.08 40.51
C ASP E 291 26.01 18.82 39.18
N TYR E 292 25.05 19.75 39.16
CA TYR E 292 24.63 20.41 37.93
C TYR E 292 25.72 21.25 37.34
N GLU E 293 26.45 21.95 38.20
CA GLU E 293 27.57 22.77 37.76
C GLU E 293 28.69 21.90 37.17
N LEU E 294 28.99 20.79 37.81
CA LEU E 294 29.95 19.85 37.25
C LEU E 294 29.47 19.29 35.90
N ILE E 295 28.23 18.75 35.89
CA ILE E 295 27.63 18.20 34.67
C ILE E 295 27.71 19.20 33.50
N ALA E 296 27.41 20.48 33.77
CA ALA E 296 27.46 21.52 32.77
C ALA E 296 28.85 21.69 32.16
N HIS E 297 29.89 21.53 32.99
CA HIS E 297 31.28 21.66 32.54
C HIS E 297 31.69 20.45 31.72
N LEU E 298 31.26 19.28 32.18
CA LEU E 298 31.47 18.02 31.47
C LEU E 298 30.74 17.95 30.13
N SER E 299 29.84 18.89 29.87
CA SER E 299 29.13 18.93 28.58
C SER E 299 29.95 19.62 27.51
N LYS E 300 30.85 20.53 27.93
CA LYS E 300 31.71 21.28 27.00
C LYS E 300 32.93 20.45 26.59
N GLY E 301 33.53 20.82 25.46
CA GLY E 301 34.64 20.05 24.87
C GLY E 301 34.16 18.70 24.34
N LEU E 302 32.90 18.66 23.92
CA LEU E 302 32.25 17.46 23.37
C LEU E 302 32.84 16.16 23.89
N LYS F 49 5.22 45.17 24.45
CA LYS F 49 4.17 44.33 23.83
C LYS F 49 4.23 44.46 22.30
N GLY F 50 4.19 43.31 21.63
CA GLY F 50 4.65 43.22 20.25
C GLY F 50 6.18 43.13 20.18
N GLY F 51 6.78 42.33 21.06
CA GLY F 51 8.20 41.99 20.97
C GLY F 51 8.45 40.87 19.97
N VAL F 52 9.64 40.90 19.37
CA VAL F 52 10.14 39.85 18.49
C VAL F 52 11.35 39.15 19.12
N ILE F 53 11.34 37.82 19.12
CA ILE F 53 12.50 37.04 19.56
C ILE F 53 13.01 36.29 18.35
N MET F 54 14.31 36.31 18.11
CA MET F 54 14.86 35.68 16.90
C MET F 54 15.79 34.52 17.14
N ASP F 55 15.63 33.47 16.32
CA ASP F 55 16.53 32.31 16.34
C ASP F 55 17.89 32.71 15.76
N VAL F 56 18.96 32.53 16.55
CA VAL F 56 20.30 32.85 16.09
C VAL F 56 21.21 31.67 16.34
N VAL F 57 22.23 31.48 15.50
CA VAL F 57 23.16 30.37 15.65
C VAL F 57 24.61 30.80 15.97
N ASN F 58 24.95 32.07 15.78
CA ASN F 58 26.26 32.58 16.15
C ASN F 58 26.18 34.02 16.63
N ALA F 59 27.32 34.53 17.15
CA ALA F 59 27.45 35.91 17.63
C ALA F 59 27.03 36.96 16.62
N GLU F 60 27.49 36.80 15.37
CA GLU F 60 27.11 37.70 14.28
C GLU F 60 25.58 37.82 14.08
N GLN F 61 24.88 36.69 14.05
CA GLN F 61 23.44 36.74 13.94
C GLN F 61 22.81 37.40 15.15
N ALA F 62 23.31 37.08 16.34
CA ALA F 62 22.81 37.66 17.59
C ALA F 62 22.91 39.20 17.60
N LYS F 63 24.00 39.73 17.07
CA LYS F 63 24.21 41.18 17.01
C LYS F 63 23.23 41.85 16.06
N ILE F 64 22.99 41.22 14.91
CA ILE F 64 22.01 41.69 13.91
C ILE F 64 20.61 41.71 14.54
N ALA F 65 20.22 40.59 15.13
CA ALA F 65 18.98 40.52 15.87
C ALA F 65 18.82 41.68 16.86
N GLU F 66 19.88 41.97 17.63
CA GLU F 66 19.80 42.96 18.69
C GLU F 66 19.72 44.38 18.12
N ALA F 67 20.60 44.69 17.19
CA ALA F 67 20.64 45.97 16.49
C ALA F 67 19.31 46.25 15.79
N ALA F 68 18.64 45.20 15.33
CA ALA F 68 17.34 45.31 14.65
C ALA F 68 16.17 45.54 15.59
N GLY F 69 16.38 45.38 16.90
CA GLY F 69 15.29 45.60 17.84
C GLY F 69 14.63 44.38 18.45
N ALA F 70 15.17 43.18 18.26
CA ALA F 70 14.62 41.99 18.93
C ALA F 70 14.65 42.18 20.44
N VAL F 71 13.64 41.70 21.14
CA VAL F 71 13.63 41.81 22.60
C VAL F 71 14.45 40.69 23.28
N ALA F 72 14.69 39.58 22.59
CA ALA F 72 15.57 38.53 23.07
C ALA F 72 16.05 37.71 21.86
N VAL F 73 17.06 36.88 22.08
CA VAL F 73 17.46 35.92 21.07
C VAL F 73 17.32 34.52 21.63
N MET F 74 17.09 33.58 20.73
CA MET F 74 17.07 32.17 21.03
C MET F 74 18.29 31.57 20.36
N ALA F 75 19.23 31.11 21.17
CA ALA F 75 20.45 30.49 20.67
C ALA F 75 20.21 29.03 20.26
N LEU F 76 20.59 28.66 19.04
CA LEU F 76 20.41 27.29 18.51
C LEU F 76 21.69 26.66 17.98
N GLU F 77 21.74 25.33 17.96
CA GLU F 77 22.90 24.60 17.41
C GLU F 77 22.92 24.67 15.89
N GLY F 87 17.37 9.93 10.51
CA GLY F 87 16.87 10.18 11.88
C GLY F 87 17.95 10.61 12.87
N GLY F 88 18.09 11.93 13.04
CA GLY F 88 19.08 12.48 13.99
C GLY F 88 18.41 12.93 15.28
N VAL F 89 19.06 12.67 16.42
CA VAL F 89 18.51 13.14 17.70
C VAL F 89 18.91 14.59 17.91
N ALA F 90 17.91 15.41 18.22
CA ALA F 90 18.11 16.83 18.45
C ALA F 90 18.13 17.05 19.97
N ARG F 91 19.32 17.38 20.50
CA ARG F 91 19.52 17.59 21.93
C ARG F 91 19.80 19.06 22.26
N MET F 92 19.92 19.35 23.55
CA MET F 92 20.49 20.60 24.05
C MET F 92 21.69 21.06 23.20
N ALA F 93 21.78 22.37 22.93
CA ALA F 93 22.93 22.90 22.20
C ALA F 93 24.24 22.70 22.99
N ASP F 94 25.35 22.81 22.27
CA ASP F 94 26.68 22.77 22.86
C ASP F 94 26.86 24.06 23.68
N PRO F 95 27.35 23.91 24.93
CA PRO F 95 27.58 25.05 25.82
C PRO F 95 28.36 26.19 25.18
N THR F 96 29.30 25.86 24.29
CA THR F 96 30.11 26.89 23.64
C THR F 96 29.32 27.80 22.71
N VAL F 97 28.30 27.24 22.06
CA VAL F 97 27.43 28.01 21.18
C VAL F 97 26.61 28.99 22.02
N ILE F 98 26.08 28.49 23.13
CA ILE F 98 25.26 29.28 24.03
C ILE F 98 26.03 30.43 24.68
N GLU F 99 27.26 30.16 25.10
CA GLU F 99 28.10 31.21 25.68
C GLU F 99 28.50 32.23 24.63
N GLU F 100 28.85 31.73 23.44
CA GLU F 100 29.16 32.60 22.29
C GLU F 100 28.06 33.63 22.06
N VAL F 101 26.82 33.17 22.03
CA VAL F 101 25.68 34.07 21.88
C VAL F 101 25.49 34.98 23.10
N MET F 102 25.59 34.41 24.30
CA MET F 102 25.49 35.19 25.56
C MET F 102 26.48 36.34 25.57
N ASN F 103 27.69 36.07 25.08
CA ASN F 103 28.73 37.10 25.01
C ASN F 103 28.44 38.22 24.02
N ALA F 104 27.54 37.97 23.06
CA ALA F 104 27.38 38.89 21.92
C ALA F 104 26.40 40.02 22.17
N VAL F 105 25.48 39.85 23.12
CA VAL F 105 24.39 40.79 23.24
C VAL F 105 24.05 41.15 24.67
N SER F 106 23.42 42.32 24.82
CA SER F 106 22.89 42.77 26.11
C SER F 106 21.48 42.24 26.39
N ILE F 107 20.73 41.92 25.33
CA ILE F 107 19.37 41.42 25.51
C ILE F 107 19.38 39.96 25.98
N PRO F 108 18.26 39.49 26.59
CA PRO F 108 18.14 38.13 27.10
C PRO F 108 18.35 37.01 26.05
N VAL F 109 19.02 35.95 26.48
CA VAL F 109 19.34 34.83 25.60
C VAL F 109 18.61 33.61 26.13
N MET F 110 17.84 32.96 25.24
CA MET F 110 17.15 31.70 25.54
C MET F 110 17.85 30.54 24.84
N ALA F 111 17.56 29.33 25.30
CA ALA F 111 18.02 28.14 24.60
C ALA F 111 17.06 26.99 24.88
N LYS F 112 17.17 25.91 24.10
CA LYS F 112 16.17 24.84 24.18
C LYS F 112 16.68 23.59 24.90
N VAL F 113 15.74 22.86 25.54
CA VAL F 113 16.02 21.51 26.04
C VAL F 113 14.92 20.60 25.48
N ARG F 114 15.21 19.31 25.40
CA ARG F 114 14.22 18.29 25.09
C ARG F 114 13.15 18.24 26.18
N ILE F 115 11.92 17.95 25.78
CA ILE F 115 10.81 17.85 26.70
C ILE F 115 11.09 16.80 27.77
N GLY F 116 10.94 17.21 29.03
CA GLY F 116 11.10 16.31 30.14
C GLY F 116 12.57 16.14 30.57
N HIS F 117 13.49 16.82 29.89
CA HIS F 117 14.91 16.58 30.16
C HIS F 117 15.41 17.51 31.30
N TYR F 118 15.06 17.11 32.51
CA TYR F 118 15.35 17.79 33.76
C TYR F 118 16.81 18.24 33.85
N VAL F 119 17.71 17.35 33.48
CA VAL F 119 19.10 17.64 33.69
C VAL F 119 19.62 18.62 32.63
N GLU F 120 19.20 18.45 31.38
CA GLU F 120 19.55 19.43 30.34
C GLU F 120 19.13 20.82 30.80
N ALA F 121 17.96 20.92 31.42
CA ALA F 121 17.51 22.19 31.93
C ALA F 121 18.40 22.73 33.11
N ARG F 122 18.83 21.86 34.03
CA ARG F 122 19.76 22.34 35.09
C ARG F 122 21.10 22.75 34.49
N VAL F 123 21.56 22.06 33.44
CA VAL F 123 22.80 22.46 32.79
C VAL F 123 22.68 23.87 32.24
N LEU F 124 21.57 24.15 31.55
CA LEU F 124 21.38 25.46 30.96
C LEU F 124 21.21 26.53 32.03
N GLU F 125 20.56 26.14 33.12
CA GLU F 125 20.34 27.06 34.21
C GLU F 125 21.73 27.46 34.75
N ALA F 126 22.59 26.46 34.97
CA ALA F 126 23.94 26.66 35.49
C ALA F 126 24.82 27.44 34.51
N LEU F 127 24.57 27.32 33.21
CA LEU F 127 25.36 28.09 32.23
C LEU F 127 24.92 29.54 32.17
N GLY F 128 23.83 29.86 32.87
CA GLY F 128 23.40 31.25 32.97
C GLY F 128 22.46 31.75 31.88
N VAL F 129 21.78 30.86 31.15
CA VAL F 129 20.81 31.34 30.15
C VAL F 129 19.68 32.11 30.86
N ASP F 130 19.04 33.03 30.14
CA ASP F 130 17.94 33.80 30.73
C ASP F 130 16.58 33.11 30.70
N TYR F 131 16.40 32.18 29.77
CA TYR F 131 15.10 31.56 29.60
C TYR F 131 15.31 30.21 28.96
N ILE F 132 14.57 29.20 29.39
CA ILE F 132 14.61 27.90 28.74
C ILE F 132 13.29 27.60 27.97
N ASP F 133 13.42 27.15 26.72
CA ASP F 133 12.28 26.66 25.95
C ASP F 133 12.29 25.14 26.00
N GLU F 134 11.33 24.58 26.70
CA GLU F 134 11.21 23.16 26.80
C GLU F 134 10.46 22.80 25.53
N SER F 135 11.19 22.33 24.52
CA SER F 135 10.74 22.45 23.14
C SER F 135 10.48 21.14 22.44
N GLU F 136 9.33 21.09 21.78
CA GLU F 136 8.87 19.93 20.99
C GLU F 136 9.60 19.78 19.65
N VAL F 137 10.43 20.75 19.29
CA VAL F 137 11.25 20.59 18.09
C VAL F 137 12.54 19.77 18.32
N LEU F 138 13.03 19.77 19.56
CA LEU F 138 14.07 18.83 19.97
C LEU F 138 13.39 17.48 20.17
N THR F 139 14.14 16.39 20.04
CA THR F 139 13.56 15.05 20.24
C THR F 139 13.09 14.85 21.71
N PRO F 140 11.78 14.63 21.94
CA PRO F 140 11.39 14.55 23.35
C PRO F 140 12.17 13.47 24.15
N ALA F 141 12.50 13.79 25.40
CA ALA F 141 13.21 12.85 26.27
C ALA F 141 12.18 12.04 27.06
N ASP F 142 11.12 12.73 27.50
CA ASP F 142 10.01 12.12 28.22
C ASP F 142 8.74 12.36 27.41
N GLU F 143 8.12 11.30 26.92
CA GLU F 143 6.86 11.47 26.21
C GLU F 143 5.63 11.61 27.12
N GLU F 144 5.79 11.41 28.43
CA GLU F 144 4.63 11.50 29.28
C GLU F 144 4.65 12.64 30.26
N PHE F 145 5.82 13.02 30.74
CA PHE F 145 5.86 14.03 31.77
C PHE F 145 6.76 15.16 31.36
N HIS F 146 6.26 16.37 31.52
CA HIS F 146 7.08 17.55 31.30
C HIS F 146 7.88 17.85 32.57
N ILE F 147 8.91 18.68 32.41
CA ILE F 147 9.80 19.09 33.50
C ILE F 147 9.00 19.81 34.57
N ASP F 148 9.30 19.52 35.83
CA ASP F 148 8.66 20.27 36.91
C ASP F 148 9.39 21.57 37.09
N LYS F 149 8.94 22.54 36.30
CA LYS F 149 9.59 23.82 36.11
C LYS F 149 9.52 24.73 37.34
N ARG F 150 8.62 24.38 38.27
CA ARG F 150 8.50 25.07 39.57
C ARG F 150 9.79 24.98 40.39
N GLN F 151 10.55 23.90 40.18
CA GLN F 151 11.75 23.63 40.94
C GLN F 151 12.96 24.38 40.39
N PHE F 152 12.77 25.22 39.38
CA PHE F 152 13.89 25.92 38.76
C PHE F 152 13.84 27.40 39.07
N THR F 153 15.01 28.04 39.15
CA THR F 153 15.01 29.48 39.27
C THR F 153 14.98 30.18 37.91
N VAL F 154 15.56 29.57 36.87
CA VAL F 154 15.45 30.10 35.50
C VAL F 154 14.02 29.90 34.96
N PRO F 155 13.40 30.97 34.40
CA PRO F 155 12.03 30.86 33.83
C PRO F 155 11.96 30.05 32.52
N PHE F 156 10.83 29.36 32.30
CA PHE F 156 10.65 28.55 31.09
C PHE F 156 9.50 29.01 30.21
N VAL F 157 9.67 28.86 28.91
CA VAL F 157 8.58 29.01 27.95
C VAL F 157 8.22 27.63 27.41
N CYS F 158 6.92 27.41 27.22
CA CYS F 158 6.40 26.17 26.69
C CYS F 158 5.41 26.43 25.55
N GLY F 159 5.28 25.45 24.68
CA GLY F 159 4.33 25.50 23.60
C GLY F 159 2.96 24.99 24.01
N CYS F 160 1.93 25.48 23.32
CA CYS F 160 0.59 24.90 23.47
C CYS F 160 -0.26 25.11 22.21
N ARG F 161 -1.36 24.36 22.16
CA ARG F 161 -2.27 24.38 21.06
C ARG F 161 -3.68 24.75 21.50
N ASP F 162 -3.93 24.71 22.82
CA ASP F 162 -5.28 24.94 23.32
C ASP F 162 -5.19 25.35 24.78
N LEU F 163 -6.32 25.71 25.37
CA LEU F 163 -6.29 26.24 26.72
C LEU F 163 -5.97 25.18 27.77
N GLY F 164 -6.43 23.96 27.56
CA GLY F 164 -6.08 22.84 28.44
C GLY F 164 -4.57 22.63 28.53
N GLU F 165 -3.94 22.49 27.37
CA GLU F 165 -2.50 22.39 27.25
C GLU F 165 -1.78 23.54 27.93
N ALA F 166 -2.26 24.76 27.67
CA ALA F 166 -1.68 25.95 28.27
C ALA F 166 -1.77 25.94 29.81
N ALA F 167 -2.88 25.44 30.33
CA ALA F 167 -3.11 25.46 31.76
C ALA F 167 -2.21 24.42 32.41
N ARG F 168 -2.04 23.27 31.76
CA ARG F 168 -1.17 22.23 32.28
C ARG F 168 0.29 22.70 32.29
N ARG F 169 0.73 23.37 31.23
CA ARG F 169 2.10 23.88 31.23
C ARG F 169 2.26 24.90 32.36
N ILE F 170 1.24 25.76 32.57
CA ILE F 170 1.32 26.77 33.62
C ILE F 170 1.35 26.07 35.00
N ALA F 171 0.50 25.05 35.15
CA ALA F 171 0.48 24.29 36.42
C ALA F 171 1.83 23.61 36.74
N GLU F 172 2.56 23.22 35.70
CA GLU F 172 3.95 22.72 35.83
C GLU F 172 4.98 23.80 36.13
N GLY F 173 4.57 25.06 36.00
CA GLY F 173 5.46 26.19 36.32
C GLY F 173 5.96 27.05 35.17
N ALA F 174 5.39 26.89 33.96
CA ALA F 174 5.80 27.74 32.83
C ALA F 174 5.63 29.22 33.18
N SER F 175 6.58 30.06 32.76
CA SER F 175 6.49 31.50 32.95
C SER F 175 6.07 32.22 31.68
N MET F 176 6.05 31.50 30.57
CA MET F 176 5.71 32.09 29.28
C MET F 176 5.16 30.99 28.37
N LEU F 177 4.29 31.38 27.45
CA LEU F 177 3.76 30.43 26.45
C LEU F 177 4.04 30.88 25.03
N ARG F 178 3.94 29.91 24.12
CA ARG F 178 3.99 30.16 22.70
C ARG F 178 3.13 29.12 22.00
N THR F 179 2.63 29.41 20.81
CA THR F 179 1.90 28.40 20.00
C THR F 179 2.94 27.35 19.62
N LYS F 180 2.51 26.11 19.37
CA LYS F 180 3.38 25.12 18.76
C LYS F 180 3.61 25.40 17.27
N GLY F 181 2.59 25.91 16.57
CA GLY F 181 2.69 26.17 15.12
C GLY F 181 3.21 24.94 14.39
N GLU F 182 3.91 25.19 13.29
CA GLU F 182 4.49 24.11 12.48
C GLU F 182 5.84 24.67 12.02
N PRO F 183 6.87 24.58 12.89
CA PRO F 183 8.19 25.17 12.53
C PRO F 183 8.80 24.55 11.27
N GLY F 184 9.56 25.35 10.53
CA GLY F 184 10.27 24.83 9.35
C GLY F 184 9.53 24.92 8.03
N THR F 185 8.23 25.22 8.04
CA THR F 185 7.43 25.17 6.81
C THR F 185 7.29 26.54 6.16
N GLY F 186 7.44 27.60 6.95
CA GLY F 186 7.13 28.97 6.51
C GLY F 186 5.62 29.21 6.50
N ASN F 187 4.89 28.28 7.10
CA ASN F 187 3.43 28.25 7.03
C ASN F 187 2.87 28.59 8.39
N ILE F 188 2.22 29.76 8.50
CA ILE F 188 1.57 30.15 9.74
C ILE F 188 0.28 29.43 10.08
N VAL F 189 -0.21 28.53 9.23
CA VAL F 189 -1.58 28.04 9.43
C VAL F 189 -1.78 27.38 10.82
N GLU F 190 -0.77 26.65 11.31
CA GLU F 190 -0.94 25.96 12.61
C GLU F 190 -0.82 26.96 13.76
N ALA F 191 0.09 27.92 13.64
CA ALA F 191 0.19 28.99 14.62
C ALA F 191 -1.11 29.79 14.75
N VAL F 192 -1.70 30.13 13.61
CA VAL F 192 -3.00 30.80 13.61
C VAL F 192 -4.07 29.95 14.31
N ARG F 193 -4.16 28.68 13.96
CA ARG F 193 -5.09 27.76 14.61
C ARG F 193 -4.93 27.75 16.16
N HIS F 194 -3.69 27.68 16.64
CA HIS F 194 -3.40 27.60 18.09
C HIS F 194 -3.75 28.89 18.82
N MET F 195 -3.38 30.02 18.21
CA MET F 195 -3.63 31.31 18.80
C MET F 195 -5.13 31.60 18.81
N ARG F 196 -5.82 31.24 17.72
CA ARG F 196 -7.28 31.34 17.63
C ARG F 196 -7.94 30.52 18.72
N LYS F 197 -7.55 29.24 18.80
CA LYS F 197 -8.14 28.32 19.78
C LYS F 197 -7.92 28.82 21.22
N VAL F 198 -6.67 29.09 21.58
CA VAL F 198 -6.38 29.49 22.94
C VAL F 198 -7.16 30.74 23.30
N ASN F 199 -7.14 31.75 22.42
CA ASN F 199 -7.74 33.04 22.76
C ASN F 199 -9.27 32.96 22.78
N ALA F 200 -9.82 32.13 21.90
CA ALA F 200 -11.26 31.92 21.88
C ALA F 200 -11.72 31.24 23.18
N GLN F 201 -10.98 30.23 23.61
CA GLN F 201 -11.26 29.55 24.88
C GLN F 201 -11.09 30.48 26.10
N ILE F 202 -10.11 31.38 26.03
CA ILE F 202 -9.94 32.37 27.09
C ILE F 202 -11.14 33.33 27.16
N ARG F 203 -11.53 33.93 26.03
CA ARG F 203 -12.73 34.78 25.99
C ARG F 203 -13.96 34.03 26.56
N LYS F 204 -14.06 32.75 26.27
CA LYS F 204 -15.17 31.98 26.82
C LYS F 204 -15.08 31.85 28.35
N VAL F 205 -13.88 31.55 28.85
CA VAL F 205 -13.66 31.39 30.30
C VAL F 205 -13.90 32.73 31.01
N VAL F 206 -13.32 33.80 30.48
CA VAL F 206 -13.43 35.13 31.08
C VAL F 206 -14.89 35.49 31.33
N ASN F 207 -15.76 35.15 30.37
CA ASN F 207 -17.16 35.55 30.42
C ASN F 207 -18.10 34.50 30.99
N MET F 208 -17.64 33.27 31.20
CA MET F 208 -18.56 32.24 31.64
C MET F 208 -19.03 32.31 33.09
N SER F 209 -20.21 31.75 33.33
CA SER F 209 -20.75 31.64 34.67
C SER F 209 -19.71 30.95 35.58
N GLU F 210 -19.38 31.61 36.70
CA GLU F 210 -18.40 31.10 37.64
C GLU F 210 -18.69 29.66 38.08
N ASP F 211 -19.96 29.35 38.38
CA ASP F 211 -20.30 28.00 38.79
C ASP F 211 -20.11 26.91 37.74
N GLU F 212 -19.69 27.30 36.55
CA GLU F 212 -19.52 26.37 35.41
C GLU F 212 -18.05 26.03 35.15
N LEU F 213 -17.13 26.68 35.87
CA LEU F 213 -15.68 26.52 35.60
C LEU F 213 -15.07 25.15 35.97
N VAL F 214 -15.61 24.51 37.01
CA VAL F 214 -15.12 23.18 37.37
C VAL F 214 -15.43 22.16 36.25
N ALA F 215 -16.68 22.13 35.78
CA ALA F 215 -17.04 21.37 34.56
C ALA F 215 -16.19 21.75 33.32
N GLU F 216 -15.99 23.04 33.09
CA GLU F 216 -15.19 23.48 31.97
C GLU F 216 -13.74 22.97 32.06
N ALA F 217 -13.16 23.04 33.26
CA ALA F 217 -11.82 22.52 33.54
C ALA F 217 -11.74 21.02 33.24
N LYS F 218 -12.74 20.27 33.66
CA LYS F 218 -12.77 18.85 33.34
C LYS F 218 -12.79 18.61 31.80
N GLN F 219 -13.57 19.42 31.08
CA GLN F 219 -13.75 19.23 29.63
C GLN F 219 -12.44 19.55 28.91
N LEU F 220 -11.76 20.60 29.35
CA LEU F 220 -10.51 21.00 28.77
C LEU F 220 -9.31 20.17 29.22
N GLY F 221 -9.46 19.40 30.30
CA GLY F 221 -8.29 18.85 30.99
C GLY F 221 -7.38 19.97 31.48
N ALA F 222 -7.97 21.04 31.99
CA ALA F 222 -7.23 22.17 32.56
C ALA F 222 -7.37 22.15 34.09
N PRO F 223 -6.27 22.46 34.82
CA PRO F 223 -6.37 22.76 36.25
C PRO F 223 -7.30 23.94 36.49
N VAL F 224 -8.35 23.72 37.28
CA VAL F 224 -9.39 24.73 37.48
C VAL F 224 -8.85 26.02 38.10
N GLU F 225 -7.89 25.89 39.01
CA GLU F 225 -7.26 27.07 39.58
C GLU F 225 -6.70 28.02 38.50
N VAL F 226 -6.10 27.45 37.46
CA VAL F 226 -5.56 28.28 36.43
C VAL F 226 -6.69 28.98 35.67
N LEU F 227 -7.78 28.26 35.37
CA LEU F 227 -8.97 28.86 34.73
C LEU F 227 -9.56 29.99 35.56
N ARG F 228 -9.51 29.81 36.89
CA ARG F 228 -10.03 30.78 37.82
C ARG F 228 -9.17 32.03 37.85
N GLU F 229 -7.87 31.86 37.66
CA GLU F 229 -6.96 33.01 37.55
C GLU F 229 -7.17 33.77 36.21
N ILE F 230 -7.30 33.01 35.13
CA ILE F 230 -7.60 33.57 33.81
C ILE F 230 -8.86 34.44 33.87
N LYS F 231 -9.92 33.91 34.47
CA LYS F 231 -11.17 34.65 34.63
C LYS F 231 -10.90 35.92 35.45
N ARG F 232 -10.14 35.78 36.53
CA ARG F 232 -9.88 36.89 37.43
C ARG F 232 -9.13 38.01 36.71
N LEU F 233 -8.12 37.65 35.92
CA LEU F 233 -7.26 38.62 35.22
C LEU F 233 -7.81 39.10 33.88
N GLY F 234 -8.79 38.39 33.33
CA GLY F 234 -9.28 38.69 32.00
C GLY F 234 -8.37 38.19 30.88
N ARG F 235 -7.37 37.39 31.22
CA ARG F 235 -6.38 36.92 30.23
C ARG F 235 -5.47 35.89 30.91
N LEU F 236 -4.55 35.30 30.13
CA LEU F 236 -3.54 34.40 30.67
C LEU F 236 -2.60 35.11 31.66
N PRO F 237 -2.19 34.39 32.75
CA PRO F 237 -1.27 34.94 33.76
C PRO F 237 0.16 35.10 33.23
N VAL F 238 0.43 34.60 32.03
CA VAL F 238 1.76 34.77 31.38
C VAL F 238 1.55 35.30 29.94
N VAL F 239 2.61 35.85 29.33
CA VAL F 239 2.52 36.28 27.93
C VAL F 239 2.53 35.04 27.04
N ASN F 240 1.87 35.16 25.88
CA ASN F 240 1.71 34.07 24.90
C ASN F 240 2.16 34.58 23.52
N PHE F 241 3.27 34.05 23.01
CA PHE F 241 3.81 34.49 21.74
C PHE F 241 3.39 33.55 20.60
N ALA F 242 3.24 34.10 19.40
CA ALA F 242 3.00 33.25 18.24
C ALA F 242 4.35 32.70 17.81
N ALA F 243 4.37 31.49 17.29
CA ALA F 243 5.64 30.84 16.94
C ALA F 243 5.37 29.77 15.93
N GLY F 244 6.16 29.76 14.85
CA GLY F 244 6.06 28.74 13.80
C GLY F 244 5.57 29.32 12.49
N GLY F 245 6.46 29.41 11.51
CA GLY F 245 6.05 29.81 10.17
C GLY F 245 5.97 31.30 9.93
N VAL F 246 6.10 32.11 10.99
CA VAL F 246 6.03 33.58 10.82
C VAL F 246 7.13 34.06 9.89
N THR F 247 6.75 34.46 8.67
CA THR F 247 7.72 34.73 7.60
C THR F 247 7.78 36.20 7.18
N THR F 248 6.62 36.79 6.94
CA THR F 248 6.58 38.10 6.34
C THR F 248 6.17 39.12 7.40
N PRO F 249 6.42 40.41 7.13
CA PRO F 249 5.88 41.49 7.96
C PRO F 249 4.35 41.36 8.17
N ALA F 250 3.61 41.00 7.11
CA ALA F 250 2.18 40.78 7.26
C ALA F 250 1.87 39.64 8.18
N ASP F 251 2.63 38.55 8.12
CA ASP F 251 2.46 37.44 9.08
C ASP F 251 2.55 37.91 10.54
N ALA F 252 3.62 38.64 10.84
CA ALA F 252 3.91 39.05 12.21
C ALA F 252 2.79 39.95 12.72
N ALA F 253 2.39 40.93 11.92
CA ALA F 253 1.27 41.79 12.29
C ALA F 253 -0.05 41.01 12.49
N LEU F 254 -0.27 39.98 11.67
CA LEU F 254 -1.50 39.19 11.78
C LEU F 254 -1.54 38.48 13.12
N MET F 255 -0.41 37.96 13.55
CA MET F 255 -0.38 37.25 14.83
C MET F 255 -0.76 38.23 15.95
N MET F 256 -0.30 39.47 15.85
CA MET F 256 -0.70 40.49 16.81
C MET F 256 -2.21 40.81 16.74
N HIS F 257 -2.73 40.87 15.52
CA HIS F 257 -4.14 41.10 15.31
C HIS F 257 -4.96 39.99 15.95
N LEU F 258 -4.44 38.76 15.92
CA LEU F 258 -5.12 37.63 16.53
C LEU F 258 -4.94 37.52 18.04
N GLY F 259 -4.16 38.41 18.63
CA GLY F 259 -4.07 38.42 20.05
C GLY F 259 -2.76 37.90 20.63
N ALA F 260 -1.72 37.74 19.82
CA ALA F 260 -0.39 37.34 20.35
C ALA F 260 0.21 38.50 21.17
N ASP F 261 1.05 38.18 22.16
CA ASP F 261 1.74 39.22 22.90
C ASP F 261 3.01 39.60 22.14
N GLY F 262 3.36 38.77 21.18
CA GLY F 262 4.57 38.98 20.40
C GLY F 262 4.83 37.78 19.53
N VAL F 263 6.03 37.72 18.99
CA VAL F 263 6.33 36.77 17.93
C VAL F 263 7.76 36.18 18.07
N PHE F 264 7.88 34.87 17.85
CA PHE F 264 9.17 34.20 17.66
C PHE F 264 9.35 34.02 16.14
N VAL F 265 10.53 34.38 15.61
CA VAL F 265 10.85 34.08 14.21
C VAL F 265 12.10 33.19 14.08
N GLY F 266 12.23 32.48 12.96
CA GLY F 266 13.31 31.52 12.75
C GLY F 266 14.45 32.04 11.90
N SER F 267 15.32 31.12 11.48
CA SER F 267 16.57 31.42 10.76
C SER F 267 16.40 32.03 9.38
N GLY F 268 15.19 31.95 8.85
CA GLY F 268 14.86 32.52 7.55
C GLY F 268 15.34 33.95 7.37
N ILE F 269 15.24 34.76 8.41
CA ILE F 269 15.81 36.12 8.40
C ILE F 269 17.17 36.10 7.72
N PHE F 270 18.04 35.17 8.13
CA PHE F 270 19.44 35.16 7.71
C PHE F 270 19.72 34.40 6.41
N LYS F 271 18.72 33.71 5.88
CA LYS F 271 18.79 33.19 4.50
C LYS F 271 18.53 34.33 3.53
N SER F 272 18.09 35.45 4.07
CA SER F 272 17.70 36.59 3.26
C SER F 272 18.90 37.28 2.63
N GLU F 273 18.58 38.08 1.61
CA GLU F 273 19.54 38.92 0.91
C GLU F 273 20.13 40.03 1.78
N ASN F 274 19.31 40.57 2.66
CA ASN F 274 19.64 41.67 3.56
C ASN F 274 18.97 41.39 4.91
N PRO F 275 19.57 40.52 5.75
CA PRO F 275 18.93 40.09 7.00
C PRO F 275 18.63 41.22 7.99
N GLU F 276 19.47 42.25 8.02
CA GLU F 276 19.23 43.44 8.84
C GLU F 276 17.90 44.09 8.50
N LYS F 277 17.72 44.36 7.21
CA LYS F 277 16.54 45.07 6.76
C LYS F 277 15.31 44.22 7.05
N TYR F 278 15.43 42.92 6.79
CA TYR F 278 14.37 41.96 6.98
C TYR F 278 14.00 41.84 8.45
N ALA F 279 15.01 41.73 9.34
CA ALA F 279 14.78 41.76 10.79
C ALA F 279 14.09 43.04 11.29
N ARG F 280 14.57 44.21 10.87
CA ARG F 280 13.88 45.46 11.21
C ARG F 280 12.40 45.46 10.76
N ALA F 281 12.16 45.01 9.52
CA ALA F 281 10.79 44.88 8.98
C ALA F 281 9.88 44.10 9.94
N ILE F 282 10.30 42.90 10.33
CA ILE F 282 9.55 42.10 11.29
C ILE F 282 9.31 42.80 12.65
N VAL F 283 10.36 43.43 13.18
CA VAL F 283 10.25 44.17 14.44
C VAL F 283 9.23 45.33 14.32
N GLU F 284 9.41 46.18 13.31
CA GLU F 284 8.51 47.29 13.09
C GLU F 284 7.03 46.93 12.86
N ALA F 285 6.78 45.83 12.14
CA ALA F 285 5.44 45.38 11.82
C ALA F 285 4.75 44.76 13.04
N THR F 286 5.52 44.07 13.90
CA THR F 286 4.97 43.51 15.13
C THR F 286 4.58 44.63 16.11
N THR F 287 5.37 45.70 16.15
CA THR F 287 5.07 46.85 17.01
C THR F 287 3.89 47.66 16.46
N HIS F 288 3.98 48.05 15.20
CA HIS F 288 2.98 48.90 14.57
C HIS F 288 2.03 48.06 13.74
N TYR F 289 1.37 47.12 14.40
CA TYR F 289 0.65 46.07 13.68
C TYR F 289 -0.69 46.46 13.08
N GLU F 290 -1.12 47.70 13.32
CA GLU F 290 -2.32 48.24 12.68
C GLU F 290 -1.95 49.32 11.68
N ASP F 291 -0.66 49.49 11.46
CA ASP F 291 -0.19 50.49 10.51
C ASP F 291 0.01 49.89 9.12
N TYR F 292 -1.11 49.66 8.42
CA TYR F 292 -1.09 48.92 7.11
C TYR F 292 -0.28 49.58 6.01
N GLU F 293 -0.25 50.91 6.05
CA GLU F 293 0.52 51.67 5.13
C GLU F 293 2.03 51.44 5.37
N LEU F 294 2.46 51.37 6.63
CA LEU F 294 3.84 51.03 6.92
C LEU F 294 4.10 49.56 6.58
N ILE F 295 3.18 48.69 6.92
CA ILE F 295 3.37 47.27 6.69
C ILE F 295 3.51 46.98 5.19
N ALA F 296 2.74 47.69 4.38
CA ALA F 296 2.85 47.63 2.92
C ALA F 296 4.23 48.06 2.45
N HIS F 297 4.71 49.16 3.00
CA HIS F 297 6.02 49.68 2.65
C HIS F 297 7.10 48.66 3.02
N LEU F 298 7.05 48.16 4.25
CA LEU F 298 7.97 47.13 4.73
C LEU F 298 7.96 45.84 3.88
N SER F 299 6.85 45.58 3.20
CA SER F 299 6.75 44.39 2.37
C SER F 299 7.47 44.55 1.02
N LYS F 300 7.63 45.78 0.56
CA LYS F 300 8.32 45.99 -0.71
C LYS F 300 9.79 45.69 -0.51
N GLY F 301 10.38 45.02 -1.50
CA GLY F 301 11.83 44.83 -1.53
C GLY F 301 12.33 43.93 -0.41
N LEU F 302 11.53 42.91 -0.10
CA LEU F 302 11.86 41.87 0.88
C LEU F 302 12.23 42.39 2.28
S SO4 G . -16.74 27.12 5.20
O1 SO4 G . -17.72 27.50 6.16
O2 SO4 G . -15.60 27.96 5.42
O3 SO4 G . -17.31 27.35 3.88
O4 SO4 G . -16.42 25.77 5.45
S SO4 H . -6.61 26.35 -15.94
O1 SO4 H . -7.41 26.80 -14.79
O2 SO4 H . -5.50 27.30 -15.93
O3 SO4 H . -7.32 26.44 -17.23
O4 SO4 H . -6.14 24.97 -15.90
C1 MRD I . -8.42 29.21 -12.40
C2 MRD I . -8.02 30.68 -12.47
O2 MRD I . -6.60 30.73 -12.24
CM MRD I . -8.33 31.20 -13.86
C3 MRD I . -8.75 31.50 -11.40
C4 MRD I . -8.41 33.01 -11.28
O4 MRD I . -7.01 33.24 -11.07
C5 MRD I . -9.20 33.65 -10.14
S SO4 J . -26.34 7.96 -16.07
O1 SO4 J . -27.33 8.87 -16.48
O2 SO4 J . -25.16 8.72 -16.20
O3 SO4 J . -26.48 6.84 -16.99
O4 SO4 J . -26.59 7.56 -14.75
S SO4 K . -9.93 -1.01 -30.25
O1 SO4 K . -11.07 -0.46 -29.52
O2 SO4 K . -9.43 0.09 -31.10
O3 SO4 K . -10.26 -2.14 -31.12
O4 SO4 K . -8.92 -1.51 -29.33
C1 MRD L . -14.01 1.89 -29.86
C2 MRD L . -14.14 2.85 -31.04
O2 MRD L . -13.01 3.73 -31.00
CM MRD L . -14.00 2.13 -32.38
C3 MRD L . -15.51 3.57 -30.94
C4 MRD L . -15.85 4.66 -31.96
O4 MRD L . -14.81 5.66 -32.11
C5 MRD L . -17.18 5.34 -31.59
S SO4 M . -19.45 -21.35 -15.13
O1 SO4 M . -20.52 -21.73 -16.04
O2 SO4 M . -18.73 -20.38 -15.88
O3 SO4 M . -18.69 -22.56 -14.88
O4 SO4 M . -19.91 -20.91 -13.87
S SO4 N . 3.11 -25.98 -18.53
O1 SO4 N . 1.66 -26.03 -18.43
O2 SO4 N . 3.47 -25.41 -19.82
O3 SO4 N . 3.64 -27.33 -18.46
O4 SO4 N . 3.72 -25.24 -17.43
C1 MRD O . -1.46 -26.66 -20.29
C2 MRD O . -1.54 -27.04 -21.77
O2 MRD O . -0.93 -25.95 -22.52
CM MRD O . -0.74 -28.32 -22.03
C3 MRD O . -3.02 -27.27 -22.16
C4 MRD O . -3.25 -27.63 -23.64
O4 MRD O . -2.71 -26.62 -24.50
C5 MRD O . -4.73 -27.87 -23.95
S SO4 P . -2.35 -31.47 7.31
O1 SO4 P . -2.61 -32.88 7.44
O2 SO4 P . -2.10 -31.27 5.91
O3 SO4 P . -1.23 -30.95 8.06
O4 SO4 P . -3.48 -30.82 7.90
S SO4 Q . 19.58 -23.47 7.51
O1 SO4 Q . 18.38 -24.27 7.82
O2 SO4 Q . 20.25 -24.13 6.39
O3 SO4 Q . 20.42 -23.39 8.69
O4 SO4 Q . 19.26 -22.09 7.16
C1 MRD R . 16.64 -27.44 6.96
C2 MRD R . 17.31 -28.65 6.30
O2 MRD R . 17.74 -28.27 4.97
CM MRD R . 18.56 -28.99 7.11
C3 MRD R . 16.33 -29.83 6.30
C4 MRD R . 16.88 -31.12 5.69
O4 MRD R . 17.29 -30.84 4.34
C5 MRD R . 15.86 -32.25 5.69
S SO4 S . 7.05 -12.31 28.68
O1 SO4 S . 6.89 -13.24 29.77
O2 SO4 S . 7.97 -12.93 27.71
O3 SO4 S . 7.46 -11.02 29.22
O4 SO4 S . 5.71 -12.16 28.13
S SO4 T . 22.75 3.87 21.96
O1 SO4 T . 21.87 2.99 22.75
O2 SO4 T . 24.02 3.23 21.62
O3 SO4 T . 22.90 5.14 22.68
O4 SO4 T . 22.14 4.23 20.68
C1 MRD U . 21.88 -0.26 24.93
C2 MRD U . 23.22 -0.91 25.30
O2 MRD U . 23.78 -1.46 24.08
CM MRD U . 24.16 0.13 25.89
C3 MRD U . 22.92 -2.02 26.32
C4 MRD U . 24.03 -3.05 26.59
O4 MRD U . 24.54 -3.60 25.37
C5 MRD U . 23.45 -4.17 27.44
S SO4 V . -0.05 17.10 27.78
O1 SO4 V . 0.18 17.41 29.17
O2 SO4 V . 1.11 16.47 27.19
O3 SO4 V . -0.37 18.37 27.16
O4 SO4 V . -1.19 16.20 27.76
S SO4 W . 9.74 28.79 10.25
O1 SO4 W . 8.95 28.32 11.39
O2 SO4 W . 11.10 28.98 10.74
O3 SO4 W . 9.26 30.09 9.78
O4 SO4 W . 9.74 27.85 9.13
C1 MRD X . 9.38 28.46 15.05
C2 MRD X . 10.63 29.00 15.76
O2 MRD X . 11.76 28.25 15.25
CM MRD X . 10.81 30.47 15.42
C3 MRD X . 10.44 28.79 17.28
C4 MRD X . 11.50 29.39 18.23
O4 MRD X . 12.80 28.82 17.96
C5 MRD X . 11.13 29.14 19.68
#